data_8XXD
#
_entry.id   8XXD
#
_cell.length_a   109.560
_cell.length_b   109.560
_cell.length_c   265.200
_cell.angle_alpha   90.00
_cell.angle_beta   90.00
_cell.angle_gamma   90.00
#
_symmetry.space_group_name_H-M   'P 43 21 2'
#
loop_
_entity.id
_entity.type
_entity.pdbx_description
1 polymer 'Citrate synthase'
2 non-polymer 'COENZYME A'
3 non-polymer 'OXALOACETATE ION'
4 non-polymer 'CITRIC ACID'
5 water water
#
_entity_poly.entity_id   1
_entity_poly.type   'polypeptide(L)'
_entity_poly.pdbx_seq_one_letter_code
;MKLKERLAELIPQWRAEVAEIRKKYGNRKTMDCTIGHAYGGMRGLKALVCDTSEVFPDEGVKFRGYTIPELREGPHKLPT
AEGGFEPLPEGLWYLLLTGELPTEEDVKEISAEFTKRMQNVPQYVFDVLRAMPVDTHPMTMFAAGILAMQRESVFAKRYE
EGMRREEHWEAMLEDSLNMLAALPVIAAYIYRRKYKGDTHIAPDPNLDWSANLAHMMGFDDFEVYELFRLYMFLHSDHEG
GNVSAHTNLLVNSAYSDIYRSFSAAMNGLAGPLHGLANQEVLRWIQMLYKKFGGVPTKEQLERFAWDTLNSGQVIPGYGH
AVLRVTDPRYVAQRDFALKHLPDDELFKIVSLCYEVIPEVLKKHGKAKNPWPNVDAHSGVLLWHYGIREYDFYTVLFGVS
RALGCTAQAILVRGYMLPIERPKSITTRWVKEVAESLPVAGSKLAAALE
;
_entity_poly.pdbx_strand_id   A,B,C
#
# COMPACT_ATOMS: atom_id res chain seq x y z
N MET A 1 10.30 -19.96 -34.95
CA MET A 1 9.34 -20.57 -33.99
C MET A 1 8.02 -20.84 -34.72
N LYS A 2 7.52 -22.07 -34.59
CA LYS A 2 6.32 -22.48 -35.31
C LYS A 2 5.18 -21.50 -35.01
N LEU A 3 5.02 -21.14 -33.72
CA LEU A 3 3.95 -20.27 -33.28
C LEU A 3 3.91 -19.00 -34.14
N LYS A 4 5.07 -18.38 -34.29
CA LYS A 4 5.16 -17.10 -34.95
C LYS A 4 4.93 -17.25 -36.45
N GLU A 5 5.43 -18.33 -37.07
CA GLU A 5 5.18 -18.60 -38.48
C GLU A 5 3.69 -18.72 -38.71
N ARG A 6 3.04 -19.52 -37.86
CA ARG A 6 1.62 -19.76 -37.92
C ARG A 6 0.84 -18.45 -37.78
N LEU A 7 1.23 -17.57 -36.84
CA LEU A 7 0.56 -16.28 -36.65
C LEU A 7 0.81 -15.37 -37.86
N ALA A 8 2.01 -15.45 -38.44
CA ALA A 8 2.41 -14.61 -39.56
C ALA A 8 1.49 -14.85 -40.77
N GLU A 9 0.83 -16.01 -40.81
CA GLU A 9 -0.14 -16.30 -41.84
C GLU A 9 -1.55 -16.01 -41.33
N LEU A 10 -1.88 -16.41 -40.09
CA LEU A 10 -3.26 -16.30 -39.66
C LEU A 10 -3.64 -14.86 -39.36
N ILE A 11 -2.70 -14.01 -38.91
CA ILE A 11 -3.09 -12.69 -38.42
C ILE A 11 -3.52 -11.80 -39.58
N PRO A 12 -2.78 -11.69 -40.71
CA PRO A 12 -3.23 -10.87 -41.86
C PRO A 12 -4.61 -11.27 -42.39
N GLN A 13 -4.94 -12.56 -42.30
CA GLN A 13 -6.26 -13.05 -42.66
C GLN A 13 -7.32 -12.51 -41.71
N TRP A 14 -7.20 -12.81 -40.42
CA TRP A 14 -8.16 -12.36 -39.42
C TRP A 14 -8.31 -10.84 -39.45
N ARG A 15 -7.22 -10.13 -39.73
CA ARG A 15 -7.24 -8.68 -39.80
C ARG A 15 -8.15 -8.24 -40.94
N ALA A 16 -7.94 -8.84 -42.12
CA ALA A 16 -8.77 -8.58 -43.28
C ALA A 16 -10.22 -8.96 -42.98
N GLU A 17 -10.39 -10.08 -42.26
CA GLU A 17 -11.71 -10.60 -41.97
C GLU A 17 -12.45 -9.73 -40.95
N VAL A 18 -11.70 -9.07 -40.06
CA VAL A 18 -12.32 -8.18 -39.09
C VAL A 18 -12.70 -6.87 -39.78
N ALA A 19 -11.81 -6.35 -40.63
CA ALA A 19 -12.11 -5.10 -41.35
C ALA A 19 -13.39 -5.25 -42.18
N GLU A 20 -13.60 -6.45 -42.73
CA GLU A 20 -14.77 -6.79 -43.52
C GLU A 20 -16.00 -6.77 -42.63
N ILE A 21 -15.92 -7.42 -41.47
CA ILE A 21 -17.06 -7.42 -40.56
C ILE A 21 -17.40 -6.01 -40.07
N ARG A 22 -16.42 -5.12 -39.88
CA ARG A 22 -16.75 -3.81 -39.34
C ARG A 22 -17.49 -3.00 -40.39
N LYS A 23 -17.01 -3.08 -41.64
CA LYS A 23 -17.61 -2.43 -42.79
C LYS A 23 -19.01 -2.98 -43.05
N LYS A 24 -19.11 -4.29 -43.26
CA LYS A 24 -20.35 -4.90 -43.70
C LYS A 24 -21.41 -4.91 -42.60
N TYR A 25 -21.03 -5.22 -41.35
CA TYR A 25 -22.00 -5.56 -40.31
C TYR A 25 -22.00 -4.61 -39.11
N GLY A 26 -21.21 -3.53 -39.17
CA GLY A 26 -21.06 -2.65 -38.02
C GLY A 26 -22.37 -2.13 -37.46
N ASN A 27 -23.31 -1.82 -38.35
CA ASN A 27 -24.54 -1.14 -37.96
C ASN A 27 -25.60 -2.15 -37.51
N ARG A 28 -25.23 -3.43 -37.39
CA ARG A 28 -26.15 -4.43 -36.87
C ARG A 28 -26.26 -4.29 -35.37
N LYS A 29 -27.50 -4.38 -34.86
CA LYS A 29 -27.78 -4.20 -33.45
C LYS A 29 -27.79 -5.54 -32.72
N THR A 30 -27.25 -5.54 -31.49
CA THR A 30 -27.15 -6.73 -30.66
C THR A 30 -28.14 -6.66 -29.50
N MET A 31 -28.40 -5.45 -29.00
CA MET A 31 -29.19 -5.34 -27.80
C MET A 31 -29.43 -3.86 -27.53
N ASP A 32 -30.31 -3.63 -26.55
CA ASP A 32 -30.61 -2.30 -26.07
C ASP A 32 -29.56 -1.95 -25.00
N CYS A 33 -28.87 -0.81 -25.17
CA CYS A 33 -28.10 -0.19 -24.11
C CYS A 33 -29.07 0.61 -23.26
N THR A 34 -29.05 0.38 -21.94
CA THR A 34 -29.98 1.02 -21.02
C THR A 34 -29.23 1.84 -19.97
N ILE A 35 -30.02 2.63 -19.21
CA ILE A 35 -29.56 3.40 -18.07
C ILE A 35 -28.99 2.48 -16.99
N GLY A 36 -29.59 1.27 -16.91
CA GLY A 36 -29.19 0.23 -15.97
C GLY A 36 -27.76 -0.21 -16.18
N HIS A 37 -27.40 -0.45 -17.45
CA HIS A 37 -26.03 -0.71 -17.91
C HIS A 37 -25.03 0.32 -17.38
N ALA A 38 -25.37 1.62 -17.45
CA ALA A 38 -24.42 2.66 -17.05
C ALA A 38 -24.17 2.66 -15.54
N TYR A 39 -25.24 2.50 -14.74
CA TYR A 39 -25.16 2.42 -13.30
C TYR A 39 -24.93 0.98 -12.77
N GLY A 40 -24.85 -0.03 -13.65
CA GLY A 40 -24.81 -1.40 -13.17
C GLY A 40 -23.61 -2.15 -13.71
N GLY A 41 -22.52 -1.41 -13.95
CA GLY A 41 -21.24 -1.99 -14.30
C GLY A 41 -21.26 -2.67 -15.66
N MET A 42 -22.13 -2.17 -16.56
CA MET A 42 -22.30 -2.70 -17.91
C MET A 42 -22.73 -4.17 -17.91
N ARG A 43 -23.31 -4.70 -16.83
CA ARG A 43 -23.63 -6.13 -16.77
C ARG A 43 -24.46 -6.52 -17.99
N GLY A 44 -23.97 -7.53 -18.72
CA GLY A 44 -24.70 -8.08 -19.86
C GLY A 44 -24.40 -7.37 -21.17
N LEU A 45 -23.81 -6.17 -21.12
CA LEU A 45 -23.68 -5.33 -22.31
C LEU A 45 -22.56 -5.87 -23.17
N LYS A 46 -22.87 -6.13 -24.46
CA LYS A 46 -21.93 -6.68 -25.42
C LYS A 46 -21.03 -5.59 -25.98
N ALA A 47 -20.02 -5.18 -25.23
CA ALA A 47 -19.25 -4.00 -25.58
C ALA A 47 -17.84 -4.32 -26.07
N LEU A 48 -17.43 -5.60 -26.02
CA LEU A 48 -16.04 -5.99 -26.16
C LEU A 48 -15.95 -7.18 -27.10
N VAL A 49 -14.78 -7.35 -27.73
CA VAL A 49 -14.43 -8.51 -28.52
C VAL A 49 -13.33 -9.32 -27.81
N CYS A 50 -13.55 -10.64 -27.68
CA CYS A 50 -12.53 -11.60 -27.28
C CYS A 50 -12.73 -12.94 -28.00
N ASP A 51 -11.68 -13.41 -28.69
CA ASP A 51 -11.70 -14.63 -29.48
C ASP A 51 -10.92 -15.76 -28.80
N THR A 52 -10.18 -15.47 -27.73
CA THR A 52 -9.41 -16.51 -27.05
C THR A 52 -10.35 -17.50 -26.34
N SER A 53 -11.47 -17.01 -25.81
CA SER A 53 -12.32 -17.87 -25.03
C SER A 53 -13.69 -17.22 -24.95
N GLU A 54 -14.65 -18.01 -24.45
CA GLU A 54 -16.06 -17.68 -24.44
C GLU A 54 -16.74 -18.47 -23.32
N VAL A 55 -17.49 -17.78 -22.47
CA VAL A 55 -18.23 -18.41 -21.39
C VAL A 55 -19.66 -18.67 -21.87
N PHE A 56 -20.01 -19.95 -22.04
CA PHE A 56 -21.35 -20.41 -22.37
C PHE A 56 -22.15 -20.74 -21.10
N PRO A 57 -23.05 -19.87 -20.56
CA PRO A 57 -23.74 -20.12 -19.29
C PRO A 57 -24.17 -21.56 -18.98
N ASP A 58 -24.54 -22.34 -19.99
CA ASP A 58 -25.00 -23.70 -19.75
C ASP A 58 -23.97 -24.69 -20.30
N GLU A 59 -22.69 -24.42 -19.98
CA GLU A 59 -21.56 -25.27 -20.44
C GLU A 59 -20.26 -24.79 -19.78
N GLY A 60 -20.13 -23.48 -19.51
CA GLY A 60 -18.95 -22.88 -18.91
C GLY A 60 -17.93 -22.44 -19.95
N VAL A 61 -16.68 -22.20 -19.52
CA VAL A 61 -15.68 -21.60 -20.39
C VAL A 61 -15.26 -22.62 -21.45
N LYS A 62 -15.08 -22.11 -22.68
CA LYS A 62 -14.40 -22.84 -23.75
C LYS A 62 -13.24 -22.00 -24.29
N PHE A 63 -12.14 -22.69 -24.56
CA PHE A 63 -10.92 -22.07 -25.04
C PHE A 63 -10.80 -22.34 -26.54
N ARG A 64 -11.02 -21.32 -27.37
CA ARG A 64 -11.10 -21.47 -28.82
C ARG A 64 -12.02 -22.65 -29.19
N GLY A 65 -13.19 -22.77 -28.57
CA GLY A 65 -14.21 -23.74 -29.00
C GLY A 65 -14.04 -25.10 -28.31
N TYR A 66 -12.95 -25.24 -27.57
CA TYR A 66 -12.63 -26.50 -26.92
C TYR A 66 -12.94 -26.43 -25.44
N THR A 67 -13.60 -27.46 -24.93
CA THR A 67 -13.98 -27.56 -23.52
C THR A 67 -12.76 -27.97 -22.68
N ILE A 68 -12.90 -27.77 -21.36
CA ILE A 68 -11.85 -28.18 -20.46
C ILE A 68 -11.72 -29.70 -20.51
N PRO A 69 -12.79 -30.51 -20.31
CA PRO A 69 -12.69 -31.95 -20.51
C PRO A 69 -12.00 -32.38 -21.80
N GLU A 70 -12.29 -31.71 -22.93
CA GLU A 70 -11.65 -32.08 -24.19
C GLU A 70 -10.13 -31.93 -24.07
N LEU A 71 -9.64 -30.86 -23.44
CA LEU A 71 -8.22 -30.52 -23.49
C LEU A 71 -7.41 -31.27 -22.42
N ARG A 72 -8.07 -31.63 -21.32
CA ARG A 72 -7.43 -32.24 -20.18
C ARG A 72 -7.52 -33.77 -20.23
N GLU A 73 -8.72 -34.31 -20.46
CA GLU A 73 -8.94 -35.75 -20.54
C GLU A 73 -9.16 -36.16 -21.99
N GLY A 74 -10.27 -35.66 -22.55
CA GLY A 74 -11.03 -36.31 -23.60
C GLY A 74 -10.38 -36.17 -24.96
N PRO A 75 -11.19 -36.07 -26.04
CA PRO A 75 -10.70 -36.35 -27.39
C PRO A 75 -9.76 -35.33 -28.01
N HIS A 76 -9.31 -34.32 -27.26
CA HIS A 76 -8.38 -33.37 -27.84
C HIS A 76 -7.35 -32.95 -26.78
N LYS A 77 -6.62 -33.92 -26.27
CA LYS A 77 -5.81 -33.73 -25.07
C LYS A 77 -4.50 -33.04 -25.44
N LEU A 78 -4.22 -31.92 -24.76
CA LEU A 78 -3.03 -31.14 -25.02
C LEU A 78 -1.82 -31.85 -24.44
N PRO A 79 -0.63 -31.54 -24.96
CA PRO A 79 0.59 -32.11 -24.41
C PRO A 79 0.75 -31.86 -22.91
N THR A 80 1.22 -32.93 -22.25
CA THR A 80 1.59 -32.95 -20.86
C THR A 80 3.11 -32.93 -20.75
N ALA A 81 3.61 -32.94 -19.50
CA ALA A 81 5.03 -33.04 -19.26
C ALA A 81 5.41 -34.51 -19.28
N GLU A 82 6.69 -34.80 -19.37
CA GLU A 82 7.16 -36.18 -19.42
C GLU A 82 6.73 -36.91 -18.14
N GLY A 83 5.89 -37.93 -18.32
CA GLY A 83 5.33 -38.66 -17.20
C GLY A 83 4.07 -38.05 -16.60
N GLY A 84 3.62 -36.89 -17.11
CA GLY A 84 2.52 -36.16 -16.49
C GLY A 84 1.18 -36.37 -17.20
N PHE A 85 0.11 -36.02 -16.48
CA PHE A 85 -1.26 -36.03 -16.99
C PHE A 85 -1.76 -34.61 -17.31
N GLU A 86 -1.44 -33.65 -16.43
CA GLU A 86 -2.08 -32.35 -16.50
C GLU A 86 -1.53 -31.59 -17.69
N PRO A 87 -2.38 -30.86 -18.44
CA PRO A 87 -1.94 -30.14 -19.62
C PRO A 87 -0.99 -29.00 -19.29
N LEU A 88 0.01 -28.80 -20.15
CA LEU A 88 0.94 -27.72 -19.96
C LEU A 88 0.28 -26.42 -20.43
N PRO A 89 0.38 -25.35 -19.63
CA PRO A 89 -0.11 -24.04 -20.05
C PRO A 89 0.54 -23.48 -21.30
N GLU A 90 1.82 -23.82 -21.55
CA GLU A 90 2.53 -23.44 -22.78
C GLU A 90 1.71 -23.85 -24.02
N GLY A 91 1.10 -25.03 -23.99
CA GLY A 91 0.37 -25.52 -25.14
C GLY A 91 -1.00 -24.86 -25.27
N LEU A 92 -1.62 -24.60 -24.11
CA LEU A 92 -2.86 -23.87 -24.10
C LEU A 92 -2.64 -22.48 -24.71
N TRP A 93 -1.54 -21.80 -24.38
CA TRP A 93 -1.25 -20.49 -24.97
C TRP A 93 -1.19 -20.59 -26.50
N TYR A 94 -0.60 -21.67 -27.03
CA TYR A 94 -0.52 -21.85 -28.49
C TYR A 94 -1.94 -21.87 -29.02
N LEU A 95 -2.81 -22.63 -28.33
CA LEU A 95 -4.18 -22.78 -28.73
C LEU A 95 -4.86 -21.42 -28.78
N LEU A 96 -4.72 -20.66 -27.67
CA LEU A 96 -5.36 -19.36 -27.49
C LEU A 96 -4.97 -18.47 -28.66
N LEU A 97 -3.68 -18.47 -29.00
CA LEU A 97 -3.17 -17.55 -30.01
C LEU A 97 -3.65 -17.92 -31.41
N THR A 98 -3.58 -19.21 -31.76
CA THR A 98 -3.67 -19.61 -33.15
C THR A 98 -5.02 -20.21 -33.50
N GLY A 99 -5.82 -20.57 -32.48
CA GLY A 99 -7.05 -21.32 -32.67
C GLY A 99 -6.84 -22.81 -32.99
N GLU A 100 -5.59 -23.31 -32.88
CA GLU A 100 -5.17 -24.64 -33.34
C GLU A 100 -4.48 -25.41 -32.22
N LEU A 101 -4.73 -26.73 -32.12
CA LEU A 101 -4.10 -27.58 -31.13
C LEU A 101 -2.64 -27.75 -31.48
N PRO A 102 -1.72 -27.61 -30.49
CA PRO A 102 -0.28 -27.71 -30.78
C PRO A 102 0.17 -29.17 -30.81
N THR A 103 1.31 -29.42 -31.45
CA THR A 103 2.02 -30.68 -31.34
C THR A 103 2.92 -30.62 -30.11
N GLU A 104 3.61 -31.74 -29.84
CA GLU A 104 4.64 -31.83 -28.83
C GLU A 104 5.76 -30.83 -29.15
N GLU A 105 6.12 -30.72 -30.42
CA GLU A 105 7.22 -29.88 -30.88
C GLU A 105 6.86 -28.42 -30.65
N ASP A 106 5.62 -28.05 -30.95
CA ASP A 106 5.13 -26.70 -30.77
C ASP A 106 5.32 -26.29 -29.30
N VAL A 107 4.82 -27.15 -28.40
CA VAL A 107 4.85 -26.89 -26.97
C VAL A 107 6.30 -26.77 -26.53
N LYS A 108 7.16 -27.69 -26.95
CA LYS A 108 8.53 -27.72 -26.50
C LYS A 108 9.23 -26.43 -26.90
N GLU A 109 8.89 -25.88 -28.06
CA GLU A 109 9.53 -24.69 -28.58
C GLU A 109 9.21 -23.49 -27.68
N ILE A 110 7.98 -23.45 -27.16
CA ILE A 110 7.52 -22.37 -26.30
C ILE A 110 8.16 -22.49 -24.91
N SER A 111 8.14 -23.68 -24.32
CA SER A 111 8.84 -23.91 -23.08
C SER A 111 10.28 -23.39 -23.17
N ALA A 112 10.99 -23.74 -24.24
CA ALA A 112 12.40 -23.41 -24.37
C ALA A 112 12.55 -21.90 -24.44
N GLU A 113 11.56 -21.26 -25.08
CA GLU A 113 11.52 -19.81 -25.22
C GLU A 113 11.31 -19.20 -23.83
N PHE A 114 10.42 -19.77 -23.02
CA PHE A 114 10.17 -19.26 -21.69
C PHE A 114 11.42 -19.45 -20.84
N THR A 115 12.04 -20.62 -20.97
CA THR A 115 13.17 -20.99 -20.13
C THR A 115 14.37 -20.10 -20.45
N LYS A 116 14.70 -19.91 -21.72
CA LYS A 116 15.77 -19.01 -22.11
C LYS A 116 15.52 -17.61 -21.51
N ARG A 117 14.31 -17.04 -21.74
CA ARG A 117 14.08 -15.62 -21.50
C ARG A 117 13.92 -15.34 -20.00
N MET A 118 13.74 -16.42 -19.24
CA MET A 118 13.62 -16.40 -17.80
C MET A 118 14.96 -16.03 -17.16
N GLN A 119 16.05 -16.17 -17.91
CA GLN A 119 17.37 -15.74 -17.44
C GLN A 119 17.55 -14.24 -17.64
N ASN A 120 16.56 -13.55 -18.21
CA ASN A 120 16.76 -12.20 -18.73
C ASN A 120 15.95 -11.19 -17.95
N VAL A 121 15.63 -11.46 -16.70
CA VAL A 121 15.04 -10.44 -15.86
C VAL A 121 16.14 -9.48 -15.42
N PRO A 122 16.02 -8.19 -15.75
CA PRO A 122 17.05 -7.21 -15.41
C PRO A 122 17.32 -7.14 -13.92
N GLN A 123 18.57 -6.81 -13.57
CA GLN A 123 18.94 -6.64 -12.20
C GLN A 123 18.12 -5.49 -11.59
N TYR A 124 17.82 -4.42 -12.35
CA TYR A 124 17.14 -3.29 -11.73
C TYR A 124 15.71 -3.68 -11.33
N VAL A 125 15.12 -4.75 -11.89
CA VAL A 125 13.78 -5.17 -11.43
C VAL A 125 13.83 -5.66 -9.99
N PHE A 126 14.84 -6.47 -9.65
CA PHE A 126 15.11 -6.89 -8.27
C PHE A 126 15.46 -5.70 -7.35
N ASP A 127 16.25 -4.73 -7.82
CA ASP A 127 16.47 -3.51 -7.02
C ASP A 127 15.13 -2.88 -6.67
N VAL A 128 14.23 -2.73 -7.66
CA VAL A 128 12.93 -2.16 -7.37
C VAL A 128 12.17 -3.02 -6.35
N LEU A 129 12.12 -4.35 -6.55
CA LEU A 129 11.41 -5.20 -5.60
C LEU A 129 11.98 -5.00 -4.19
N ARG A 130 13.29 -4.89 -4.02
CA ARG A 130 13.90 -4.86 -2.72
C ARG A 130 13.73 -3.48 -2.10
N ALA A 131 13.55 -2.45 -2.90
CA ALA A 131 13.29 -1.12 -2.31
C ALA A 131 11.88 -0.96 -1.73
N MET A 132 10.95 -1.82 -2.12
CA MET A 132 9.65 -1.83 -1.46
C MET A 132 9.77 -2.49 -0.09
N PRO A 133 9.15 -1.93 0.98
CA PRO A 133 9.15 -2.57 2.27
C PRO A 133 8.54 -3.96 2.17
N VAL A 134 9.19 -4.94 2.81
CA VAL A 134 8.85 -6.33 2.70
C VAL A 134 7.39 -6.61 3.14
N ASP A 135 6.75 -5.72 3.90
CA ASP A 135 5.36 -5.91 4.36
C ASP A 135 4.38 -5.34 3.35
N THR A 136 4.85 -4.84 2.20
CA THR A 136 3.97 -4.41 1.13
C THR A 136 3.16 -5.61 0.63
N HIS A 137 1.91 -5.36 0.22
CA HIS A 137 1.05 -6.44 -0.24
C HIS A 137 1.69 -7.09 -1.45
N PRO A 138 1.73 -8.44 -1.54
CA PRO A 138 2.39 -9.10 -2.67
C PRO A 138 1.91 -8.68 -4.05
N MET A 139 0.63 -8.31 -4.18
CA MET A 139 0.10 -7.95 -5.49
C MET A 139 0.54 -6.55 -5.88
N THR A 140 0.91 -5.71 -4.92
CA THR A 140 1.50 -4.42 -5.22
C THR A 140 2.92 -4.56 -5.72
N MET A 141 3.68 -5.43 -5.04
CA MET A 141 5.04 -5.76 -5.43
C MET A 141 5.05 -6.35 -6.85
N PHE A 142 4.13 -7.28 -7.13
CA PHE A 142 4.07 -7.94 -8.44
C PHE A 142 3.83 -6.93 -9.56
N ALA A 143 2.79 -6.11 -9.36
CA ALA A 143 2.48 -5.12 -10.37
C ALA A 143 3.67 -4.21 -10.60
N ALA A 144 4.35 -3.82 -9.52
CA ALA A 144 5.44 -2.84 -9.60
C ALA A 144 6.64 -3.44 -10.31
N GLY A 145 6.90 -4.73 -10.09
CA GLY A 145 8.05 -5.35 -10.73
C GLY A 145 7.86 -5.48 -12.24
N ILE A 146 6.63 -5.87 -12.62
CA ILE A 146 6.24 -5.95 -14.01
C ILE A 146 6.38 -4.57 -14.65
N LEU A 147 5.83 -3.55 -13.97
CA LEU A 147 5.85 -2.20 -14.55
C LEU A 147 7.29 -1.71 -14.71
N ALA A 148 8.22 -2.01 -13.79
CA ALA A 148 9.59 -1.51 -13.91
C ALA A 148 10.25 -2.00 -15.21
N MET A 149 9.81 -3.17 -15.66
CA MET A 149 10.44 -3.83 -16.77
C MET A 149 9.88 -3.30 -18.07
N GLN A 150 9.04 -2.25 -17.97
CA GLN A 150 8.55 -1.53 -19.14
C GLN A 150 9.69 -0.91 -19.94
N ARG A 151 10.78 -0.53 -19.26
CA ARG A 151 11.98 0.01 -19.93
C ARG A 151 12.50 -0.93 -21.01
N GLU A 152 12.29 -2.26 -20.89
CA GLU A 152 12.75 -3.19 -21.91
C GLU A 152 11.67 -3.45 -22.97
N SER A 153 10.66 -2.58 -23.11
CA SER A 153 9.58 -2.84 -24.05
C SER A 153 10.06 -2.64 -25.47
N VAL A 154 9.95 -3.71 -26.26
CA VAL A 154 10.23 -3.66 -27.68
C VAL A 154 9.17 -2.85 -28.39
N PHE A 155 7.91 -3.04 -28.01
CA PHE A 155 6.81 -2.35 -28.67
C PHE A 155 6.93 -0.84 -28.49
N ALA A 156 7.16 -0.38 -27.25
CA ALA A 156 7.29 1.05 -27.01
C ALA A 156 8.46 1.61 -27.83
N LYS A 157 9.53 0.83 -27.96
CA LYS A 157 10.70 1.34 -28.65
C LYS A 157 10.42 1.40 -30.14
N ARG A 158 9.78 0.35 -30.69
CA ARG A 158 9.57 0.28 -32.13
C ARG A 158 8.52 1.32 -32.52
N TYR A 159 7.59 1.61 -31.61
CA TYR A 159 6.62 2.67 -31.86
C TYR A 159 7.28 4.06 -31.94
N GLU A 160 8.26 4.34 -31.08
CA GLU A 160 8.97 5.62 -31.09
C GLU A 160 9.75 5.79 -32.39
N GLU A 161 10.34 4.71 -32.89
CA GLU A 161 11.19 4.76 -34.07
C GLU A 161 10.38 4.86 -35.35
N GLY A 162 9.06 4.66 -35.27
CA GLY A 162 8.19 4.50 -36.43
C GLY A 162 8.16 3.04 -36.90
N MET A 163 7.03 2.36 -36.70
CA MET A 163 6.86 1.02 -37.23
C MET A 163 5.50 0.97 -37.91
N ARG A 164 5.30 0.03 -38.83
CA ARG A 164 4.01 -0.09 -39.48
C ARG A 164 3.01 -0.72 -38.51
N ARG A 165 1.73 -0.35 -38.64
CA ARG A 165 0.64 -0.92 -37.86
C ARG A 165 0.66 -2.46 -37.94
N GLU A 166 1.18 -3.00 -39.06
CA GLU A 166 1.21 -4.44 -39.33
C GLU A 166 2.26 -5.12 -38.46
N GLU A 167 3.27 -4.36 -38.01
CA GLU A 167 4.34 -4.89 -37.19
C GLU A 167 3.95 -4.97 -35.71
N HIS A 168 2.80 -4.39 -35.32
CA HIS A 168 2.43 -4.27 -33.93
C HIS A 168 2.43 -5.63 -33.25
N TRP A 169 1.73 -6.58 -33.87
CA TRP A 169 1.46 -7.84 -33.23
C TRP A 169 2.77 -8.59 -32.99
N GLU A 170 3.79 -8.27 -33.79
CA GLU A 170 5.07 -8.94 -33.71
C GLU A 170 5.79 -8.45 -32.46
N ALA A 171 5.76 -7.12 -32.25
CA ALA A 171 6.42 -6.50 -31.11
C ALA A 171 5.67 -6.83 -29.80
N MET A 172 4.35 -7.00 -29.88
CA MET A 172 3.57 -7.49 -28.75
C MET A 172 3.90 -8.95 -28.40
N LEU A 173 4.19 -9.81 -29.39
CA LEU A 173 4.46 -11.21 -29.06
C LEU A 173 5.81 -11.32 -28.34
N GLU A 174 6.79 -10.59 -28.89
CA GLU A 174 8.14 -10.54 -28.37
C GLU A 174 8.09 -10.08 -26.91
N ASP A 175 7.43 -8.95 -26.65
CA ASP A 175 7.29 -8.43 -25.31
C ASP A 175 6.63 -9.45 -24.40
N SER A 176 5.58 -10.10 -24.92
CA SER A 176 4.84 -11.09 -24.15
C SER A 176 5.71 -12.28 -23.75
N LEU A 177 6.57 -12.71 -24.67
CA LEU A 177 7.46 -13.83 -24.37
C LEU A 177 8.37 -13.42 -23.23
N ASN A 178 8.99 -12.25 -23.35
CA ASN A 178 9.83 -11.70 -22.31
C ASN A 178 9.05 -11.63 -20.99
N MET A 179 7.82 -11.10 -21.03
CA MET A 179 7.13 -10.81 -19.78
C MET A 179 6.65 -12.12 -19.15
N LEU A 180 6.13 -13.04 -19.95
CA LEU A 180 5.63 -14.30 -19.40
C LEU A 180 6.80 -15.03 -18.74
N ALA A 181 7.94 -15.05 -19.44
CA ALA A 181 9.16 -15.62 -18.87
C ALA A 181 9.53 -14.98 -17.53
N ALA A 182 9.34 -13.67 -17.36
CA ALA A 182 9.78 -12.99 -16.14
C ALA A 182 8.82 -13.23 -14.97
N LEU A 183 7.54 -13.45 -15.24
CA LEU A 183 6.56 -13.40 -14.16
C LEU A 183 6.87 -14.44 -13.09
N PRO A 184 7.19 -15.69 -13.44
CA PRO A 184 7.49 -16.68 -12.43
C PRO A 184 8.67 -16.22 -11.57
N VAL A 185 9.65 -15.55 -12.19
CA VAL A 185 10.83 -15.09 -11.48
C VAL A 185 10.45 -13.98 -10.50
N ILE A 186 9.62 -13.01 -10.92
CA ILE A 186 9.19 -11.92 -10.07
C ILE A 186 8.32 -12.44 -8.91
N ALA A 187 7.39 -13.34 -9.25
CA ALA A 187 6.51 -13.93 -8.26
C ALA A 187 7.28 -14.74 -7.21
N ALA A 188 8.18 -15.61 -7.64
CA ALA A 188 8.98 -16.38 -6.70
C ALA A 188 9.85 -15.46 -5.85
N TYR A 189 10.40 -14.37 -6.44
CA TYR A 189 11.23 -13.47 -5.65
C TYR A 189 10.43 -12.91 -4.48
N ILE A 190 9.25 -12.36 -4.78
CA ILE A 190 8.28 -11.88 -3.82
C ILE A 190 8.05 -12.95 -2.76
N TYR A 191 7.76 -14.17 -3.19
CA TYR A 191 7.39 -15.25 -2.30
C TYR A 191 8.53 -15.52 -1.31
N ARG A 192 9.74 -15.69 -1.86
CA ARG A 192 10.86 -16.11 -1.05
C ARG A 192 11.24 -15.00 -0.08
N ARG A 193 11.15 -13.74 -0.54
CA ARG A 193 11.56 -12.59 0.26
C ARG A 193 10.58 -12.35 1.39
N LYS A 194 9.29 -12.48 1.07
CA LYS A 194 8.23 -12.25 2.04
C LYS A 194 8.12 -13.41 3.03
N TYR A 195 8.22 -14.66 2.58
CA TYR A 195 7.73 -15.75 3.41
C TYR A 195 8.79 -16.82 3.70
N LYS A 196 9.95 -16.77 3.05
CA LYS A 196 10.83 -17.92 3.11
C LYS A 196 12.23 -17.47 3.49
N GLY A 197 12.34 -16.38 4.25
CA GLY A 197 13.62 -15.96 4.79
C GLY A 197 14.56 -15.37 3.75
N ASP A 198 14.03 -14.90 2.63
CA ASP A 198 14.76 -14.10 1.66
C ASP A 198 15.99 -14.87 1.16
N THR A 199 15.81 -16.18 0.95
CA THR A 199 16.78 -17.00 0.23
C THR A 199 16.15 -17.29 -1.12
N HIS A 200 16.95 -17.22 -2.18
CA HIS A 200 16.45 -17.19 -3.54
C HIS A 200 16.95 -18.41 -4.31
N ILE A 201 16.10 -18.96 -5.18
CA ILE A 201 16.38 -20.18 -5.92
C ILE A 201 16.29 -19.82 -7.40
N ALA A 202 17.29 -20.20 -8.17
CA ALA A 202 17.38 -19.84 -9.57
C ALA A 202 16.42 -20.71 -10.40
N PRO A 203 16.00 -20.23 -11.60
CA PRO A 203 15.25 -21.04 -12.55
C PRO A 203 16.01 -22.33 -12.83
N ASP A 204 15.26 -23.39 -13.07
CA ASP A 204 15.85 -24.64 -13.51
C ASP A 204 15.66 -24.68 -15.03
N PRO A 205 16.73 -24.74 -15.86
CA PRO A 205 16.59 -24.71 -17.32
C PRO A 205 15.91 -25.93 -17.93
N ASN A 206 15.74 -27.01 -17.17
CA ASN A 206 15.18 -28.23 -17.71
C ASN A 206 13.72 -28.44 -17.30
N LEU A 207 13.14 -27.50 -16.53
CA LEU A 207 11.72 -27.61 -16.21
C LEU A 207 10.89 -26.71 -17.13
N ASP A 208 9.61 -27.07 -17.25
CA ASP A 208 8.60 -26.24 -17.89
C ASP A 208 8.24 -25.03 -17.00
N TRP A 209 7.34 -24.19 -17.48
CA TRP A 209 7.08 -22.86 -16.94
C TRP A 209 6.45 -22.93 -15.55
N SER A 210 5.39 -23.71 -15.44
CA SER A 210 4.61 -23.80 -14.22
C SER A 210 5.45 -24.42 -13.14
N ALA A 211 6.16 -25.47 -13.55
CA ALA A 211 6.91 -26.29 -12.61
C ALA A 211 8.09 -25.46 -12.10
N ASN A 212 8.63 -24.59 -12.96
CA ASN A 212 9.68 -23.71 -12.53
C ASN A 212 9.16 -22.75 -11.46
N LEU A 213 7.94 -22.23 -11.59
CA LEU A 213 7.41 -21.39 -10.53
C LEU A 213 7.43 -22.14 -9.20
N ALA A 214 7.01 -23.40 -9.21
CA ALA A 214 6.93 -24.17 -7.99
C ALA A 214 8.32 -24.36 -7.40
N HIS A 215 9.25 -24.72 -8.28
CA HIS A 215 10.65 -24.94 -7.96
C HIS A 215 11.24 -23.71 -7.30
N MET A 216 11.00 -22.55 -7.90
CA MET A 216 11.57 -21.30 -7.41
C MET A 216 10.88 -20.84 -6.13
N MET A 217 9.71 -21.40 -5.81
CA MET A 217 9.05 -21.09 -4.56
C MET A 217 9.57 -21.98 -3.43
N GLY A 218 10.22 -23.09 -3.83
CA GLY A 218 10.75 -24.04 -2.89
C GLY A 218 9.96 -25.35 -2.85
N PHE A 219 9.16 -25.66 -3.88
CA PHE A 219 8.37 -26.90 -3.90
C PHE A 219 8.80 -27.72 -5.10
N ASP A 220 9.38 -28.93 -4.84
CA ASP A 220 9.90 -29.78 -5.92
C ASP A 220 9.19 -31.13 -6.09
N ASP A 221 8.09 -31.39 -5.37
CA ASP A 221 7.41 -32.68 -5.52
C ASP A 221 6.64 -32.71 -6.84
N PHE A 222 6.63 -33.88 -7.46
CA PHE A 222 6.01 -34.06 -8.76
C PHE A 222 4.53 -33.66 -8.72
N GLU A 223 3.80 -34.00 -7.65
CA GLU A 223 2.37 -33.72 -7.57
C GLU A 223 2.13 -32.21 -7.53
N VAL A 224 3.09 -31.43 -7.01
CA VAL A 224 2.95 -29.97 -6.94
C VAL A 224 3.16 -29.39 -8.32
N TYR A 225 4.22 -29.85 -9.01
CA TYR A 225 4.41 -29.49 -10.41
C TYR A 225 3.13 -29.74 -11.21
N GLU A 226 2.48 -30.86 -10.93
CA GLU A 226 1.28 -31.21 -11.67
C GLU A 226 0.16 -30.24 -11.29
N LEU A 227 0.04 -29.92 -10.00
CA LEU A 227 -0.98 -28.98 -9.57
C LEU A 227 -0.77 -27.64 -10.27
N PHE A 228 0.47 -27.16 -10.32
CA PHE A 228 0.71 -25.82 -10.83
C PHE A 228 0.37 -25.78 -12.29
N ARG A 229 0.67 -26.89 -12.97
CA ARG A 229 0.34 -27.02 -14.38
C ARG A 229 -1.17 -26.85 -14.55
N LEU A 230 -1.96 -27.61 -13.79
CA LEU A 230 -3.42 -27.56 -13.89
C LEU A 230 -3.93 -26.17 -13.52
N TYR A 231 -3.44 -25.67 -12.38
CA TYR A 231 -3.85 -24.37 -11.88
C TYR A 231 -3.64 -23.29 -12.95
N MET A 232 -2.48 -23.30 -13.62
CA MET A 232 -2.15 -22.28 -14.59
C MET A 232 -3.00 -22.45 -15.84
N PHE A 233 -3.30 -23.71 -16.18
CA PHE A 233 -4.18 -24.01 -17.30
C PHE A 233 -5.57 -23.44 -17.05
N LEU A 234 -6.13 -23.68 -15.87
CA LEU A 234 -7.52 -23.32 -15.59
C LEU A 234 -7.76 -21.82 -15.49
N HIS A 235 -6.76 -21.07 -15.00
CA HIS A 235 -6.97 -19.66 -14.71
C HIS A 235 -6.49 -18.76 -15.84
N SER A 236 -6.02 -19.36 -16.93
CA SER A 236 -5.44 -18.66 -18.06
C SER A 236 -6.30 -17.51 -18.59
N ASP A 237 -7.59 -17.80 -18.79
CA ASP A 237 -8.48 -16.93 -19.55
C ASP A 237 -9.95 -17.21 -19.22
N HIS A 238 -10.77 -16.17 -19.30
CA HIS A 238 -12.19 -16.25 -19.00
C HIS A 238 -12.89 -15.08 -19.67
N GLU A 239 -12.78 -15.03 -21.00
CA GLU A 239 -13.39 -13.99 -21.82
C GLU A 239 -12.69 -12.66 -21.56
N GLY A 240 -13.26 -11.59 -22.12
CA GLY A 240 -12.58 -10.33 -22.21
C GLY A 240 -13.14 -9.29 -21.24
N GLY A 241 -14.16 -9.68 -20.48
CA GLY A 241 -14.96 -8.71 -19.73
C GLY A 241 -14.71 -8.69 -18.22
N ASN A 242 -14.01 -9.69 -17.68
CA ASN A 242 -13.59 -9.64 -16.29
C ASN A 242 -12.61 -8.45 -16.12
N VAL A 243 -12.49 -7.93 -14.89
CA VAL A 243 -11.85 -6.65 -14.68
C VAL A 243 -10.39 -6.68 -15.15
N SER A 244 -9.65 -7.75 -14.84
CA SER A 244 -8.26 -7.82 -15.23
C SER A 244 -8.11 -7.90 -16.77
N ALA A 245 -8.95 -8.71 -17.44
CA ALA A 245 -8.81 -8.84 -18.90
C ALA A 245 -9.21 -7.51 -19.55
N HIS A 246 -10.21 -6.87 -18.99
CA HIS A 246 -10.75 -5.66 -19.58
C HIS A 246 -9.76 -4.51 -19.35
N THR A 247 -9.14 -4.46 -18.17
CA THR A 247 -8.20 -3.39 -17.87
C THR A 247 -7.03 -3.52 -18.81
N ASN A 248 -6.58 -4.76 -19.06
CA ASN A 248 -5.52 -5.05 -20.02
C ASN A 248 -5.89 -4.55 -21.44
N LEU A 249 -7.07 -4.91 -21.94
CA LEU A 249 -7.53 -4.45 -23.25
C LEU A 249 -7.64 -2.92 -23.31
N LEU A 250 -8.23 -2.30 -22.30
CA LEU A 250 -8.41 -0.86 -22.25
C LEU A 250 -7.07 -0.12 -22.39
N VAL A 251 -6.10 -0.51 -21.56
CA VAL A 251 -4.84 0.19 -21.55
C VAL A 251 -4.08 -0.12 -22.83
N ASN A 252 -4.16 -1.37 -23.27
CA ASN A 252 -3.62 -1.79 -24.55
C ASN A 252 -4.14 -0.95 -25.72
N SER A 253 -5.44 -0.60 -25.68
CA SER A 253 -6.08 0.12 -26.78
C SER A 253 -5.49 1.51 -27.03
N ALA A 254 -4.75 2.08 -26.09
CA ALA A 254 -4.13 3.39 -26.33
C ALA A 254 -2.69 3.20 -26.76
N TYR A 255 -2.32 1.97 -27.15
CA TYR A 255 -1.00 1.59 -27.63
C TYR A 255 0.04 1.54 -26.51
N SER A 256 -0.39 1.41 -25.26
CA SER A 256 0.52 1.13 -24.17
C SER A 256 0.92 -0.34 -24.22
N ASP A 257 2.19 -0.61 -23.92
CA ASP A 257 2.77 -1.93 -24.04
C ASP A 257 2.25 -2.89 -22.97
N ILE A 258 2.62 -4.16 -23.11
CA ILE A 258 2.06 -5.20 -22.27
C ILE A 258 2.55 -5.06 -20.82
N TYR A 259 3.71 -4.44 -20.58
CA TYR A 259 4.12 -4.22 -19.22
C TYR A 259 3.21 -3.21 -18.55
N ARG A 260 2.86 -2.16 -19.28
CA ARG A 260 1.88 -1.22 -18.77
C ARG A 260 0.47 -1.80 -18.65
N SER A 261 -0.05 -2.48 -19.68
CA SER A 261 -1.43 -2.96 -19.64
C SER A 261 -1.58 -4.11 -18.64
N PHE A 262 -0.54 -4.95 -18.51
CA PHE A 262 -0.70 -6.08 -17.62
C PHE A 262 -0.50 -5.66 -16.16
N SER A 263 0.36 -4.68 -15.89
CA SER A 263 0.51 -4.23 -14.52
C SER A 263 -0.76 -3.51 -14.10
N ALA A 264 -1.36 -2.75 -15.03
CA ALA A 264 -2.64 -2.13 -14.76
C ALA A 264 -3.68 -3.22 -14.45
N ALA A 265 -3.71 -4.29 -15.25
CA ALA A 265 -4.65 -5.38 -15.00
C ALA A 265 -4.45 -5.99 -13.62
N MET A 266 -3.18 -6.07 -13.16
CA MET A 266 -2.90 -6.73 -11.91
C MET A 266 -3.41 -5.89 -10.74
N ASN A 267 -3.34 -4.56 -10.90
CA ASN A 267 -3.93 -3.65 -9.94
C ASN A 267 -5.43 -3.90 -9.80
N GLY A 268 -6.09 -4.29 -10.90
CA GLY A 268 -7.51 -4.62 -10.89
C GLY A 268 -7.71 -5.99 -10.25
N LEU A 269 -6.87 -6.94 -10.63
CA LEU A 269 -6.96 -8.24 -10.04
C LEU A 269 -6.77 -8.13 -8.53
N ALA A 270 -6.08 -7.08 -8.06
CA ALA A 270 -5.76 -6.97 -6.64
C ALA A 270 -7.02 -6.65 -5.84
N GLY A 271 -8.06 -6.20 -6.54
CA GLY A 271 -9.29 -5.77 -5.90
C GLY A 271 -9.96 -6.94 -5.19
N PRO A 272 -10.48 -6.71 -3.97
CA PRO A 272 -11.24 -7.74 -3.24
C PRO A 272 -12.36 -8.45 -3.99
N LEU A 273 -13.05 -7.73 -4.89
CA LEU A 273 -14.17 -8.30 -5.63
C LEU A 273 -13.68 -9.14 -6.82
N HIS A 274 -12.40 -9.07 -7.19
CA HIS A 274 -11.90 -9.84 -8.32
C HIS A 274 -10.94 -10.96 -7.89
N GLY A 275 -10.02 -10.72 -6.96
CA GLY A 275 -8.90 -11.65 -6.82
C GLY A 275 -8.84 -12.42 -5.50
N LEU A 276 -9.86 -12.28 -4.66
CA LEU A 276 -9.75 -12.65 -3.26
C LEU A 276 -10.59 -13.90 -2.95
N ALA A 277 -11.43 -14.36 -3.90
CA ALA A 277 -12.42 -15.40 -3.63
C ALA A 277 -11.83 -16.73 -3.13
N ASN A 278 -10.77 -17.20 -3.78
CA ASN A 278 -10.09 -18.46 -3.41
C ASN A 278 -9.78 -18.46 -1.91
N GLN A 279 -9.33 -17.33 -1.38
CA GLN A 279 -8.89 -17.27 0.01
C GLN A 279 -10.07 -17.25 0.99
N GLU A 280 -11.11 -16.47 0.66
CA GLU A 280 -12.33 -16.46 1.45
C GLU A 280 -12.84 -17.89 1.60
N VAL A 281 -12.91 -18.63 0.49
CA VAL A 281 -13.41 -19.99 0.55
C VAL A 281 -12.55 -20.80 1.53
N LEU A 282 -11.23 -20.79 1.35
CA LEU A 282 -10.36 -21.59 2.21
C LEU A 282 -10.56 -21.23 3.68
N ARG A 283 -10.68 -19.93 3.99
CA ARG A 283 -10.87 -19.51 5.36
C ARG A 283 -12.19 -20.09 5.90
N TRP A 284 -13.20 -20.07 5.05
CA TRP A 284 -14.55 -20.48 5.40
C TRP A 284 -14.55 -21.99 5.66
N ILE A 285 -13.95 -22.74 4.73
CA ILE A 285 -13.78 -24.18 4.87
C ILE A 285 -13.02 -24.51 6.16
N GLN A 286 -11.99 -23.72 6.49
CA GLN A 286 -11.21 -23.98 7.70
C GLN A 286 -12.01 -23.59 8.93
N MET A 287 -12.92 -22.62 8.78
CA MET A 287 -13.80 -22.16 9.86
C MET A 287 -14.82 -23.26 10.21
N LEU A 288 -15.38 -23.95 9.19
CA LEU A 288 -16.24 -25.10 9.40
C LEU A 288 -15.50 -26.19 10.16
N TYR A 289 -14.35 -26.60 9.63
CA TYR A 289 -13.48 -27.57 10.27
C TYR A 289 -13.35 -27.29 11.77
N LYS A 290 -12.91 -26.09 12.12
CA LYS A 290 -12.64 -25.74 13.52
C LYS A 290 -13.95 -25.78 14.31
N LYS A 291 -15.05 -25.35 13.69
CA LYS A 291 -16.33 -25.23 14.38
C LYS A 291 -16.88 -26.63 14.73
N PHE A 292 -16.73 -27.62 13.83
CA PHE A 292 -17.36 -28.94 14.01
C PHE A 292 -16.39 -29.98 14.57
N GLY A 293 -15.17 -29.55 14.94
CA GLY A 293 -14.15 -30.47 15.42
C GLY A 293 -13.83 -31.54 14.38
N GLY A 294 -13.96 -31.19 13.10
CA GLY A 294 -13.67 -32.11 12.02
C GLY A 294 -14.63 -31.89 10.85
N VAL A 295 -14.85 -32.94 10.07
CA VAL A 295 -15.74 -32.88 8.93
C VAL A 295 -17.16 -32.97 9.46
N PRO A 296 -18.03 -31.96 9.18
CA PRO A 296 -19.42 -32.03 9.59
C PRO A 296 -20.18 -33.15 8.87
N THR A 297 -21.41 -33.41 9.33
CA THR A 297 -22.36 -34.29 8.66
C THR A 297 -23.19 -33.48 7.67
N LYS A 298 -23.93 -34.20 6.81
CA LYS A 298 -24.84 -33.59 5.84
C LYS A 298 -25.79 -32.62 6.53
N GLU A 299 -26.32 -33.07 7.68
CA GLU A 299 -27.33 -32.37 8.46
C GLU A 299 -26.75 -31.07 9.03
N GLN A 300 -25.61 -31.20 9.72
CA GLN A 300 -24.90 -30.05 10.29
C GLN A 300 -24.63 -28.97 9.24
N LEU A 301 -24.13 -29.38 8.06
CA LEU A 301 -23.75 -28.44 7.02
C LEU A 301 -25.00 -27.86 6.36
N GLU A 302 -26.03 -28.71 6.17
CA GLU A 302 -27.31 -28.25 5.62
C GLU A 302 -27.89 -27.17 6.53
N ARG A 303 -27.91 -27.45 7.85
CA ARG A 303 -28.35 -26.47 8.81
C ARG A 303 -27.50 -25.21 8.68
N PHE A 304 -26.16 -25.37 8.81
CA PHE A 304 -25.25 -24.24 8.79
C PHE A 304 -25.48 -23.42 7.52
N ALA A 305 -25.63 -24.09 6.38
CA ALA A 305 -25.92 -23.39 5.14
C ALA A 305 -27.06 -22.38 5.37
N TRP A 306 -28.22 -22.92 5.78
CA TRP A 306 -29.45 -22.15 5.96
C TRP A 306 -29.28 -21.02 6.95
N ASP A 307 -28.59 -21.26 8.06
CA ASP A 307 -28.41 -20.23 9.08
C ASP A 307 -27.52 -19.09 8.57
N THR A 308 -26.60 -19.41 7.63
CA THR A 308 -25.73 -18.40 7.04
C THR A 308 -26.55 -17.53 6.07
N LEU A 309 -27.27 -18.19 5.16
CA LEU A 309 -28.14 -17.52 4.19
C LEU A 309 -29.14 -16.59 4.89
N ASN A 310 -29.88 -17.12 5.89
CA ASN A 310 -30.95 -16.37 6.51
C ASN A 310 -30.38 -15.31 7.45
N SER A 311 -29.06 -15.29 7.67
CA SER A 311 -28.45 -14.17 8.39
C SER A 311 -27.82 -13.16 7.42
N GLY A 312 -28.20 -13.27 6.13
CA GLY A 312 -27.85 -12.30 5.10
C GLY A 312 -26.38 -12.37 4.69
N GLN A 313 -25.79 -13.58 4.75
CA GLN A 313 -24.38 -13.76 4.44
C GLN A 313 -24.26 -14.49 3.10
N VAL A 314 -23.09 -14.35 2.49
CA VAL A 314 -22.73 -15.04 1.26
C VAL A 314 -22.13 -16.42 1.60
N ILE A 315 -22.56 -17.47 0.87
CA ILE A 315 -21.84 -18.74 0.85
C ILE A 315 -20.72 -18.68 -0.19
N PRO A 316 -19.43 -18.52 0.21
CA PRO A 316 -18.38 -18.22 -0.76
C PRO A 316 -18.13 -19.46 -1.63
N GLY A 317 -17.92 -19.22 -2.92
CA GLY A 317 -17.49 -20.24 -3.86
C GLY A 317 -18.61 -20.70 -4.77
N TYR A 318 -19.85 -20.25 -4.48
CA TYR A 318 -21.05 -20.61 -5.20
C TYR A 318 -21.70 -19.35 -5.80
N GLY A 319 -22.27 -19.50 -7.01
CA GLY A 319 -22.79 -18.37 -7.76
C GLY A 319 -21.72 -17.61 -8.53
N HIS A 320 -22.10 -17.05 -9.68
CA HIS A 320 -21.20 -16.26 -10.51
C HIS A 320 -21.99 -15.13 -11.17
N ALA A 321 -21.26 -14.13 -11.67
CA ALA A 321 -21.81 -12.99 -12.39
C ALA A 321 -22.15 -13.31 -13.86
N VAL A 322 -21.97 -14.58 -14.28
CA VAL A 322 -22.36 -15.01 -15.66
C VAL A 322 -22.59 -16.54 -15.71
N LEU A 323 -21.71 -17.34 -15.11
CA LEU A 323 -21.83 -18.81 -15.10
C LEU A 323 -23.22 -19.20 -14.59
N ARG A 324 -23.74 -20.36 -15.04
CA ARG A 324 -25.11 -20.72 -14.70
C ARG A 324 -25.26 -22.19 -14.29
N VAL A 325 -24.27 -23.01 -14.63
CA VAL A 325 -24.24 -24.43 -14.15
C VAL A 325 -22.89 -24.63 -13.42
N THR A 326 -22.43 -25.87 -13.27
CA THR A 326 -21.20 -26.13 -12.53
C THR A 326 -20.00 -25.68 -13.38
N ASP A 327 -19.12 -24.88 -12.76
CA ASP A 327 -17.93 -24.36 -13.42
C ASP A 327 -17.03 -25.55 -13.76
N PRO A 328 -16.75 -25.83 -15.05
CA PRO A 328 -15.85 -26.92 -15.41
C PRO A 328 -14.41 -26.79 -14.86
N ARG A 329 -14.02 -25.58 -14.46
CA ARG A 329 -12.77 -25.37 -13.74
C ARG A 329 -12.84 -26.01 -12.35
N TYR A 330 -14.04 -25.98 -11.72
CA TYR A 330 -14.27 -26.70 -10.47
C TYR A 330 -14.13 -28.21 -10.67
N VAL A 331 -14.61 -28.73 -11.78
CA VAL A 331 -14.67 -30.19 -11.91
C VAL A 331 -13.26 -30.72 -12.13
N ALA A 332 -12.39 -29.91 -12.75
CA ALA A 332 -11.02 -30.34 -13.01
C ALA A 332 -10.28 -30.47 -11.69
N GLN A 333 -10.51 -29.53 -10.79
CA GLN A 333 -9.84 -29.55 -9.49
C GLN A 333 -10.31 -30.73 -8.64
N ARG A 334 -11.63 -30.98 -8.65
CA ARG A 334 -12.22 -32.09 -7.91
C ARG A 334 -11.59 -33.41 -8.37
N ASP A 335 -11.44 -33.55 -9.70
CA ASP A 335 -10.81 -34.74 -10.26
C ASP A 335 -9.42 -34.91 -9.67
N PHE A 336 -8.61 -33.84 -9.76
CA PHE A 336 -7.26 -33.81 -9.22
C PHE A 336 -7.26 -34.24 -7.75
N ALA A 337 -8.19 -33.69 -6.96
CA ALA A 337 -8.23 -33.94 -5.53
C ALA A 337 -8.63 -35.40 -5.21
N LEU A 338 -9.65 -35.95 -5.91
CA LEU A 338 -10.01 -37.35 -5.74
C LEU A 338 -8.80 -38.23 -6.09
N LYS A 339 -8.07 -37.82 -7.14
CA LYS A 339 -6.96 -38.61 -7.61
C LYS A 339 -5.76 -38.54 -6.66
N HIS A 340 -5.50 -37.36 -6.05
CA HIS A 340 -4.24 -37.13 -5.37
C HIS A 340 -4.38 -36.93 -3.86
N LEU A 341 -5.52 -36.49 -3.35
CA LEU A 341 -5.62 -36.25 -1.91
C LEU A 341 -7.04 -36.49 -1.42
N PRO A 342 -7.60 -37.68 -1.73
CA PRO A 342 -8.98 -38.01 -1.38
C PRO A 342 -9.27 -37.95 0.11
N ASP A 343 -8.21 -38.04 0.95
CA ASP A 343 -8.40 -38.15 2.39
C ASP A 343 -8.03 -36.87 3.13
N ASP A 344 -7.71 -35.79 2.40
CA ASP A 344 -7.48 -34.50 3.05
C ASP A 344 -8.78 -34.06 3.70
N GLU A 345 -8.67 -33.65 4.97
CA GLU A 345 -9.82 -33.26 5.76
C GLU A 345 -10.55 -32.09 5.10
N LEU A 346 -9.82 -31.02 4.73
CA LEU A 346 -10.45 -29.82 4.20
C LEU A 346 -11.10 -30.10 2.85
N PHE A 347 -10.43 -30.91 2.00
CA PHE A 347 -11.03 -31.39 0.77
C PHE A 347 -12.37 -32.08 1.01
N LYS A 348 -12.47 -32.88 2.09
CA LYS A 348 -13.68 -33.66 2.36
C LYS A 348 -14.84 -32.72 2.67
N ILE A 349 -14.57 -31.58 3.32
CA ILE A 349 -15.56 -30.55 3.51
C ILE A 349 -15.97 -29.94 2.16
N VAL A 350 -14.99 -29.69 1.28
CA VAL A 350 -15.25 -29.12 -0.03
C VAL A 350 -16.17 -30.06 -0.80
N SER A 351 -15.79 -31.35 -0.86
CA SER A 351 -16.60 -32.39 -1.46
C SER A 351 -18.03 -32.32 -0.89
N LEU A 352 -18.14 -32.32 0.45
CA LEU A 352 -19.44 -32.36 1.09
C LEU A 352 -20.23 -31.11 0.73
N CYS A 353 -19.56 -29.96 0.60
CA CYS A 353 -20.26 -28.77 0.12
C CYS A 353 -20.87 -29.05 -1.26
N TYR A 354 -20.22 -29.91 -2.07
CA TYR A 354 -20.67 -30.16 -3.43
C TYR A 354 -22.05 -30.82 -3.46
N GLU A 355 -22.30 -31.79 -2.55
CA GLU A 355 -23.58 -32.48 -2.46
C GLU A 355 -24.69 -31.55 -1.94
N VAL A 356 -24.40 -30.89 -0.81
CA VAL A 356 -25.41 -30.25 0.01
C VAL A 356 -25.75 -28.85 -0.51
N ILE A 357 -24.73 -28.02 -0.78
CA ILE A 357 -24.91 -26.58 -0.91
C ILE A 357 -25.70 -26.19 -2.16
N PRO A 358 -25.62 -26.89 -3.31
CA PRO A 358 -26.49 -26.58 -4.46
C PRO A 358 -28.00 -26.54 -4.17
N GLU A 359 -28.52 -27.62 -3.56
CA GLU A 359 -29.95 -27.81 -3.33
C GLU A 359 -30.51 -26.76 -2.37
N VAL A 360 -29.71 -26.38 -1.36
CA VAL A 360 -30.02 -25.33 -0.41
C VAL A 360 -30.19 -23.97 -1.10
N LEU A 361 -29.29 -23.65 -2.04
CA LEU A 361 -29.22 -22.32 -2.65
C LEU A 361 -30.32 -22.13 -3.70
N LYS A 362 -30.85 -23.24 -4.24
CA LYS A 362 -31.99 -23.22 -5.14
C LYS A 362 -33.24 -22.72 -4.41
N LYS A 363 -33.47 -23.28 -3.22
CA LYS A 363 -34.66 -23.00 -2.43
C LYS A 363 -34.60 -21.56 -1.92
N HIS A 364 -33.46 -21.13 -1.38
CA HIS A 364 -33.29 -19.75 -0.93
C HIS A 364 -33.61 -18.75 -2.06
N GLY A 365 -33.20 -19.09 -3.29
CA GLY A 365 -33.75 -18.48 -4.50
C GLY A 365 -33.30 -17.04 -4.78
N LYS A 366 -32.23 -16.57 -4.12
CA LYS A 366 -31.66 -15.26 -4.41
C LYS A 366 -30.54 -15.41 -5.44
N ALA A 367 -29.67 -16.42 -5.25
CA ALA A 367 -28.58 -16.71 -6.17
C ALA A 367 -29.13 -17.09 -7.55
N LYS A 368 -28.61 -16.41 -8.59
CA LYS A 368 -28.94 -16.72 -9.97
C LYS A 368 -28.22 -18.01 -10.39
N ASN A 369 -26.98 -18.22 -9.92
CA ASN A 369 -26.23 -19.47 -10.14
C ASN A 369 -26.07 -20.26 -8.82
N PRO A 370 -26.70 -21.46 -8.70
CA PRO A 370 -26.64 -22.24 -7.45
C PRO A 370 -25.44 -23.16 -7.29
N TRP A 371 -24.60 -23.21 -8.32
CA TRP A 371 -23.50 -24.18 -8.38
C TRP A 371 -22.17 -23.49 -8.05
N PRO A 372 -21.09 -24.30 -7.84
CA PRO A 372 -19.74 -23.77 -7.52
C PRO A 372 -18.91 -23.26 -8.71
N ASN A 373 -18.17 -22.17 -8.46
CA ASN A 373 -17.17 -21.65 -9.39
C ASN A 373 -15.80 -22.24 -9.05
N VAL A 374 -14.74 -21.69 -9.66
CA VAL A 374 -13.39 -22.26 -9.60
C VAL A 374 -12.76 -22.04 -8.23
N ASP A 375 -13.15 -20.94 -7.56
CA ASP A 375 -12.57 -20.54 -6.30
C ASP A 375 -13.07 -21.40 -5.14
N ALA A 376 -14.16 -22.15 -5.35
CA ALA A 376 -14.55 -23.14 -4.35
C ALA A 376 -13.46 -24.19 -4.15
N HIS A 377 -12.56 -24.42 -5.12
CA HIS A 377 -11.71 -25.60 -5.06
C HIS A 377 -10.22 -25.31 -4.92
N SER A 378 -9.76 -24.12 -5.31
CA SER A 378 -8.32 -23.92 -5.55
C SER A 378 -7.54 -23.87 -4.23
N GLY A 379 -8.11 -23.24 -3.20
CA GLY A 379 -7.43 -23.03 -1.92
C GLY A 379 -7.01 -24.34 -1.23
N VAL A 380 -7.90 -25.32 -1.21
CA VAL A 380 -7.64 -26.50 -0.41
C VAL A 380 -6.46 -27.25 -1.00
N LEU A 381 -6.34 -27.18 -2.33
CA LEU A 381 -5.26 -27.80 -3.06
C LEU A 381 -3.93 -27.15 -2.70
N LEU A 382 -3.84 -25.82 -2.84
CA LEU A 382 -2.64 -25.08 -2.49
C LEU A 382 -2.25 -25.37 -1.04
N TRP A 383 -3.24 -25.28 -0.13
CA TRP A 383 -2.98 -25.44 1.28
C TRP A 383 -2.42 -26.83 1.57
N HIS A 384 -2.98 -27.84 0.91
CA HIS A 384 -2.59 -29.22 1.13
C HIS A 384 -1.10 -29.44 0.85
N TYR A 385 -0.51 -28.79 -0.17
CA TYR A 385 0.89 -28.96 -0.53
C TYR A 385 1.77 -27.93 0.16
N GLY A 386 1.22 -27.14 1.09
CA GLY A 386 2.05 -26.25 1.90
C GLY A 386 2.17 -24.81 1.36
N ILE A 387 1.34 -24.40 0.39
CA ILE A 387 1.29 -22.99 0.03
C ILE A 387 0.18 -22.36 0.86
N ARG A 388 0.53 -21.73 1.98
CA ARG A 388 -0.38 -21.34 3.05
C ARG A 388 -0.48 -19.81 3.16
N GLU A 389 0.16 -19.10 2.25
CA GLU A 389 0.29 -17.66 2.34
C GLU A 389 -0.86 -17.06 1.56
N TYR A 390 -1.99 -16.89 2.23
CA TYR A 390 -3.25 -16.47 1.62
C TYR A 390 -3.04 -15.36 0.59
N ASP A 391 -2.33 -14.29 0.97
CA ASP A 391 -2.33 -13.08 0.13
C ASP A 391 -1.67 -13.32 -1.21
N PHE A 392 -0.79 -14.33 -1.24
CA PHE A 392 0.01 -14.68 -2.40
C PHE A 392 -0.80 -15.44 -3.45
N TYR A 393 -1.92 -16.01 -3.03
CA TYR A 393 -2.81 -16.75 -3.93
C TYR A 393 -3.17 -15.90 -5.13
N THR A 394 -3.42 -14.59 -4.95
CA THR A 394 -3.78 -13.73 -6.07
C THR A 394 -2.62 -13.58 -7.05
N VAL A 395 -1.38 -13.67 -6.57
CA VAL A 395 -0.25 -13.56 -7.49
C VAL A 395 -0.25 -14.78 -8.42
N LEU A 396 -0.49 -15.98 -7.88
CA LEU A 396 -0.59 -17.20 -8.65
C LEU A 396 -1.66 -17.06 -9.72
N PHE A 397 -2.83 -16.57 -9.30
CA PHE A 397 -3.90 -16.26 -10.22
C PHE A 397 -3.35 -15.37 -11.35
N GLY A 398 -2.60 -14.35 -10.96
CA GLY A 398 -2.13 -13.35 -11.91
C GLY A 398 -1.14 -13.94 -12.92
N VAL A 399 -0.22 -14.77 -12.44
CA VAL A 399 0.75 -15.39 -13.34
C VAL A 399 -0.02 -16.14 -14.44
N SER A 400 -1.07 -16.83 -14.06
CA SER A 400 -1.86 -17.64 -14.96
C SER A 400 -2.66 -16.77 -15.93
N ARG A 401 -3.36 -15.77 -15.39
CA ARG A 401 -4.14 -14.86 -16.21
C ARG A 401 -3.32 -14.15 -17.30
N ALA A 402 -2.02 -14.02 -17.09
CA ALA A 402 -1.13 -13.40 -18.06
C ALA A 402 -1.18 -14.13 -19.41
N LEU A 403 -1.40 -15.45 -19.36
CA LEU A 403 -1.53 -16.26 -20.57
C LEU A 403 -2.63 -15.71 -21.49
N GLY A 404 -3.83 -15.53 -20.96
CA GLY A 404 -4.92 -14.95 -21.73
C GLY A 404 -4.71 -13.49 -22.09
N CYS A 405 -4.19 -12.70 -21.14
CA CYS A 405 -4.03 -11.27 -21.36
C CYS A 405 -3.03 -11.01 -22.48
N THR A 406 -1.94 -11.77 -22.52
CA THR A 406 -0.95 -11.57 -23.58
C THR A 406 -1.55 -12.02 -24.90
N ALA A 407 -2.23 -13.18 -24.91
CA ALA A 407 -2.91 -13.68 -26.12
C ALA A 407 -3.88 -12.63 -26.63
N GLN A 408 -4.79 -12.18 -25.77
CA GLN A 408 -5.76 -11.18 -26.20
C GLN A 408 -5.09 -9.95 -26.78
N ALA A 409 -3.98 -9.49 -26.18
CA ALA A 409 -3.42 -8.21 -26.59
C ALA A 409 -2.64 -8.36 -27.88
N ILE A 410 -2.00 -9.51 -28.08
CA ILE A 410 -1.36 -9.78 -29.35
C ILE A 410 -2.43 -9.78 -30.44
N LEU A 411 -3.56 -10.44 -30.21
CA LEU A 411 -4.52 -10.66 -31.28
C LEU A 411 -5.13 -9.32 -31.70
N VAL A 412 -5.54 -8.54 -30.71
CA VAL A 412 -6.26 -7.31 -30.93
C VAL A 412 -5.35 -6.28 -31.61
N ARG A 413 -4.04 -6.36 -31.38
CA ARG A 413 -3.15 -5.46 -32.09
C ARG A 413 -2.92 -6.00 -33.50
N GLY A 414 -3.16 -7.30 -33.70
CA GLY A 414 -3.24 -7.88 -35.03
C GLY A 414 -4.46 -7.40 -35.82
N TYR A 415 -5.62 -7.38 -35.16
CA TYR A 415 -6.87 -6.96 -35.76
C TYR A 415 -6.90 -5.44 -36.00
N MET A 416 -6.06 -4.69 -35.27
CA MET A 416 -6.02 -3.24 -35.33
C MET A 416 -7.27 -2.59 -34.73
N LEU A 417 -7.86 -3.18 -33.67
CA LEU A 417 -8.97 -2.49 -33.00
C LEU A 417 -8.53 -1.11 -32.49
N PRO A 418 -9.44 -0.13 -32.50
CA PRO A 418 -9.10 1.22 -32.07
C PRO A 418 -9.28 1.39 -30.56
N ILE A 419 -8.94 2.59 -30.11
CA ILE A 419 -8.94 2.96 -28.70
C ILE A 419 -10.34 2.74 -28.15
N GLU A 420 -10.40 2.26 -26.92
CA GLU A 420 -11.65 2.16 -26.19
C GLU A 420 -12.00 3.53 -25.59
N ARG A 421 -13.18 4.06 -25.95
CA ARG A 421 -13.65 5.39 -25.54
C ARG A 421 -15.19 5.42 -25.49
N PRO A 422 -15.83 4.83 -24.45
CA PRO A 422 -17.26 4.95 -24.30
C PRO A 422 -17.61 6.36 -23.86
N LYS A 423 -18.91 6.61 -23.84
CA LYS A 423 -19.49 7.86 -23.42
C LYS A 423 -20.00 7.67 -22.00
N SER A 424 -19.65 8.63 -21.13
CA SER A 424 -20.21 8.66 -19.79
C SER A 424 -21.44 9.55 -19.80
N ILE A 425 -22.41 9.22 -18.95
CA ILE A 425 -23.59 10.06 -18.78
C ILE A 425 -23.61 10.55 -17.35
N THR A 426 -24.33 11.66 -17.16
CA THR A 426 -24.56 12.26 -15.86
C THR A 426 -25.92 11.89 -15.31
N THR A 427 -25.98 11.83 -13.98
CA THR A 427 -27.21 11.73 -13.23
C THR A 427 -28.18 12.86 -13.57
N ARG A 428 -27.66 14.08 -13.77
CA ARG A 428 -28.50 15.24 -14.05
C ARG A 428 -29.27 14.99 -15.35
N TRP A 429 -28.58 14.51 -16.39
CA TRP A 429 -29.19 14.22 -17.67
C TRP A 429 -30.26 13.14 -17.52
N VAL A 430 -29.87 12.02 -16.90
CA VAL A 430 -30.77 10.94 -16.55
C VAL A 430 -32.04 11.50 -15.89
N LYS A 431 -31.91 12.37 -14.88
CA LYS A 431 -33.10 12.93 -14.23
C LYS A 431 -33.94 13.81 -15.17
N GLU A 432 -33.30 14.36 -16.21
CA GLU A 432 -33.97 15.27 -17.10
C GLU A 432 -34.82 14.49 -18.10
N VAL A 433 -34.34 13.33 -18.57
CA VAL A 433 -34.86 12.75 -19.79
C VAL A 433 -35.46 11.38 -19.54
N ALA A 434 -35.31 10.82 -18.33
CA ALA A 434 -35.59 9.42 -18.14
C ALA A 434 -37.05 9.08 -18.48
N GLU A 435 -38.00 9.85 -17.91
CA GLU A 435 -39.43 9.68 -18.18
C GLU A 435 -39.70 9.66 -19.69
N SER A 436 -39.04 10.51 -20.48
CA SER A 436 -39.29 10.60 -21.91
C SER A 436 -38.69 9.44 -22.73
N LEU A 437 -37.90 8.56 -22.09
CA LEU A 437 -37.21 7.49 -22.80
C LEU A 437 -38.09 6.24 -22.88
N PRO A 438 -37.95 5.49 -23.97
CA PRO A 438 -38.66 4.22 -24.11
C PRO A 438 -38.08 3.12 -23.23
N VAL A 439 -38.97 2.33 -22.65
CA VAL A 439 -38.60 1.10 -21.97
C VAL A 439 -38.06 0.10 -22.99
N ALA A 440 -36.95 -0.58 -22.65
CA ALA A 440 -36.29 -1.53 -23.52
C ALA A 440 -37.25 -2.67 -23.82
N GLY A 441 -37.53 -2.87 -25.10
CA GLY A 441 -38.41 -3.94 -25.58
C GLY A 441 -39.90 -3.58 -25.51
N SER A 442 -40.24 -2.29 -25.70
CA SER A 442 -41.63 -1.83 -25.60
C SER A 442 -42.17 -1.50 -26.99
N LYS A 443 -43.45 -1.11 -27.07
CA LYS A 443 -44.05 -0.60 -28.29
C LYS A 443 -43.49 0.78 -28.62
N LEU A 444 -43.19 1.58 -27.56
CA LEU A 444 -42.67 2.95 -27.68
C LEU A 444 -41.26 2.93 -28.31
N ALA A 445 -40.42 1.97 -27.87
CA ALA A 445 -39.09 1.76 -28.40
C ALA A 445 -39.14 1.38 -29.88
N ALA A 446 -40.11 0.52 -30.23
CA ALA A 446 -40.32 0.05 -31.60
C ALA A 446 -40.73 1.21 -32.52
N ALA A 447 -41.52 2.18 -32.03
CA ALA A 447 -41.84 3.38 -32.80
C ALA A 447 -40.62 4.31 -32.97
N LEU A 448 -39.78 4.44 -31.92
CA LEU A 448 -38.72 5.45 -31.89
C LEU A 448 -37.53 5.08 -32.82
N MET B 1 -12.99 19.06 9.02
CA MET B 1 -12.72 19.72 7.71
C MET B 1 -14.05 19.90 6.99
N LYS B 2 -14.31 21.10 6.45
CA LYS B 2 -15.60 21.45 5.90
C LYS B 2 -16.04 20.46 4.83
N LEU B 3 -15.15 20.26 3.86
CA LEU B 3 -15.42 19.37 2.74
C LEU B 3 -16.01 18.06 3.25
N LYS B 4 -15.45 17.51 4.31
CA LYS B 4 -15.81 16.18 4.79
C LYS B 4 -17.17 16.20 5.50
N GLU B 5 -17.48 17.24 6.30
CA GLU B 5 -18.76 17.35 7.00
C GLU B 5 -19.93 17.42 6.02
N ARG B 6 -19.68 18.14 4.91
CA ARG B 6 -20.64 18.39 3.86
C ARG B 6 -20.94 17.11 3.09
N LEU B 7 -19.88 16.40 2.72
CA LEU B 7 -19.99 15.16 1.98
C LEU B 7 -20.74 14.13 2.82
N ALA B 8 -20.62 14.27 4.16
CA ALA B 8 -21.24 13.35 5.11
C ALA B 8 -22.76 13.51 5.06
N GLU B 9 -23.22 14.67 4.57
CA GLU B 9 -24.63 14.97 4.37
C GLU B 9 -25.03 14.69 2.92
N LEU B 10 -24.26 15.17 1.93
CA LEU B 10 -24.63 15.00 0.52
C LEU B 10 -24.64 13.53 0.09
N ILE B 11 -23.71 12.72 0.60
CA ILE B 11 -23.44 11.43 -0.03
C ILE B 11 -24.53 10.42 0.34
N PRO B 12 -25.03 10.33 1.59
CA PRO B 12 -26.14 9.42 1.90
C PRO B 12 -27.36 9.64 0.99
N GLN B 13 -27.58 10.92 0.63
CA GLN B 13 -28.70 11.35 -0.19
C GLN B 13 -28.50 10.88 -1.62
N TRP B 14 -27.33 11.19 -2.18
CA TRP B 14 -27.01 10.77 -3.53
C TRP B 14 -27.11 9.24 -3.60
N ARG B 15 -26.51 8.57 -2.64
CA ARG B 15 -26.59 7.13 -2.59
C ARG B 15 -28.05 6.72 -2.78
N ALA B 16 -28.98 7.34 -2.03
CA ALA B 16 -30.39 6.92 -2.05
C ALA B 16 -31.01 7.30 -3.40
N GLU B 17 -30.64 8.45 -3.96
CA GLU B 17 -31.18 8.83 -5.25
C GLU B 17 -30.78 7.81 -6.31
N VAL B 18 -29.50 7.40 -6.31
CA VAL B 18 -29.01 6.47 -7.31
C VAL B 18 -29.73 5.14 -7.17
N ALA B 19 -29.96 4.66 -5.94
CA ALA B 19 -30.61 3.37 -5.77
C ALA B 19 -32.00 3.40 -6.43
N GLU B 20 -32.71 4.54 -6.30
CA GLU B 20 -34.04 4.72 -6.86
C GLU B 20 -34.00 4.80 -8.39
N ILE B 21 -33.12 5.66 -8.91
CA ILE B 21 -32.97 5.75 -10.35
C ILE B 21 -32.77 4.38 -10.99
N ARG B 22 -31.91 3.56 -10.38
CA ARG B 22 -31.50 2.28 -10.92
C ARG B 22 -32.72 1.35 -10.94
N LYS B 23 -33.54 1.53 -9.92
CA LYS B 23 -34.73 0.73 -9.71
C LYS B 23 -35.77 1.19 -10.73
N LYS B 24 -36.01 2.51 -10.81
CA LYS B 24 -37.18 3.00 -11.51
C LYS B 24 -36.92 3.34 -12.96
N TYR B 25 -35.65 3.59 -13.35
CA TYR B 25 -35.31 3.95 -14.73
C TYR B 25 -34.33 2.98 -15.39
N GLY B 26 -34.05 1.85 -14.75
CA GLY B 26 -32.99 0.94 -15.18
C GLY B 26 -33.22 0.31 -16.55
N ASN B 27 -34.48 0.04 -16.89
CA ASN B 27 -34.80 -0.55 -18.18
C ASN B 27 -35.04 0.52 -19.24
N ARG B 28 -34.83 1.79 -18.93
CA ARG B 28 -34.98 2.83 -19.94
C ARG B 28 -33.87 2.74 -20.97
N LYS B 29 -34.27 2.72 -22.25
CA LYS B 29 -33.32 2.58 -23.35
C LYS B 29 -32.76 3.94 -23.74
N THR B 30 -31.43 3.97 -23.94
CA THR B 30 -30.69 5.17 -24.31
C THR B 30 -30.21 5.05 -25.75
N MET B 31 -29.91 3.83 -26.21
CA MET B 31 -29.43 3.64 -27.56
C MET B 31 -29.34 2.16 -27.89
N ASP B 32 -29.07 1.90 -29.19
CA ASP B 32 -28.76 0.56 -29.66
C ASP B 32 -27.28 0.29 -29.43
N CYS B 33 -27.01 -0.93 -28.94
CA CYS B 33 -25.68 -1.52 -28.95
C CYS B 33 -25.52 -2.31 -30.25
N THR B 34 -24.36 -2.17 -30.90
CA THR B 34 -24.12 -2.65 -32.25
C THR B 34 -22.85 -3.49 -32.33
N ILE B 35 -22.72 -4.27 -33.41
CA ILE B 35 -21.47 -4.95 -33.74
C ILE B 35 -20.34 -3.91 -33.81
N GLY B 36 -20.64 -2.73 -34.33
CA GLY B 36 -19.62 -1.70 -34.56
C GLY B 36 -19.09 -1.15 -33.24
N HIS B 37 -19.93 -1.13 -32.20
CA HIS B 37 -19.50 -0.76 -30.86
C HIS B 37 -18.46 -1.76 -30.32
N ALA B 38 -18.76 -3.06 -30.44
CA ALA B 38 -17.92 -4.10 -29.89
C ALA B 38 -16.54 -4.12 -30.52
N TYR B 39 -16.47 -3.85 -31.85
CA TYR B 39 -15.21 -3.89 -32.57
C TYR B 39 -14.63 -2.49 -32.69
N GLY B 40 -15.31 -1.50 -32.10
CA GLY B 40 -15.01 -0.11 -32.40
C GLY B 40 -14.72 0.72 -31.16
N GLY B 41 -14.24 0.03 -30.14
CA GLY B 41 -13.83 0.67 -28.90
C GLY B 41 -14.98 1.40 -28.22
N MET B 42 -16.20 0.88 -28.39
CA MET B 42 -17.38 1.34 -27.66
C MET B 42 -17.69 2.79 -27.98
N ARG B 43 -17.22 3.33 -29.11
CA ARG B 43 -17.36 4.76 -29.38
C ARG B 43 -18.84 5.15 -29.36
N GLY B 44 -19.21 6.07 -28.46
CA GLY B 44 -20.56 6.60 -28.39
C GLY B 44 -21.48 5.80 -27.46
N LEU B 45 -21.01 4.65 -26.94
CA LEU B 45 -21.90 3.78 -26.17
C LEU B 45 -22.01 4.29 -24.72
N LYS B 46 -23.24 4.54 -24.27
CA LYS B 46 -23.40 5.25 -23.01
C LYS B 46 -23.33 4.22 -21.90
N ALA B 47 -22.11 3.77 -21.58
CA ALA B 47 -21.93 2.60 -20.72
C ALA B 47 -21.42 2.93 -19.31
N LEU B 48 -21.40 4.21 -18.92
CA LEU B 48 -20.62 4.69 -17.79
C LEU B 48 -21.31 5.91 -17.15
N VAL B 49 -21.09 6.12 -15.85
CA VAL B 49 -21.60 7.25 -15.08
C VAL B 49 -20.44 8.12 -14.63
N CYS B 50 -20.59 9.44 -14.81
CA CYS B 50 -19.68 10.41 -14.23
C CYS B 50 -20.46 11.70 -14.02
N ASP B 51 -20.44 12.23 -12.78
CA ASP B 51 -21.18 13.41 -12.37
C ASP B 51 -20.27 14.61 -12.12
N THR B 52 -18.95 14.48 -12.34
CA THR B 52 -18.04 15.53 -11.90
C THR B 52 -18.05 16.63 -12.94
N SER B 53 -18.04 16.18 -14.20
CA SER B 53 -17.95 17.01 -15.37
C SER B 53 -18.80 16.41 -16.50
N GLU B 54 -19.03 17.20 -17.54
CA GLU B 54 -19.99 16.87 -18.58
C GLU B 54 -19.68 17.76 -19.76
N VAL B 55 -19.47 17.11 -20.90
CA VAL B 55 -19.20 17.77 -22.16
C VAL B 55 -20.53 18.08 -22.86
N PHE B 56 -20.77 19.36 -23.17
CA PHE B 56 -21.86 19.74 -24.03
C PHE B 56 -21.33 20.20 -25.38
N PRO B 57 -21.84 19.67 -26.52
CA PRO B 57 -21.33 20.05 -27.85
C PRO B 57 -21.25 21.55 -28.13
N ASP B 58 -22.22 22.30 -27.59
CA ASP B 58 -22.32 23.73 -27.82
C ASP B 58 -21.59 24.60 -26.78
N GLU B 59 -21.09 24.04 -25.67
CA GLU B 59 -20.44 24.84 -24.64
C GLU B 59 -19.05 24.31 -24.28
N GLY B 60 -18.78 23.02 -24.56
CA GLY B 60 -17.57 22.36 -24.09
C GLY B 60 -17.77 21.76 -22.70
N VAL B 61 -16.67 21.63 -21.94
CA VAL B 61 -16.73 20.86 -20.73
C VAL B 61 -17.30 21.80 -19.68
N LYS B 62 -18.13 21.26 -18.78
CA LYS B 62 -18.51 21.98 -17.59
C LYS B 62 -18.12 21.16 -16.36
N PHE B 63 -17.88 21.87 -15.26
CA PHE B 63 -17.49 21.27 -14.02
C PHE B 63 -18.64 21.45 -13.06
N ARG B 64 -19.37 20.37 -12.78
CA ARG B 64 -20.56 20.42 -11.95
C ARG B 64 -21.52 21.52 -12.39
N GLY B 65 -21.67 21.73 -13.70
CA GLY B 65 -22.68 22.68 -14.16
C GLY B 65 -22.12 24.06 -14.48
N TYR B 66 -21.06 24.46 -13.76
CA TYR B 66 -20.42 25.75 -14.00
C TYR B 66 -19.46 25.67 -15.19
N THR B 67 -19.43 26.74 -15.98
CA THR B 67 -18.52 26.89 -17.10
C THR B 67 -17.16 27.31 -16.53
N ILE B 68 -16.14 27.24 -17.38
CA ILE B 68 -14.81 27.70 -17.01
C ILE B 68 -14.84 29.20 -16.70
N PRO B 69 -15.35 30.06 -17.63
CA PRO B 69 -15.48 31.48 -17.37
C PRO B 69 -16.19 31.83 -16.07
N GLU B 70 -17.29 31.15 -15.71
CA GLU B 70 -17.93 31.45 -14.43
C GLU B 70 -16.96 31.33 -13.27
N LEU B 71 -16.08 30.31 -13.31
CA LEU B 71 -15.18 29.94 -12.21
C LEU B 71 -13.87 30.74 -12.24
N ARG B 72 -13.41 31.01 -13.46
CA ARG B 72 -12.19 31.74 -13.72
C ARG B 72 -12.34 33.25 -13.57
N GLU B 73 -13.44 33.81 -14.09
CA GLU B 73 -13.62 35.26 -14.12
C GLU B 73 -14.98 35.70 -13.60
N GLY B 74 -16.02 35.05 -14.13
CA GLY B 74 -17.41 35.45 -13.90
C GLY B 74 -17.91 35.61 -12.49
N PRO B 75 -19.24 35.57 -12.34
CA PRO B 75 -19.85 35.88 -11.04
C PRO B 75 -19.63 34.83 -9.94
N HIS B 76 -19.14 33.64 -10.32
CA HIS B 76 -18.88 32.58 -9.34
C HIS B 76 -17.38 32.27 -9.25
N LYS B 77 -16.51 33.29 -9.25
CA LYS B 77 -15.07 33.07 -9.41
C LYS B 77 -14.52 32.30 -8.20
N LEU B 78 -13.77 31.23 -8.50
CA LEU B 78 -13.14 30.42 -7.46
C LEU B 78 -11.99 31.19 -6.81
N PRO B 79 -11.75 30.98 -5.49
CA PRO B 79 -10.57 31.55 -4.83
C PRO B 79 -9.24 31.36 -5.57
N THR B 80 -8.34 32.36 -5.39
CA THR B 80 -7.02 32.45 -5.98
C THR B 80 -5.95 32.39 -4.88
N ALA B 81 -4.68 32.41 -5.32
CA ALA B 81 -3.57 32.74 -4.44
C ALA B 81 -3.65 34.24 -4.14
N GLU B 82 -3.04 34.65 -3.01
CA GLU B 82 -2.99 36.07 -2.69
C GLU B 82 -2.25 36.79 -3.82
N GLY B 83 -2.92 37.76 -4.46
CA GLY B 83 -2.33 38.50 -5.57
C GLY B 83 -2.57 37.78 -6.88
N GLY B 84 -3.12 36.57 -6.79
CA GLY B 84 -3.33 35.73 -7.95
C GLY B 84 -4.57 36.10 -8.73
N PHE B 85 -4.63 35.68 -10.00
CA PHE B 85 -5.85 35.70 -10.79
C PHE B 85 -6.42 34.28 -10.98
N GLU B 86 -5.57 33.30 -11.29
CA GLU B 86 -6.01 32.00 -11.77
C GLU B 86 -6.68 31.18 -10.66
N PRO B 87 -7.70 30.37 -10.99
CA PRO B 87 -8.37 29.56 -9.97
C PRO B 87 -7.44 28.50 -9.34
N LEU B 88 -7.51 28.33 -8.01
CA LEU B 88 -6.76 27.29 -7.30
C LEU B 88 -7.43 25.94 -7.55
N PRO B 89 -6.68 24.96 -8.12
CA PRO B 89 -7.20 23.62 -8.36
C PRO B 89 -7.87 23.06 -7.11
N GLU B 90 -7.40 23.53 -5.93
CA GLU B 90 -7.94 23.09 -4.66
C GLU B 90 -9.43 23.38 -4.56
N GLY B 91 -9.85 24.54 -5.09
CA GLY B 91 -11.22 25.00 -5.02
C GLY B 91 -12.10 24.19 -5.97
N LEU B 92 -11.62 24.04 -7.21
CA LEU B 92 -12.22 23.12 -8.18
C LEU B 92 -12.47 21.74 -7.57
N TRP B 93 -11.51 21.24 -6.82
CA TRP B 93 -11.64 19.92 -6.25
C TRP B 93 -12.81 19.87 -5.26
N TYR B 94 -12.91 20.88 -4.37
CA TYR B 94 -14.10 21.10 -3.54
C TYR B 94 -15.37 21.07 -4.39
N LEU B 95 -15.34 21.79 -5.53
CA LEU B 95 -16.49 21.83 -6.40
C LEU B 95 -16.83 20.45 -6.98
N LEU B 96 -15.83 19.74 -7.51
CA LEU B 96 -16.09 18.49 -8.20
C LEU B 96 -16.71 17.48 -7.23
N LEU B 97 -16.23 17.46 -6.00
CA LEU B 97 -16.77 16.53 -5.03
C LEU B 97 -18.18 16.91 -4.53
N THR B 98 -18.42 18.18 -4.20
CA THR B 98 -19.64 18.55 -3.49
C THR B 98 -20.72 19.09 -4.42
N GLY B 99 -20.30 19.66 -5.55
CA GLY B 99 -21.21 20.30 -6.47
C GLY B 99 -21.53 21.74 -6.07
N GLU B 100 -21.04 22.17 -4.90
CA GLU B 100 -21.16 23.52 -4.36
C GLU B 100 -19.84 24.28 -4.54
N LEU B 101 -19.92 25.61 -4.68
CA LEU B 101 -18.73 26.47 -4.71
C LEU B 101 -18.15 26.62 -3.31
N PRO B 102 -16.80 26.56 -3.19
CA PRO B 102 -16.13 26.68 -1.89
C PRO B 102 -16.03 28.13 -1.38
N THR B 103 -15.93 28.28 -0.06
CA THR B 103 -15.54 29.55 0.57
C THR B 103 -14.01 29.63 0.55
N GLU B 104 -13.50 30.86 0.72
CA GLU B 104 -12.07 31.11 0.83
C GLU B 104 -11.52 30.20 1.94
N GLU B 105 -12.25 30.14 3.07
CA GLU B 105 -11.95 29.26 4.18
C GLU B 105 -11.91 27.78 3.74
N ASP B 106 -12.86 27.36 2.90
CA ASP B 106 -12.91 25.98 2.40
C ASP B 106 -11.62 25.63 1.64
N VAL B 107 -11.15 26.57 0.82
CA VAL B 107 -9.97 26.37 0.00
C VAL B 107 -8.73 26.30 0.89
N LYS B 108 -8.63 27.25 1.85
CA LYS B 108 -7.51 27.30 2.77
C LYS B 108 -7.40 25.98 3.53
N GLU B 109 -8.53 25.42 3.98
CA GLU B 109 -8.50 24.14 4.69
C GLU B 109 -7.85 23.06 3.81
N ILE B 110 -8.14 23.08 2.50
CA ILE B 110 -7.69 22.05 1.59
C ILE B 110 -6.22 22.28 1.25
N SER B 111 -5.85 23.54 1.02
CA SER B 111 -4.46 23.93 0.86
C SER B 111 -3.61 23.46 2.04
N ALA B 112 -4.11 23.56 3.27
CA ALA B 112 -3.31 23.21 4.44
C ALA B 112 -3.15 21.70 4.51
N GLU B 113 -4.24 21.00 4.20
CA GLU B 113 -4.26 19.56 4.17
C GLU B 113 -3.23 19.10 3.13
N PHE B 114 -3.15 19.80 1.99
CA PHE B 114 -2.28 19.42 0.90
C PHE B 114 -0.82 19.65 1.28
N THR B 115 -0.54 20.86 1.81
CA THR B 115 0.79 21.24 2.26
C THR B 115 1.28 20.31 3.38
N LYS B 116 0.51 20.14 4.44
CA LYS B 116 0.86 19.15 5.44
C LYS B 116 1.23 17.79 4.82
N ARG B 117 0.35 17.23 3.98
CA ARG B 117 0.47 15.84 3.59
C ARG B 117 1.65 15.66 2.65
N MET B 118 2.03 16.74 2.00
CA MET B 118 3.12 16.79 1.03
C MET B 118 4.47 16.52 1.70
N GLN B 119 4.50 16.63 3.03
CA GLN B 119 5.66 16.35 3.84
C GLN B 119 5.70 14.87 4.22
N ASN B 120 4.71 14.09 3.77
CA ASN B 120 4.53 12.75 4.28
C ASN B 120 4.66 11.73 3.16
N VAL B 121 5.49 12.00 2.14
CA VAL B 121 5.80 10.97 1.16
C VAL B 121 6.80 10.01 1.79
N PRO B 122 6.52 8.70 1.86
CA PRO B 122 7.48 7.78 2.43
C PRO B 122 8.85 7.84 1.76
N GLN B 123 9.91 7.72 2.59
CA GLN B 123 11.27 7.60 2.08
C GLN B 123 11.37 6.46 1.06
N TYR B 124 10.67 5.33 1.30
CA TYR B 124 10.79 4.17 0.44
C TYR B 124 10.26 4.45 -0.96
N VAL B 125 9.35 5.43 -1.13
CA VAL B 125 8.93 5.81 -2.47
C VAL B 125 10.13 6.33 -3.25
N PHE B 126 10.94 7.17 -2.62
CA PHE B 126 12.13 7.65 -3.30
C PHE B 126 13.09 6.51 -3.59
N ASP B 127 13.23 5.55 -2.67
CA ASP B 127 14.10 4.42 -2.88
C ASP B 127 13.61 3.68 -4.13
N VAL B 128 12.31 3.50 -4.27
CA VAL B 128 11.76 2.82 -5.42
C VAL B 128 12.13 3.59 -6.70
N LEU B 129 11.91 4.91 -6.68
CA LEU B 129 12.23 5.77 -7.81
C LEU B 129 13.69 5.72 -8.21
N ARG B 130 14.62 5.80 -7.24
CA ARG B 130 16.06 5.75 -7.56
C ARG B 130 16.49 4.36 -8.04
N ALA B 131 15.78 3.31 -7.67
CA ALA B 131 16.15 1.98 -8.13
C ALA B 131 15.85 1.79 -9.63
N MET B 132 14.95 2.59 -10.20
CA MET B 132 14.65 2.48 -11.61
C MET B 132 15.74 3.20 -12.37
N PRO B 133 16.21 2.65 -13.50
CA PRO B 133 17.23 3.32 -14.28
C PRO B 133 16.73 4.69 -14.77
N VAL B 134 17.62 5.67 -14.74
CA VAL B 134 17.26 7.07 -14.91
C VAL B 134 16.70 7.32 -16.32
N ASP B 135 17.01 6.45 -17.29
CA ASP B 135 16.48 6.57 -18.65
C ASP B 135 15.09 5.90 -18.78
N THR B 136 14.52 5.36 -17.70
CA THR B 136 13.15 4.87 -17.78
C THR B 136 12.22 6.02 -18.15
N HIS B 137 11.19 5.76 -18.95
CA HIS B 137 10.25 6.81 -19.34
C HIS B 137 9.59 7.43 -18.11
N PRO B 138 9.37 8.76 -18.01
CA PRO B 138 8.94 9.35 -16.75
C PRO B 138 7.56 8.90 -16.31
N MET B 139 6.71 8.49 -17.26
CA MET B 139 5.36 8.08 -16.92
C MET B 139 5.40 6.70 -16.31
N THR B 140 6.43 5.92 -16.66
CA THR B 140 6.64 4.63 -15.99
C THR B 140 7.09 4.88 -14.56
N MET B 141 7.97 5.87 -14.40
CA MET B 141 8.49 6.22 -13.09
C MET B 141 7.34 6.77 -12.25
N PHE B 142 6.48 7.57 -12.85
CA PHE B 142 5.39 8.21 -12.14
C PHE B 142 4.40 7.16 -11.64
N ALA B 143 3.96 6.26 -12.53
CA ALA B 143 3.05 5.19 -12.14
C ALA B 143 3.64 4.31 -11.03
N ALA B 144 4.91 3.96 -11.17
CA ALA B 144 5.57 3.12 -10.17
C ALA B 144 5.63 3.76 -8.79
N GLY B 145 5.92 5.08 -8.72
CA GLY B 145 6.02 5.72 -7.41
C GLY B 145 4.69 5.71 -6.68
N ILE B 146 3.63 6.05 -7.45
CA ILE B 146 2.29 6.09 -6.94
C ILE B 146 1.94 4.72 -6.37
N LEU B 147 2.15 3.67 -7.18
CA LEU B 147 1.77 2.32 -6.81
C LEU B 147 2.52 1.87 -5.56
N ALA B 148 3.79 2.26 -5.44
CA ALA B 148 4.57 1.84 -4.27
C ALA B 148 3.96 2.43 -3.01
N MET B 149 3.22 3.52 -3.18
CA MET B 149 2.68 4.20 -2.03
C MET B 149 1.39 3.48 -1.60
N GLN B 150 0.99 2.44 -2.32
CA GLN B 150 -0.19 1.70 -1.95
C GLN B 150 -0.09 1.15 -0.52
N ARG B 151 1.13 0.95 -0.01
CA ARG B 151 1.37 0.43 1.32
C ARG B 151 0.68 1.29 2.39
N GLU B 152 0.53 2.59 2.11
CA GLU B 152 -0.14 3.51 3.01
C GLU B 152 -1.67 3.57 2.83
N SER B 153 -2.29 2.65 2.08
CA SER B 153 -3.71 2.80 1.76
C SER B 153 -4.55 2.56 3.01
N VAL B 154 -5.38 3.56 3.32
CA VAL B 154 -6.32 3.51 4.44
C VAL B 154 -7.52 2.65 4.02
N PHE B 155 -7.95 2.82 2.77
CA PHE B 155 -8.97 1.95 2.22
C PHE B 155 -8.57 0.47 2.33
N ALA B 156 -7.40 0.09 1.81
CA ALA B 156 -7.07 -1.33 1.78
C ALA B 156 -7.02 -1.90 3.20
N LYS B 157 -6.46 -1.11 4.12
CA LYS B 157 -6.36 -1.51 5.50
C LYS B 157 -7.76 -1.69 6.12
N ARG B 158 -8.60 -0.66 6.09
CA ARG B 158 -9.93 -0.77 6.71
C ARG B 158 -10.78 -1.86 6.05
N TYR B 159 -10.60 -2.12 4.73
CA TYR B 159 -11.32 -3.21 4.10
C TYR B 159 -10.93 -4.58 4.69
N GLU B 160 -9.61 -4.84 4.83
CA GLU B 160 -9.13 -6.08 5.44
C GLU B 160 -9.66 -6.17 6.88
N GLU B 161 -9.81 -5.01 7.56
CA GLU B 161 -10.22 -4.98 8.97
C GLU B 161 -11.71 -5.27 9.09
N GLY B 162 -12.48 -5.07 8.02
CA GLY B 162 -13.93 -5.02 8.09
C GLY B 162 -14.43 -3.60 8.33
N MET B 163 -14.97 -2.98 7.28
CA MET B 163 -15.66 -1.71 7.42
C MET B 163 -16.96 -1.83 6.62
N ARG B 164 -17.95 -1.03 6.97
CA ARG B 164 -19.22 -0.99 6.26
C ARG B 164 -19.02 -0.24 4.94
N ARG B 165 -19.77 -0.66 3.91
CA ARG B 165 -19.68 -0.06 2.58
C ARG B 165 -19.93 1.45 2.68
N GLU B 166 -20.63 1.86 3.75
CA GLU B 166 -21.02 3.24 3.98
C GLU B 166 -19.78 4.07 4.31
N GLU B 167 -18.72 3.41 4.78
CA GLU B 167 -17.46 4.05 5.12
C GLU B 167 -16.52 4.11 3.91
N HIS B 168 -16.82 3.40 2.80
CA HIS B 168 -15.94 3.40 1.66
C HIS B 168 -15.50 4.81 1.30
N TRP B 169 -16.44 5.72 1.13
CA TRP B 169 -16.11 7.04 0.60
C TRP B 169 -15.18 7.81 1.53
N GLU B 170 -15.21 7.54 2.84
CA GLU B 170 -14.37 8.29 3.78
C GLU B 170 -12.91 7.84 3.65
N ALA B 171 -12.71 6.53 3.61
CA ALA B 171 -11.38 5.99 3.42
C ALA B 171 -10.83 6.46 2.08
N MET B 172 -11.69 6.54 1.05
CA MET B 172 -11.26 6.96 -0.27
C MET B 172 -10.83 8.43 -0.21
N LEU B 173 -11.47 9.20 0.65
CA LEU B 173 -11.16 10.62 0.71
C LEU B 173 -9.78 10.79 1.32
N GLU B 174 -9.54 10.16 2.47
CA GLU B 174 -8.25 10.22 3.14
C GLU B 174 -7.12 9.79 2.18
N ASP B 175 -7.21 8.60 1.61
CA ASP B 175 -6.24 8.15 0.62
C ASP B 175 -6.01 9.18 -0.48
N SER B 176 -7.07 9.87 -0.95
CA SER B 176 -7.01 10.86 -2.01
C SER B 176 -6.23 12.11 -1.59
N LEU B 177 -6.49 12.60 -0.39
CA LEU B 177 -5.73 13.70 0.18
C LEU B 177 -4.25 13.33 0.23
N ASN B 178 -3.93 12.13 0.70
CA ASN B 178 -2.54 11.69 0.77
C ASN B 178 -1.94 11.63 -0.64
N MET B 179 -2.68 11.02 -1.55
CA MET B 179 -2.08 10.73 -2.84
C MET B 179 -1.85 12.04 -3.58
N LEU B 180 -2.82 12.97 -3.52
CA LEU B 180 -2.73 14.18 -4.32
C LEU B 180 -1.59 15.05 -3.80
N ALA B 181 -1.38 15.03 -2.48
CA ALA B 181 -0.32 15.80 -1.86
C ALA B 181 1.02 15.27 -2.38
N ALA B 182 1.10 13.95 -2.61
CA ALA B 182 2.32 13.26 -2.93
C ALA B 182 2.70 13.50 -4.38
N LEU B 183 1.69 13.63 -5.27
CA LEU B 183 1.90 13.60 -6.72
C LEU B 183 2.92 14.63 -7.17
N PRO B 184 2.84 15.90 -6.76
CA PRO B 184 3.82 16.90 -7.22
C PRO B 184 5.21 16.61 -6.65
N VAL B 185 5.27 15.91 -5.51
CA VAL B 185 6.54 15.51 -4.94
C VAL B 185 7.18 14.42 -5.80
N ILE B 186 6.40 13.41 -6.17
CA ILE B 186 6.89 12.31 -6.97
C ILE B 186 7.30 12.83 -8.35
N ALA B 187 6.45 13.70 -8.92
CA ALA B 187 6.70 14.23 -10.26
C ALA B 187 7.94 15.09 -10.29
N ALA B 188 8.10 15.96 -9.32
CA ALA B 188 9.26 16.82 -9.29
C ALA B 188 10.52 15.98 -9.10
N TYR B 189 10.44 14.98 -8.21
CA TYR B 189 11.59 14.12 -8.03
C TYR B 189 12.05 13.58 -9.39
N ILE B 190 11.08 13.11 -10.20
CA ILE B 190 11.36 12.50 -11.49
C ILE B 190 12.03 13.54 -12.38
N TYR B 191 11.41 14.71 -12.45
CA TYR B 191 11.93 15.79 -13.26
C TYR B 191 13.37 16.11 -12.85
N ARG B 192 13.61 16.30 -11.55
CA ARG B 192 14.92 16.73 -11.13
C ARG B 192 15.96 15.65 -11.39
N ARG B 193 15.64 14.42 -11.01
CA ARG B 193 16.61 13.36 -11.20
C ARG B 193 16.94 13.20 -12.68
N LYS B 194 15.92 13.18 -13.55
CA LYS B 194 16.15 12.97 -14.98
C LYS B 194 16.76 14.19 -15.66
N TYR B 195 16.32 15.42 -15.34
CA TYR B 195 16.65 16.51 -16.27
C TYR B 195 17.49 17.61 -15.65
N LYS B 196 17.52 17.71 -14.31
CA LYS B 196 18.18 18.86 -13.72
C LYS B 196 19.29 18.43 -12.77
N GLY B 197 20.01 17.37 -13.12
CA GLY B 197 21.24 17.02 -12.45
C GLY B 197 21.02 16.45 -11.05
N ASP B 198 19.83 15.90 -10.79
CA ASP B 198 19.59 15.07 -9.62
C ASP B 198 19.84 15.89 -8.35
N THR B 199 19.43 17.14 -8.41
CA THR B 199 19.35 18.07 -7.29
C THR B 199 17.87 18.17 -6.86
N HIS B 200 17.60 18.13 -5.56
CA HIS B 200 16.24 17.98 -5.09
C HIS B 200 15.81 19.14 -4.19
N ILE B 201 14.66 19.75 -4.52
CA ILE B 201 14.13 20.90 -3.82
C ILE B 201 12.91 20.50 -2.99
N ALA B 202 12.96 20.87 -1.71
CA ALA B 202 11.87 20.54 -0.79
C ALA B 202 10.62 21.37 -1.08
N PRO B 203 9.43 20.85 -0.70
CA PRO B 203 8.17 21.61 -0.72
C PRO B 203 8.26 22.86 0.17
N ASP B 204 7.87 23.99 -0.40
CA ASP B 204 7.66 25.23 0.32
C ASP B 204 6.33 25.13 1.07
N PRO B 205 6.31 25.18 2.43
CA PRO B 205 5.04 25.07 3.16
C PRO B 205 4.13 26.30 3.04
N ASN B 206 4.59 27.35 2.34
CA ASN B 206 3.78 28.56 2.17
C ASN B 206 3.32 28.72 0.73
N LEU B 207 3.36 27.65 -0.04
CA LEU B 207 2.86 27.65 -1.42
C LEU B 207 1.75 26.62 -1.54
N ASP B 208 0.82 26.98 -2.40
CA ASP B 208 -0.32 26.10 -2.69
C ASP B 208 0.16 24.89 -3.46
N TRP B 209 -0.78 24.00 -3.77
CA TRP B 209 -0.46 22.75 -4.45
C TRP B 209 0.24 22.95 -5.79
N SER B 210 -0.32 23.76 -6.66
CA SER B 210 0.20 23.95 -8.01
C SER B 210 1.57 24.60 -7.98
N ALA B 211 1.74 25.51 -7.02
CA ALA B 211 2.92 26.34 -7.01
C ALA B 211 4.09 25.51 -6.51
N ASN B 212 3.80 24.67 -5.51
CA ASN B 212 4.80 23.74 -5.03
C ASN B 212 5.35 22.88 -6.15
N LEU B 213 4.56 22.55 -7.20
CA LEU B 213 5.10 21.66 -8.24
C LEU B 213 6.12 22.40 -9.10
N ALA B 214 5.82 23.64 -9.49
CA ALA B 214 6.78 24.43 -10.25
C ALA B 214 8.04 24.69 -9.44
N HIS B 215 7.87 24.96 -8.16
CA HIS B 215 8.95 25.31 -7.26
C HIS B 215 9.91 24.13 -7.16
N MET B 216 9.35 22.96 -6.87
CA MET B 216 10.13 21.75 -6.68
C MET B 216 10.73 21.30 -8.01
N MET B 217 10.14 21.73 -9.13
CA MET B 217 10.75 21.47 -10.41
C MET B 217 11.88 22.47 -10.69
N GLY B 218 11.92 23.59 -9.96
CA GLY B 218 13.00 24.53 -10.12
C GLY B 218 12.59 25.81 -10.84
N PHE B 219 11.26 26.08 -10.94
CA PHE B 219 10.71 27.28 -11.55
C PHE B 219 9.99 28.10 -10.48
N ASP B 220 10.70 29.08 -9.91
CA ASP B 220 10.18 30.09 -9.02
C ASP B 220 10.02 31.38 -9.81
N ASP B 221 8.81 31.58 -10.31
CA ASP B 221 8.38 32.75 -11.06
C ASP B 221 6.86 32.85 -10.89
N PHE B 222 6.30 34.06 -10.65
CA PHE B 222 4.88 34.18 -10.31
C PHE B 222 4.04 33.77 -11.52
N GLU B 223 4.50 34.11 -12.73
CA GLU B 223 3.80 33.73 -13.94
C GLU B 223 3.73 32.20 -14.05
N VAL B 224 4.85 31.51 -13.73
CA VAL B 224 4.89 30.06 -13.79
C VAL B 224 3.88 29.51 -12.76
N TYR B 225 3.84 30.12 -11.57
CA TYR B 225 2.93 29.64 -10.55
C TYR B 225 1.49 29.73 -11.05
N GLU B 226 1.18 30.84 -11.73
CA GLU B 226 -0.14 31.08 -12.28
C GLU B 226 -0.39 30.08 -13.41
N LEU B 227 0.54 29.98 -14.36
CA LEU B 227 0.33 29.05 -15.44
C LEU B 227 -0.04 27.67 -14.88
N PHE B 228 0.76 27.15 -13.94
CA PHE B 228 0.51 25.85 -13.36
C PHE B 228 -0.82 25.79 -12.62
N ARG B 229 -1.26 26.92 -12.02
CA ARG B 229 -2.56 26.92 -11.33
C ARG B 229 -3.67 26.72 -12.36
N LEU B 230 -3.52 27.38 -13.52
CA LEU B 230 -4.50 27.34 -14.59
C LEU B 230 -4.49 25.95 -15.23
N TYR B 231 -3.29 25.48 -15.59
CA TYR B 231 -3.05 24.15 -16.18
C TYR B 231 -3.76 23.05 -15.38
N MET B 232 -3.47 22.97 -14.08
CA MET B 232 -4.03 21.94 -13.24
C MET B 232 -5.55 22.07 -13.18
N PHE B 233 -6.09 23.29 -13.26
CA PHE B 233 -7.53 23.56 -13.20
C PHE B 233 -8.20 23.05 -14.48
N LEU B 234 -7.62 23.41 -15.61
CA LEU B 234 -8.13 23.09 -16.93
C LEU B 234 -8.21 21.59 -17.18
N HIS B 235 -7.16 20.84 -16.79
CA HIS B 235 -6.99 19.46 -17.23
C HIS B 235 -7.50 18.51 -16.15
N SER B 236 -8.11 19.08 -15.10
CA SER B 236 -8.59 18.33 -13.96
C SER B 236 -9.48 17.14 -14.35
N ASP B 237 -10.43 17.39 -15.27
CA ASP B 237 -11.51 16.44 -15.49
C ASP B 237 -12.10 16.63 -16.87
N HIS B 238 -12.52 15.53 -17.49
CA HIS B 238 -13.18 15.56 -18.80
C HIS B 238 -14.01 14.29 -18.98
N GLU B 239 -15.03 14.14 -18.16
CA GLU B 239 -15.91 12.98 -18.21
C GLU B 239 -15.17 11.69 -17.79
N GLY B 240 -15.89 10.56 -17.92
CA GLY B 240 -15.45 9.27 -17.43
C GLY B 240 -15.00 8.29 -18.49
N GLY B 241 -15.14 8.65 -19.75
CA GLY B 241 -14.98 7.74 -20.85
C GLY B 241 -13.56 7.67 -21.42
N ASN B 242 -12.80 8.75 -21.33
CA ASN B 242 -11.41 8.72 -21.80
C ASN B 242 -10.65 7.59 -21.07
N VAL B 243 -9.60 7.05 -21.69
CA VAL B 243 -8.92 5.85 -21.22
C VAL B 243 -8.50 5.96 -19.76
N SER B 244 -7.92 7.10 -19.35
CA SER B 244 -7.32 7.20 -18.04
C SER B 244 -8.43 7.19 -16.98
N ALA B 245 -9.51 7.95 -17.24
CA ALA B 245 -10.65 8.03 -16.35
C ALA B 245 -11.34 6.68 -16.20
N HIS B 246 -11.53 6.00 -17.31
CA HIS B 246 -12.25 4.73 -17.33
C HIS B 246 -11.40 3.67 -16.60
N THR B 247 -10.11 3.62 -16.91
CA THR B 247 -9.18 2.74 -16.20
C THR B 247 -9.35 2.91 -14.70
N ASN B 248 -9.40 4.16 -14.27
CA ASN B 248 -9.51 4.47 -12.86
C ASN B 248 -10.80 3.90 -12.28
N LEU B 249 -11.93 4.12 -12.96
CA LEU B 249 -13.21 3.65 -12.46
C LEU B 249 -13.24 2.13 -12.49
N LEU B 250 -12.73 1.57 -13.59
CA LEU B 250 -12.74 0.13 -13.77
C LEU B 250 -12.01 -0.56 -12.61
N VAL B 251 -10.82 -0.08 -12.25
CA VAL B 251 -10.05 -0.76 -11.22
C VAL B 251 -10.66 -0.45 -9.86
N ASN B 252 -11.18 0.76 -9.70
CA ASN B 252 -11.93 1.18 -8.51
C ASN B 252 -13.14 0.26 -8.24
N SER B 253 -13.79 -0.19 -9.31
CA SER B 253 -15.03 -0.95 -9.19
C SER B 253 -14.77 -2.32 -8.58
N ALA B 254 -13.51 -2.77 -8.51
CA ALA B 254 -13.20 -4.05 -7.86
C ALA B 254 -12.81 -3.87 -6.40
N TYR B 255 -12.89 -2.63 -5.91
CA TYR B 255 -12.55 -2.26 -4.50
C TYR B 255 -11.05 -2.03 -4.36
N SER B 256 -10.33 -1.96 -5.48
CA SER B 256 -8.93 -1.60 -5.41
C SER B 256 -8.81 -0.13 -5.04
N ASP B 257 -7.87 0.19 -4.17
CA ASP B 257 -7.72 1.55 -3.64
C ASP B 257 -7.18 2.52 -4.69
N ILE B 258 -7.11 3.79 -4.32
CA ILE B 258 -6.79 4.87 -5.25
C ILE B 258 -5.37 4.79 -5.78
N TYR B 259 -4.43 4.14 -5.06
CA TYR B 259 -3.06 4.05 -5.49
C TYR B 259 -2.96 3.02 -6.63
N ARG B 260 -3.68 1.91 -6.46
CA ARG B 260 -3.84 0.94 -7.53
C ARG B 260 -4.63 1.45 -8.74
N SER B 261 -5.77 2.13 -8.53
CA SER B 261 -6.62 2.61 -9.64
C SER B 261 -6.00 3.75 -10.44
N PHE B 262 -5.39 4.71 -9.74
CA PHE B 262 -4.81 5.86 -10.44
C PHE B 262 -3.49 5.50 -11.12
N SER B 263 -2.70 4.57 -10.57
CA SER B 263 -1.45 4.22 -11.22
C SER B 263 -1.73 3.42 -12.48
N ALA B 264 -2.73 2.53 -12.37
CA ALA B 264 -3.31 1.88 -13.54
C ALA B 264 -3.77 2.92 -14.57
N ALA B 265 -4.43 4.00 -14.11
CA ALA B 265 -4.89 5.04 -15.03
C ALA B 265 -3.72 5.68 -15.77
N MET B 266 -2.61 5.87 -15.04
CA MET B 266 -1.43 6.49 -15.64
C MET B 266 -0.75 5.55 -16.63
N ASN B 267 -0.83 4.23 -16.46
CA ASN B 267 -0.32 3.34 -17.50
C ASN B 267 -1.14 3.50 -18.79
N GLY B 268 -2.43 3.78 -18.62
CA GLY B 268 -3.27 4.15 -19.75
C GLY B 268 -2.90 5.52 -20.34
N LEU B 269 -2.79 6.56 -19.52
CA LEU B 269 -2.46 7.88 -20.03
C LEU B 269 -1.12 7.87 -20.77
N ALA B 270 -0.22 6.94 -20.41
CA ALA B 270 1.11 6.85 -20.99
C ALA B 270 1.06 6.41 -22.47
N GLY B 271 -0.07 5.81 -22.87
CA GLY B 271 -0.30 5.39 -24.24
C GLY B 271 -0.16 6.54 -25.25
N PRO B 272 0.56 6.32 -26.38
CA PRO B 272 0.66 7.34 -27.43
C PRO B 272 -0.62 7.93 -27.99
N LEU B 273 -1.73 7.20 -27.96
CA LEU B 273 -2.98 7.73 -28.51
C LEU B 273 -3.75 8.55 -27.46
N HIS B 274 -3.29 8.56 -26.20
CA HIS B 274 -4.09 9.15 -25.14
C HIS B 274 -3.40 10.37 -24.58
N GLY B 275 -2.07 10.31 -24.44
CA GLY B 275 -1.37 11.28 -23.61
C GLY B 275 -0.32 12.13 -24.32
N LEU B 276 -0.24 12.07 -25.67
CA LEU B 276 0.83 12.70 -26.43
C LEU B 276 0.36 13.91 -27.26
N ALA B 277 -0.95 14.17 -27.32
CA ALA B 277 -1.49 15.23 -28.16
C ALA B 277 -0.80 16.59 -27.94
N ASN B 278 -0.73 17.05 -26.70
CA ASN B 278 -0.01 18.30 -26.35
C ASN B 278 1.34 18.35 -27.09
N GLN B 279 2.14 17.30 -26.94
CA GLN B 279 3.47 17.26 -27.52
C GLN B 279 3.47 17.37 -29.05
N GLU B 280 2.55 16.67 -29.70
CA GLU B 280 2.51 16.67 -31.15
C GLU B 280 2.16 18.07 -31.65
N VAL B 281 1.20 18.75 -30.99
CA VAL B 281 0.87 20.12 -31.38
C VAL B 281 2.13 20.97 -31.29
N LEU B 282 2.88 20.84 -30.20
CA LEU B 282 4.03 21.68 -30.00
C LEU B 282 5.10 21.41 -31.06
N ARG B 283 5.34 20.14 -31.37
CA ARG B 283 6.38 19.77 -32.35
C ARG B 283 6.01 20.32 -33.72
N TRP B 284 4.70 20.34 -34.01
CA TRP B 284 4.15 20.86 -35.26
C TRP B 284 4.37 22.38 -35.34
N ILE B 285 4.05 23.10 -34.25
CA ILE B 285 4.27 24.55 -34.18
C ILE B 285 5.76 24.80 -34.45
N GLN B 286 6.63 24.02 -33.81
CA GLN B 286 8.08 24.22 -33.93
C GLN B 286 8.53 23.91 -35.36
N MET B 287 7.87 22.97 -36.04
CA MET B 287 8.21 22.60 -37.41
C MET B 287 7.79 23.73 -38.39
N LEU B 288 6.73 24.50 -38.04
CA LEU B 288 6.27 25.64 -38.84
C LEU B 288 7.27 26.80 -38.75
N TYR B 289 7.73 27.10 -37.52
CA TYR B 289 8.71 28.16 -37.27
C TYR B 289 9.98 27.91 -38.10
N LYS B 290 10.53 26.69 -38.03
CA LYS B 290 11.79 26.32 -38.65
C LYS B 290 11.60 26.29 -40.17
N LYS B 291 10.43 25.84 -40.62
CA LYS B 291 10.12 25.83 -42.05
C LYS B 291 10.12 27.25 -42.62
N PHE B 292 9.58 28.22 -41.89
CA PHE B 292 9.35 29.54 -42.45
C PHE B 292 10.32 30.56 -41.86
N GLY B 293 11.46 30.08 -41.32
CA GLY B 293 12.50 30.93 -40.76
C GLY B 293 11.99 31.95 -39.74
N GLY B 294 10.86 31.63 -39.11
CA GLY B 294 10.17 32.59 -38.25
C GLY B 294 8.66 32.38 -38.32
N VAL B 295 7.92 33.35 -37.76
CA VAL B 295 6.48 33.27 -37.81
C VAL B 295 6.10 33.41 -39.28
N PRO B 296 5.25 32.48 -39.81
CA PRO B 296 4.76 32.61 -41.19
C PRO B 296 3.74 33.74 -41.35
N THR B 297 3.57 34.17 -42.60
CA THR B 297 2.54 35.14 -42.97
C THR B 297 1.17 34.44 -42.99
N LYS B 298 0.13 35.26 -43.02
CA LYS B 298 -1.25 34.80 -43.11
C LYS B 298 -1.42 33.89 -44.34
N GLU B 299 -0.65 34.18 -45.39
CA GLU B 299 -0.81 33.51 -46.68
C GLU B 299 -0.10 32.16 -46.70
N GLN B 300 1.07 32.08 -46.06
CA GLN B 300 1.84 30.83 -46.05
C GLN B 300 1.11 29.76 -45.23
N LEU B 301 0.45 30.18 -44.13
CA LEU B 301 -0.17 29.23 -43.22
C LEU B 301 -1.40 28.62 -43.91
N GLU B 302 -2.15 29.46 -44.63
CA GLU B 302 -3.27 29.00 -45.45
C GLU B 302 -2.81 27.95 -46.46
N ARG B 303 -1.69 28.20 -47.16
CA ARG B 303 -1.26 27.32 -48.23
C ARG B 303 -0.80 25.98 -47.63
N PHE B 304 0.01 26.04 -46.57
CA PHE B 304 0.44 24.85 -45.86
C PHE B 304 -0.75 24.15 -45.16
N ALA B 305 -1.81 24.89 -44.79
CA ALA B 305 -3.03 24.28 -44.24
C ALA B 305 -3.82 23.56 -45.33
N TRP B 306 -3.92 24.15 -46.55
CA TRP B 306 -4.62 23.54 -47.67
C TRP B 306 -3.90 22.28 -48.14
N ASP B 307 -2.56 22.33 -48.34
CA ASP B 307 -1.75 21.19 -48.77
C ASP B 307 -1.96 19.99 -47.84
N THR B 308 -1.92 20.25 -46.51
CA THR B 308 -2.09 19.25 -45.46
C THR B 308 -3.50 18.63 -45.50
N LEU B 309 -4.54 19.46 -45.55
CA LEU B 309 -5.91 18.94 -45.60
C LEU B 309 -6.17 18.18 -46.91
N ASN B 310 -5.79 18.76 -48.06
CA ASN B 310 -6.08 18.17 -49.36
C ASN B 310 -5.36 16.82 -49.51
N SER B 311 -4.25 16.64 -48.78
CA SER B 311 -3.44 15.43 -48.85
C SER B 311 -3.89 14.38 -47.83
N GLY B 312 -5.15 14.45 -47.35
CA GLY B 312 -5.74 13.47 -46.44
C GLY B 312 -5.47 13.71 -44.95
N GLN B 313 -4.59 14.68 -44.65
CA GLN B 313 -4.01 14.84 -43.32
C GLN B 313 -4.84 15.82 -42.48
N VAL B 314 -4.56 15.80 -41.18
CA VAL B 314 -5.21 16.69 -40.24
C VAL B 314 -4.17 17.63 -39.61
N ILE B 315 -4.72 18.73 -39.08
CA ILE B 315 -3.95 19.70 -38.34
C ILE B 315 -4.11 19.39 -36.86
N PRO B 316 -3.01 19.07 -36.12
CA PRO B 316 -3.08 18.67 -34.71
C PRO B 316 -3.78 19.70 -33.82
N GLY B 317 -4.59 19.19 -32.89
CA GLY B 317 -5.37 19.98 -31.94
C GLY B 317 -6.56 20.77 -32.51
N TYR B 318 -6.85 20.61 -33.81
CA TYR B 318 -8.04 21.21 -34.42
C TYR B 318 -8.96 20.13 -35.02
N GLY B 319 -10.28 20.32 -34.85
CA GLY B 319 -11.25 19.54 -35.58
C GLY B 319 -11.56 18.16 -34.98
N HIS B 320 -11.52 18.03 -33.65
CA HIS B 320 -12.09 16.84 -33.02
C HIS B 320 -13.60 16.81 -33.25
N ALA B 321 -14.20 15.64 -33.04
CA ALA B 321 -15.51 15.34 -33.57
C ALA B 321 -16.61 16.09 -32.80
N VAL B 322 -16.43 16.18 -31.47
CA VAL B 322 -17.57 16.28 -30.57
C VAL B 322 -18.14 17.70 -30.52
N LEU B 323 -17.27 18.69 -30.25
CA LEU B 323 -17.71 20.04 -29.95
C LEU B 323 -18.13 20.75 -31.24
N ARG B 324 -18.92 21.82 -31.09
CA ARG B 324 -19.25 22.69 -32.20
C ARG B 324 -18.78 24.12 -31.92
N VAL B 325 -18.04 24.34 -30.82
CA VAL B 325 -17.40 25.61 -30.55
C VAL B 325 -15.95 25.37 -30.08
N THR B 326 -15.20 26.46 -29.94
CA THR B 326 -13.86 26.43 -29.38
C THR B 326 -13.89 25.88 -27.97
N ASP B 327 -12.93 24.98 -27.68
CA ASP B 327 -12.79 24.35 -26.39
C ASP B 327 -12.57 25.46 -25.37
N PRO B 328 -13.43 25.58 -24.32
CA PRO B 328 -13.28 26.66 -23.34
C PRO B 328 -11.97 26.55 -22.53
N ARG B 329 -11.33 25.36 -22.59
CA ARG B 329 -9.97 25.22 -22.06
C ARG B 329 -8.95 25.91 -22.97
N TYR B 330 -9.18 25.86 -24.30
CA TYR B 330 -8.38 26.65 -25.22
C TYR B 330 -8.46 28.15 -24.96
N VAL B 331 -9.68 28.66 -24.82
CA VAL B 331 -9.96 30.10 -24.68
C VAL B 331 -9.22 30.64 -23.44
N ALA B 332 -9.28 29.89 -22.33
CA ALA B 332 -8.64 30.37 -21.11
C ALA B 332 -7.11 30.44 -21.24
N GLN B 333 -6.52 29.55 -22.05
CA GLN B 333 -5.08 29.53 -22.29
C GLN B 333 -4.68 30.68 -23.21
N ARG B 334 -5.56 30.99 -24.18
CA ARG B 334 -5.32 32.12 -25.07
C ARG B 334 -5.21 33.39 -24.23
N ASP B 335 -6.22 33.59 -23.37
CA ASP B 335 -6.30 34.77 -22.51
C ASP B 335 -5.06 34.84 -21.59
N PHE B 336 -4.53 33.67 -21.16
CA PHE B 336 -3.34 33.66 -20.32
C PHE B 336 -2.11 34.11 -21.11
N ALA B 337 -1.95 33.55 -22.33
CA ALA B 337 -0.89 33.91 -23.26
C ALA B 337 -0.93 35.42 -23.61
N LEU B 338 -2.09 35.95 -24.03
CA LEU B 338 -2.19 37.35 -24.44
C LEU B 338 -1.68 38.24 -23.30
N LYS B 339 -2.19 38.00 -22.08
CA LYS B 339 -1.79 38.74 -20.89
C LYS B 339 -0.27 38.65 -20.65
N HIS B 340 0.30 37.43 -20.71
CA HIS B 340 1.55 37.11 -20.04
C HIS B 340 2.75 36.91 -20.98
N LEU B 341 2.55 36.33 -22.18
CA LEU B 341 3.65 36.12 -23.12
C LEU B 341 3.24 36.39 -24.57
N PRO B 342 2.64 37.57 -24.87
CA PRO B 342 2.10 37.86 -26.20
C PRO B 342 3.10 37.94 -27.36
N ASP B 343 4.36 38.26 -27.07
CA ASP B 343 5.39 38.45 -28.07
C ASP B 343 6.20 37.16 -28.33
N ASP B 344 5.97 36.10 -27.54
CA ASP B 344 6.63 34.82 -27.79
C ASP B 344 6.28 34.35 -29.20
N GLU B 345 7.30 33.90 -29.93
CA GLU B 345 7.16 33.62 -31.34
C GLU B 345 6.29 32.40 -31.57
N LEU B 346 6.47 31.33 -30.79
CA LEU B 346 5.67 30.11 -30.99
C LEU B 346 4.21 30.42 -30.65
N PHE B 347 3.97 31.27 -29.64
CA PHE B 347 2.61 31.70 -29.32
C PHE B 347 1.92 32.42 -30.49
N LYS B 348 2.68 33.32 -31.15
CA LYS B 348 2.25 34.03 -32.34
C LYS B 348 1.79 33.07 -33.44
N ILE B 349 2.42 31.89 -33.55
CA ILE B 349 2.02 30.91 -34.57
C ILE B 349 0.66 30.29 -34.17
N VAL B 350 0.55 29.89 -32.89
CA VAL B 350 -0.67 29.34 -32.33
C VAL B 350 -1.79 30.39 -32.50
N SER B 351 -1.45 31.64 -32.23
CA SER B 351 -2.41 32.73 -32.34
C SER B 351 -2.88 32.86 -33.78
N LEU B 352 -1.89 32.88 -34.68
CA LEU B 352 -2.15 32.93 -36.11
C LEU B 352 -3.02 31.75 -36.52
N CYS B 353 -2.80 30.55 -35.95
CA CYS B 353 -3.59 29.37 -36.27
C CYS B 353 -5.07 29.57 -35.88
N TYR B 354 -5.35 30.15 -34.71
CA TYR B 354 -6.71 30.40 -34.23
C TYR B 354 -7.53 31.26 -35.21
N GLU B 355 -6.85 32.23 -35.86
CA GLU B 355 -7.43 32.99 -36.95
C GLU B 355 -7.60 32.10 -38.20
N VAL B 356 -6.50 31.49 -38.66
CA VAL B 356 -6.42 30.96 -40.02
C VAL B 356 -7.03 29.56 -40.13
N ILE B 357 -6.80 28.70 -39.13
CA ILE B 357 -7.06 27.28 -39.32
C ILE B 357 -8.57 27.01 -39.30
N PRO B 358 -9.39 27.65 -38.43
CA PRO B 358 -10.85 27.53 -38.51
C PRO B 358 -11.47 27.98 -39.83
N GLU B 359 -10.88 28.99 -40.49
CA GLU B 359 -11.41 29.50 -41.76
C GLU B 359 -11.19 28.47 -42.86
N VAL B 360 -10.01 27.82 -42.88
CA VAL B 360 -9.64 26.86 -43.90
C VAL B 360 -10.41 25.54 -43.73
N LEU B 361 -10.79 25.23 -42.48
CA LEU B 361 -11.54 24.02 -42.16
C LEU B 361 -12.99 24.16 -42.64
N LYS B 362 -13.60 25.34 -42.43
CA LYS B 362 -14.97 25.63 -42.86
C LYS B 362 -15.08 25.59 -44.38
N LYS B 363 -14.03 26.08 -45.05
CA LYS B 363 -13.94 26.11 -46.49
C LYS B 363 -13.62 24.72 -47.06
N HIS B 364 -13.09 23.82 -46.24
CA HIS B 364 -12.72 22.50 -46.70
C HIS B 364 -13.90 21.54 -46.52
N GLY B 365 -14.80 21.86 -45.57
CA GLY B 365 -16.19 21.42 -45.63
C GLY B 365 -16.45 19.99 -45.11
N LYS B 366 -15.45 19.41 -44.44
CA LYS B 366 -15.51 18.02 -44.00
C LYS B 366 -15.88 17.97 -42.50
N ALA B 367 -15.10 18.70 -41.68
CA ALA B 367 -15.23 18.70 -40.23
C ALA B 367 -16.33 19.65 -39.79
N LYS B 368 -17.33 19.11 -39.09
CA LYS B 368 -18.39 19.91 -38.49
C LYS B 368 -17.82 20.79 -37.38
N ASN B 369 -16.63 20.43 -36.86
CA ASN B 369 -15.90 21.28 -35.93
C ASN B 369 -14.63 21.83 -36.56
N PRO B 370 -14.57 23.15 -36.83
CA PRO B 370 -13.33 23.79 -37.27
C PRO B 370 -12.43 24.34 -36.16
N TRP B 371 -12.84 24.13 -34.89
CA TRP B 371 -12.28 24.83 -33.75
C TRP B 371 -11.26 23.98 -32.98
N PRO B 372 -10.30 24.60 -32.26
CA PRO B 372 -9.33 23.83 -31.49
C PRO B 372 -9.83 23.22 -30.16
N ASN B 373 -9.00 22.32 -29.59
CA ASN B 373 -9.13 21.85 -28.21
C ASN B 373 -7.98 22.39 -27.34
N VAL B 374 -7.96 21.92 -26.09
CA VAL B 374 -7.02 22.28 -25.05
C VAL B 374 -5.56 22.00 -25.44
N ASP B 375 -5.31 20.89 -26.14
CA ASP B 375 -3.95 20.44 -26.41
C ASP B 375 -3.25 21.30 -27.49
N ALA B 376 -4.01 22.21 -28.12
CA ALA B 376 -3.47 23.12 -29.12
C ALA B 376 -2.59 24.17 -28.44
N HIS B 377 -2.90 24.47 -27.17
CA HIS B 377 -2.40 25.70 -26.57
C HIS B 377 -1.39 25.43 -25.46
N SER B 378 -1.41 24.22 -24.89
CA SER B 378 -0.70 23.93 -23.65
C SER B 378 0.82 23.85 -23.87
N GLY B 379 1.26 23.18 -24.93
CA GLY B 379 2.69 22.94 -25.13
C GLY B 379 3.52 24.22 -25.23
N VAL B 380 3.01 25.26 -25.91
CA VAL B 380 3.80 26.48 -26.07
C VAL B 380 3.90 27.23 -24.74
N LEU B 381 2.89 27.12 -23.86
CA LEU B 381 2.96 27.79 -22.58
C LEU B 381 4.08 27.21 -21.72
N LEU B 382 4.21 25.87 -21.74
CA LEU B 382 5.23 25.16 -20.99
C LEU B 382 6.61 25.48 -21.56
N TRP B 383 6.77 25.39 -22.89
CA TRP B 383 8.06 25.61 -23.53
C TRP B 383 8.54 27.05 -23.29
N HIS B 384 7.63 28.02 -23.21
CA HIS B 384 8.06 29.41 -23.08
C HIS B 384 8.81 29.58 -21.75
N TYR B 385 8.22 29.08 -20.67
CA TYR B 385 8.79 29.26 -19.35
C TYR B 385 9.95 28.30 -19.08
N GLY B 386 10.43 27.56 -20.09
CA GLY B 386 11.58 26.69 -19.95
C GLY B 386 11.31 25.21 -19.58
N ILE B 387 10.06 24.73 -19.53
CA ILE B 387 9.81 23.30 -19.41
C ILE B 387 9.84 22.67 -20.81
N ARG B 388 10.97 22.09 -21.22
CA ARG B 388 11.23 21.70 -22.61
C ARG B 388 11.32 20.19 -22.83
N GLU B 389 11.05 19.42 -21.78
CA GLU B 389 11.21 17.99 -21.78
C GLU B 389 9.89 17.34 -22.16
N TYR B 390 9.72 17.10 -23.46
CA TYR B 390 8.50 16.56 -24.05
C TYR B 390 7.90 15.40 -23.25
N ASP B 391 8.70 14.35 -23.01
CA ASP B 391 8.20 13.15 -22.36
C ASP B 391 7.50 13.44 -21.03
N PHE B 392 7.97 14.48 -20.31
CA PHE B 392 7.46 14.87 -19.01
C PHE B 392 6.11 15.58 -19.11
N TYR B 393 5.70 16.02 -20.31
CA TYR B 393 4.42 16.75 -20.44
C TYR B 393 3.28 15.86 -19.95
N THR B 394 3.33 14.57 -20.26
CA THR B 394 2.26 13.67 -19.86
C THR B 394 2.19 13.58 -18.34
N VAL B 395 3.31 13.84 -17.65
CA VAL B 395 3.29 13.71 -16.19
C VAL B 395 2.49 14.87 -15.59
N LEU B 396 2.73 16.09 -16.09
CA LEU B 396 1.95 17.26 -15.73
C LEU B 396 0.45 16.99 -15.97
N PHE B 397 0.15 16.45 -17.14
CA PHE B 397 -1.23 16.11 -17.44
C PHE B 397 -1.79 15.19 -16.35
N GLY B 398 -0.95 14.20 -15.98
CA GLY B 398 -1.29 13.18 -15.00
C GLY B 398 -1.59 13.77 -13.63
N VAL B 399 -0.72 14.67 -13.19
CA VAL B 399 -0.93 15.36 -11.91
C VAL B 399 -2.27 16.09 -11.97
N SER B 400 -2.56 16.81 -13.05
CA SER B 400 -3.86 17.48 -13.15
C SER B 400 -5.01 16.48 -13.06
N ARG B 401 -4.96 15.47 -13.94
CA ARG B 401 -6.09 14.56 -14.09
C ARG B 401 -6.41 13.82 -12.80
N ALA B 402 -5.50 13.82 -11.82
CA ALA B 402 -5.74 13.13 -10.55
C ALA B 402 -6.87 13.78 -9.76
N LEU B 403 -7.07 15.09 -10.01
CA LEU B 403 -8.11 15.82 -9.31
C LEU B 403 -9.46 15.19 -9.66
N GLY B 404 -9.70 15.07 -10.96
CA GLY B 404 -10.92 14.44 -11.46
C GLY B 404 -11.00 12.96 -11.10
N CYS B 405 -9.89 12.22 -11.23
CA CYS B 405 -9.97 10.78 -11.01
C CYS B 405 -10.28 10.49 -9.56
N THR B 406 -9.73 11.31 -8.64
CA THR B 406 -9.99 11.11 -7.23
C THR B 406 -11.41 11.52 -6.87
N ALA B 407 -11.86 12.65 -7.40
CA ALA B 407 -13.24 13.07 -7.22
C ALA B 407 -14.19 11.94 -7.58
N GLN B 408 -13.98 11.39 -8.77
CA GLN B 408 -14.88 10.40 -9.34
C GLN B 408 -14.88 9.11 -8.52
N ALA B 409 -13.70 8.70 -8.05
CA ALA B 409 -13.58 7.45 -7.32
C ALA B 409 -14.19 7.61 -5.94
N ILE B 410 -14.11 8.81 -5.37
CA ILE B 410 -14.77 9.05 -4.08
C ILE B 410 -16.29 8.99 -4.25
N LEU B 411 -16.81 9.67 -5.28
CA LEU B 411 -18.22 9.71 -5.59
C LEU B 411 -18.79 8.31 -5.82
N VAL B 412 -18.15 7.46 -6.64
CA VAL B 412 -18.81 6.24 -7.08
C VAL B 412 -18.75 5.21 -5.96
N ARG B 413 -17.77 5.32 -5.06
CA ARG B 413 -17.79 4.46 -3.88
C ARG B 413 -18.82 4.99 -2.89
N GLY B 414 -19.08 6.30 -2.91
CA GLY B 414 -20.19 6.85 -2.15
C GLY B 414 -21.55 6.35 -2.64
N TYR B 415 -21.68 6.19 -3.97
CA TYR B 415 -22.91 5.70 -4.61
C TYR B 415 -23.05 4.18 -4.55
N MET B 416 -21.91 3.50 -4.36
CA MET B 416 -21.86 2.06 -4.28
C MET B 416 -22.21 1.44 -5.63
N LEU B 417 -21.74 2.04 -6.73
CA LEU B 417 -21.83 1.36 -8.01
C LEU B 417 -21.12 0.01 -7.97
N PRO B 418 -21.61 -0.99 -8.70
CA PRO B 418 -21.03 -2.34 -8.60
C PRO B 418 -19.83 -2.49 -9.54
N ILE B 419 -19.25 -3.69 -9.57
CA ILE B 419 -18.10 -3.98 -10.40
C ILE B 419 -18.45 -3.85 -11.88
N GLU B 420 -17.51 -3.33 -12.66
CA GLU B 420 -17.67 -3.29 -14.10
C GLU B 420 -17.37 -4.67 -14.69
N ARG B 421 -18.41 -5.31 -15.27
CA ARG B 421 -18.22 -6.58 -15.96
C ARG B 421 -19.15 -6.62 -17.19
N PRO B 422 -18.72 -6.00 -18.30
CA PRO B 422 -19.33 -6.20 -19.60
C PRO B 422 -19.19 -7.62 -20.13
N LYS B 423 -19.96 -7.94 -21.17
CA LYS B 423 -19.89 -9.21 -21.89
C LYS B 423 -19.03 -9.02 -23.13
N SER B 424 -18.07 -9.91 -23.39
CA SER B 424 -17.35 -9.89 -24.64
C SER B 424 -18.03 -10.86 -25.60
N ILE B 425 -17.77 -10.72 -26.91
CA ILE B 425 -18.32 -11.57 -27.95
C ILE B 425 -17.18 -12.10 -28.81
N THR B 426 -17.42 -13.25 -29.43
CA THR B 426 -16.45 -13.83 -30.34
C THR B 426 -16.79 -13.44 -31.77
N THR B 427 -15.74 -13.26 -32.59
CA THR B 427 -15.85 -13.16 -34.03
C THR B 427 -16.62 -14.37 -34.59
N ARG B 428 -16.46 -15.56 -34.00
CA ARG B 428 -17.23 -16.72 -34.39
C ARG B 428 -18.75 -16.47 -34.35
N TRP B 429 -19.28 -16.14 -33.16
CA TRP B 429 -20.69 -15.79 -32.96
C TRP B 429 -21.15 -14.72 -33.95
N VAL B 430 -20.35 -13.66 -34.10
CA VAL B 430 -20.70 -12.59 -35.02
C VAL B 430 -20.99 -13.20 -36.40
N LYS B 431 -20.01 -13.90 -36.97
CA LYS B 431 -20.13 -14.50 -38.29
C LYS B 431 -21.33 -15.46 -38.36
N GLU B 432 -21.56 -16.27 -37.31
CA GLU B 432 -22.72 -17.16 -37.32
C GLU B 432 -24.03 -16.37 -37.36
N VAL B 433 -24.07 -15.18 -36.76
CA VAL B 433 -25.31 -14.53 -36.36
C VAL B 433 -25.51 -13.18 -37.07
N ALA B 434 -24.54 -12.74 -37.87
CA ALA B 434 -24.53 -11.36 -38.35
C ALA B 434 -25.75 -11.09 -39.24
N GLU B 435 -25.83 -11.80 -40.38
CA GLU B 435 -26.96 -11.74 -41.33
C GLU B 435 -28.30 -11.75 -40.61
N SER B 436 -28.38 -12.58 -39.55
CA SER B 436 -29.58 -12.79 -38.75
C SER B 436 -30.00 -11.54 -37.97
N LEU B 437 -29.15 -10.52 -37.94
CA LEU B 437 -29.34 -9.39 -37.03
C LEU B 437 -29.94 -8.19 -37.78
N PRO B 438 -30.87 -7.46 -37.12
CA PRO B 438 -31.47 -6.26 -37.70
C PRO B 438 -30.47 -5.11 -37.77
N VAL B 439 -30.51 -4.33 -38.86
CA VAL B 439 -29.80 -3.06 -38.93
C VAL B 439 -30.47 -2.09 -37.95
N ALA B 440 -29.65 -1.24 -37.30
CA ALA B 440 -30.10 -0.45 -36.16
C ALA B 440 -30.80 0.81 -36.66
N GLY B 441 -31.82 1.24 -35.91
CA GLY B 441 -32.73 2.28 -36.36
C GLY B 441 -33.46 1.92 -37.66
N SER B 442 -33.70 0.62 -37.89
CA SER B 442 -34.37 0.18 -39.11
C SER B 442 -35.73 -0.38 -38.75
N LYS B 443 -36.53 -0.64 -39.80
CA LYS B 443 -37.88 -1.15 -39.64
C LYS B 443 -37.78 -2.56 -39.04
N LEU B 444 -36.86 -3.39 -39.57
CA LEU B 444 -36.63 -4.71 -39.01
C LEU B 444 -36.26 -4.59 -37.52
N ALA B 445 -35.37 -3.64 -37.17
CA ALA B 445 -34.94 -3.42 -35.79
C ALA B 445 -36.13 -3.04 -34.90
N ALA B 446 -37.01 -2.19 -35.43
CA ALA B 446 -38.28 -1.87 -34.76
C ALA B 446 -39.13 -3.13 -34.62
N ALA B 447 -39.08 -4.02 -35.62
CA ALA B 447 -39.85 -5.25 -35.60
C ALA B 447 -39.46 -6.09 -34.39
N LEU B 448 -38.15 -6.28 -34.20
CA LEU B 448 -37.66 -7.09 -33.09
C LEU B 448 -37.59 -6.23 -31.84
N GLU B 449 -38.77 -5.79 -31.35
CA GLU B 449 -38.93 -4.81 -30.28
C GLU B 449 -37.94 -3.66 -30.52
N MET C 1 31.91 20.94 31.94
CA MET C 1 30.68 20.23 32.41
C MET C 1 30.84 19.90 33.90
N LYS C 2 29.93 20.45 34.71
CA LYS C 2 30.03 20.24 36.14
C LYS C 2 30.07 18.74 36.43
N LEU C 3 29.23 17.97 35.72
CA LEU C 3 29.18 16.54 35.98
C LEU C 3 30.58 15.93 35.96
N LYS C 4 31.39 16.27 34.97
CA LYS C 4 32.68 15.60 34.82
C LYS C 4 33.60 16.03 35.98
N GLU C 5 33.69 17.34 36.22
CA GLU C 5 34.53 17.90 37.26
C GLU C 5 34.26 17.13 38.55
N ARG C 6 32.98 16.94 38.86
CA ARG C 6 32.61 16.32 40.13
C ARG C 6 33.05 14.86 40.13
N LEU C 7 32.91 14.20 38.97
CA LEU C 7 33.28 12.80 38.92
C LEU C 7 34.80 12.68 39.04
N ALA C 8 35.52 13.68 38.51
CA ALA C 8 36.99 13.73 38.56
C ALA C 8 37.50 13.63 39.98
N GLU C 9 36.80 14.32 40.90
CA GLU C 9 37.08 14.26 42.34
C GLU C 9 36.55 13.00 43.03
N LEU C 10 35.36 12.52 42.71
CA LEU C 10 34.76 11.45 43.50
C LEU C 10 35.34 10.10 43.11
N ILE C 11 35.57 9.86 41.81
CA ILE C 11 35.91 8.52 41.37
C ILE C 11 37.23 8.04 41.98
N PRO C 12 38.32 8.84 42.01
CA PRO C 12 39.54 8.41 42.70
C PRO C 12 39.31 8.07 44.16
N GLN C 13 38.45 8.85 44.84
CA GLN C 13 38.05 8.55 46.21
C GLN C 13 37.35 7.20 46.30
N TRP C 14 36.30 7.01 45.48
CA TRP C 14 35.53 5.77 45.50
C TRP C 14 36.43 4.58 45.20
N ARG C 15 37.35 4.81 44.27
CA ARG C 15 38.26 3.75 43.85
C ARG C 15 39.08 3.29 45.05
N ALA C 16 39.65 4.27 45.79
CA ALA C 16 40.48 4.03 46.97
C ALA C 16 39.68 3.27 48.04
N GLU C 17 38.42 3.64 48.25
CA GLU C 17 37.58 3.02 49.25
C GLU C 17 37.29 1.57 48.85
N VAL C 18 37.04 1.36 47.55
CA VAL C 18 36.70 0.03 47.09
C VAL C 18 37.89 -0.89 47.26
N ALA C 19 39.08 -0.40 46.89
CA ALA C 19 40.29 -1.20 47.04
C ALA C 19 40.43 -1.71 48.48
N GLU C 20 40.14 -0.83 49.45
CA GLU C 20 40.32 -1.11 50.87
C GLU C 20 39.24 -2.08 51.34
N ILE C 21 38.00 -1.92 50.84
CA ILE C 21 36.93 -2.85 51.18
C ILE C 21 37.29 -4.25 50.71
N ARG C 22 37.79 -4.40 49.47
CA ARG C 22 38.12 -5.72 48.95
C ARG C 22 39.23 -6.35 49.80
N LYS C 23 40.17 -5.52 50.25
CA LYS C 23 41.32 -5.93 51.03
C LYS C 23 40.88 -6.42 52.41
N LYS C 24 40.23 -5.54 53.18
CA LYS C 24 39.94 -5.77 54.58
C LYS C 24 38.77 -6.74 54.74
N TYR C 25 37.77 -6.66 53.86
CA TYR C 25 36.48 -7.31 54.10
C TYR C 25 36.11 -8.35 53.04
N GLY C 26 37.02 -8.68 52.12
CA GLY C 26 36.76 -9.69 51.10
C GLY C 26 36.23 -10.99 51.68
N ASN C 27 36.71 -11.36 52.87
CA ASN C 27 36.52 -12.71 53.39
C ASN C 27 35.27 -12.78 54.28
N ARG C 28 34.58 -11.65 54.47
CA ARG C 28 33.35 -11.61 55.24
C ARG C 28 32.20 -12.29 54.48
N LYS C 29 31.52 -13.21 55.18
CA LYS C 29 30.41 -13.96 54.62
C LYS C 29 29.14 -13.13 54.71
N THR C 30 28.37 -13.12 53.61
CA THR C 30 27.10 -12.43 53.58
C THR C 30 25.96 -13.43 53.68
N MET C 31 26.16 -14.65 53.13
CA MET C 31 25.12 -15.66 53.16
C MET C 31 25.70 -16.97 52.66
N ASP C 32 24.87 -18.00 52.65
CA ASP C 32 25.27 -19.28 52.10
C ASP C 32 24.92 -19.31 50.61
N CYS C 33 25.77 -19.96 49.83
CA CYS C 33 25.44 -20.24 48.45
C CYS C 33 24.95 -21.69 48.40
N THR C 34 23.92 -21.93 47.59
CA THR C 34 23.22 -23.20 47.67
C THR C 34 23.04 -23.80 46.28
N ILE C 35 22.70 -25.08 46.28
CA ILE C 35 22.45 -25.81 45.05
C ILE C 35 21.24 -25.20 44.36
N GLY C 36 20.28 -24.68 45.15
CA GLY C 36 19.09 -24.04 44.59
C GLY C 36 19.39 -22.69 43.92
N HIS C 37 20.45 -22.03 44.36
CA HIS C 37 20.93 -20.80 43.75
C HIS C 37 21.44 -21.03 42.32
N ALA C 38 22.18 -22.12 42.15
CA ALA C 38 22.81 -22.47 40.88
C ALA C 38 21.78 -22.90 39.85
N TYR C 39 20.74 -23.63 40.30
CA TYR C 39 19.67 -24.12 39.43
C TYR C 39 18.45 -23.21 39.46
N GLY C 40 18.49 -22.13 40.23
CA GLY C 40 17.34 -21.26 40.39
C GLY C 40 17.68 -19.84 39.95
N GLY C 41 18.57 -19.73 38.96
CA GLY C 41 19.01 -18.44 38.43
C GLY C 41 19.45 -17.44 39.50
N MET C 42 20.13 -17.90 40.56
CA MET C 42 20.81 -17.04 41.52
C MET C 42 19.87 -16.23 42.42
N ARG C 43 18.61 -16.64 42.56
CA ARG C 43 17.65 -15.79 43.25
C ARG C 43 18.16 -15.46 44.68
N GLY C 44 18.28 -14.18 44.99
CA GLY C 44 18.71 -13.73 46.32
C GLY C 44 20.22 -13.84 46.53
N LEU C 45 20.95 -14.35 45.54
CA LEU C 45 22.38 -14.54 45.75
C LEU C 45 23.06 -13.20 45.56
N LYS C 46 23.75 -12.73 46.60
CA LYS C 46 24.29 -11.38 46.67
C LYS C 46 25.63 -11.29 45.93
N ALA C 47 25.59 -11.49 44.61
CA ALA C 47 26.81 -11.74 43.84
C ALA C 47 27.30 -10.55 43.02
N LEU C 48 26.72 -9.34 43.17
CA LEU C 48 26.99 -8.17 42.33
C LEU C 48 26.99 -6.91 43.20
N VAL C 49 27.66 -5.85 42.73
CA VAL C 49 27.64 -4.52 43.32
C VAL C 49 27.00 -3.48 42.38
N CYS C 50 26.30 -2.51 42.98
CA CYS C 50 25.56 -1.46 42.29
C CYS C 50 25.23 -0.35 43.27
N ASP C 51 25.72 0.86 43.01
CA ASP C 51 25.60 1.98 43.91
C ASP C 51 24.63 3.00 43.32
N THR C 52 24.14 2.78 42.10
CA THR C 52 23.22 3.75 41.51
C THR C 52 21.86 3.70 42.19
N SER C 53 21.39 2.50 42.50
CA SER C 53 20.03 2.30 43.00
C SER C 53 19.98 1.03 43.83
N GLU C 54 18.95 0.93 44.68
CA GLU C 54 18.78 -0.23 45.54
C GLU C 54 17.28 -0.46 45.72
N VAL C 55 16.85 -1.72 45.65
CA VAL C 55 15.43 -2.05 45.77
C VAL C 55 15.21 -2.69 47.14
N PHE C 56 14.45 -1.97 47.98
CA PHE C 56 14.02 -2.44 49.29
C PHE C 56 12.70 -3.19 49.15
N PRO C 57 12.64 -4.50 49.49
CA PRO C 57 11.39 -5.26 49.35
C PRO C 57 10.15 -4.63 50.00
N ASP C 58 10.36 -3.74 50.99
CA ASP C 58 9.27 -3.16 51.76
C ASP C 58 9.04 -1.69 51.41
N GLU C 59 9.92 -1.07 50.59
CA GLU C 59 9.71 0.32 50.16
C GLU C 59 9.85 0.51 48.64
N GLY C 60 10.45 -0.47 47.93
CA GLY C 60 10.76 -0.33 46.51
C GLY C 60 12.08 0.41 46.26
N VAL C 61 12.18 1.08 45.11
CA VAL C 61 13.48 1.42 44.59
C VAL C 61 13.90 2.78 45.15
N LYS C 62 15.16 2.89 45.56
CA LYS C 62 15.72 4.20 45.82
C LYS C 62 16.89 4.47 44.89
N PHE C 63 16.95 5.72 44.43
CA PHE C 63 18.00 6.22 43.58
C PHE C 63 19.01 6.98 44.45
N ARG C 64 20.15 6.36 44.72
CA ARG C 64 21.18 6.96 45.53
C ARG C 64 20.60 7.45 46.86
N GLY C 65 19.76 6.62 47.51
CA GLY C 65 19.21 6.93 48.83
C GLY C 65 17.88 7.67 48.79
N TYR C 66 17.44 8.13 47.61
CA TYR C 66 16.25 8.97 47.50
C TYR C 66 15.07 8.18 46.93
N THR C 67 13.89 8.37 47.52
CA THR C 67 12.69 7.71 47.05
C THR C 67 12.16 8.49 45.86
N ILE C 68 11.28 7.82 45.13
CA ILE C 68 10.71 8.46 43.96
C ILE C 68 9.91 9.68 44.39
N PRO C 69 9.07 9.66 45.46
CA PRO C 69 8.43 10.89 45.96
C PRO C 69 9.36 12.05 46.30
N GLU C 70 10.47 11.76 46.98
CA GLU C 70 11.43 12.81 47.30
C GLU C 70 11.85 13.53 46.03
N LEU C 71 12.08 12.79 44.92
CA LEU C 71 12.69 13.37 43.72
C LEU C 71 11.65 13.99 42.78
N ARG C 72 10.40 13.53 42.89
CA ARG C 72 9.33 13.93 41.98
C ARG C 72 8.47 15.03 42.60
N GLU C 73 8.29 14.97 43.92
CA GLU C 73 7.29 15.81 44.57
C GLU C 73 7.98 16.65 45.61
N GLY C 74 9.01 16.05 46.24
CA GLY C 74 9.24 16.11 47.67
C GLY C 74 10.16 17.25 48.03
N PRO C 75 10.89 17.15 49.16
CA PRO C 75 11.81 18.22 49.56
C PRO C 75 13.02 18.35 48.62
N HIS C 76 13.25 17.33 47.77
CA HIS C 76 14.45 17.23 46.96
C HIS C 76 14.10 17.10 45.48
N LYS C 77 13.14 17.92 45.03
CA LYS C 77 12.58 17.72 43.70
C LYS C 77 13.64 17.96 42.64
N LEU C 78 13.83 16.98 41.74
CA LEU C 78 14.74 17.17 40.64
C LEU C 78 14.23 18.28 39.74
N PRO C 79 15.14 19.00 39.04
CA PRO C 79 14.71 20.01 38.08
C PRO C 79 13.78 19.42 37.01
N THR C 80 12.88 20.29 36.53
CA THR C 80 11.88 19.98 35.53
C THR C 80 12.14 20.79 34.25
N ALA C 81 11.26 20.62 33.26
CA ALA C 81 11.22 21.51 32.10
C ALA C 81 10.52 22.80 32.50
N GLU C 82 10.82 23.87 31.77
CA GLU C 82 10.12 25.12 31.98
C GLU C 82 8.61 24.89 31.85
N GLY C 83 7.86 25.19 32.91
CA GLY C 83 6.41 25.09 32.88
C GLY C 83 5.93 23.68 33.21
N GLY C 84 6.88 22.81 33.60
CA GLY C 84 6.63 21.40 33.81
C GLY C 84 6.59 20.98 35.28
N PHE C 85 6.04 19.78 35.52
CA PHE C 85 6.01 19.17 36.82
C PHE C 85 6.97 17.98 36.88
N GLU C 86 7.00 17.15 35.85
CA GLU C 86 7.67 15.86 35.98
C GLU C 86 9.17 16.11 35.93
N PRO C 87 9.96 15.31 36.67
CA PRO C 87 11.41 15.47 36.67
C PRO C 87 12.07 15.03 35.37
N LEU C 88 13.11 15.79 34.96
CA LEU C 88 13.95 15.48 33.82
C LEU C 88 14.88 14.31 34.12
N PRO C 89 14.88 13.26 33.28
CA PRO C 89 15.87 12.19 33.39
C PRO C 89 17.32 12.65 33.35
N GLU C 90 17.58 13.77 32.65
CA GLU C 90 18.91 14.37 32.64
C GLU C 90 19.37 14.55 34.09
N GLY C 91 18.47 15.05 34.96
CA GLY C 91 18.88 15.37 36.32
C GLY C 91 19.07 14.12 37.15
N LEU C 92 18.17 13.15 36.91
CA LEU C 92 18.31 11.89 37.59
C LEU C 92 19.67 11.26 37.26
N TRP C 93 20.08 11.34 35.98
CA TRP C 93 21.34 10.77 35.53
C TRP C 93 22.50 11.36 36.33
N TYR C 94 22.52 12.69 36.47
CA TYR C 94 23.50 13.37 37.33
C TYR C 94 23.52 12.74 38.72
N LEU C 95 22.33 12.54 39.31
CA LEU C 95 22.22 11.93 40.61
C LEU C 95 22.84 10.54 40.61
N LEU C 96 22.48 9.70 39.63
CA LEU C 96 22.94 8.32 39.66
C LEU C 96 24.46 8.28 39.63
N LEU C 97 25.08 9.22 38.90
CA LEU C 97 26.52 9.20 38.72
C LEU C 97 27.23 9.73 39.97
N THR C 98 26.81 10.89 40.46
CA THR C 98 27.56 11.56 41.51
C THR C 98 27.03 11.25 42.91
N GLY C 99 25.75 10.91 43.01
CA GLY C 99 25.14 10.71 44.32
C GLY C 99 24.66 12.03 44.93
N GLU C 100 24.70 13.09 44.13
CA GLU C 100 24.34 14.43 44.55
C GLU C 100 23.21 14.96 43.67
N LEU C 101 22.40 15.79 44.29
CA LEU C 101 21.28 16.39 43.61
C LEU C 101 21.85 17.48 42.72
N PRO C 102 21.46 17.50 41.44
CA PRO C 102 21.98 18.49 40.51
C PRO C 102 21.33 19.85 40.75
N THR C 103 22.03 20.93 40.40
CA THR C 103 21.40 22.23 40.29
C THR C 103 20.70 22.33 38.95
N GLU C 104 19.88 23.38 38.78
CA GLU C 104 19.23 23.67 37.52
C GLU C 104 20.25 23.71 36.39
N GLU C 105 21.42 24.27 36.70
CA GLU C 105 22.42 24.51 35.69
C GLU C 105 23.10 23.19 35.33
N ASP C 106 23.34 22.33 36.32
CA ASP C 106 23.92 21.01 36.03
C ASP C 106 23.06 20.33 34.95
N VAL C 107 21.73 20.42 35.11
CA VAL C 107 20.80 19.74 34.23
C VAL C 107 20.77 20.38 32.86
N LYS C 108 20.81 21.71 32.78
CA LYS C 108 20.77 22.39 31.49
C LYS C 108 22.02 22.05 30.68
N GLU C 109 23.15 21.82 31.36
CA GLU C 109 24.39 21.40 30.73
C GLU C 109 24.25 19.98 30.16
N ILE C 110 23.58 19.09 30.88
CA ILE C 110 23.43 17.73 30.40
C ILE C 110 22.45 17.73 29.23
N SER C 111 21.33 18.47 29.34
CA SER C 111 20.37 18.61 28.24
C SER C 111 21.03 19.07 26.95
N ALA C 112 21.99 19.99 27.07
CA ALA C 112 22.64 20.63 25.93
C ALA C 112 23.65 19.69 25.30
N GLU C 113 24.38 18.96 26.15
CA GLU C 113 25.31 17.96 25.69
C GLU C 113 24.54 16.88 24.91
N PHE C 114 23.39 16.43 25.42
CA PHE C 114 22.56 15.51 24.68
C PHE C 114 22.08 16.16 23.38
N THR C 115 21.72 17.45 23.43
CA THR C 115 21.09 18.08 22.28
C THR C 115 22.09 18.19 21.11
N LYS C 116 23.33 18.56 21.41
CA LYS C 116 24.36 18.65 20.40
C LYS C 116 24.67 17.25 19.82
N ARG C 117 24.83 16.24 20.67
CA ARG C 117 25.30 14.94 20.24
C ARG C 117 24.19 14.17 19.50
N MET C 118 22.97 14.68 19.61
CA MET C 118 21.80 14.10 18.95
C MET C 118 21.92 14.34 17.45
N GLN C 119 22.73 15.34 17.09
CA GLN C 119 22.94 15.69 15.70
C GLN C 119 24.05 14.83 15.08
N ASN C 120 24.75 14.02 15.89
CA ASN C 120 25.94 13.32 15.44
C ASN C 120 25.73 11.81 15.31
N VAL C 121 24.54 11.35 14.98
CA VAL C 121 24.36 9.95 14.67
C VAL C 121 24.90 9.69 13.26
N PRO C 122 25.88 8.79 13.08
CA PRO C 122 26.43 8.49 11.76
C PRO C 122 25.38 8.08 10.72
N GLN C 123 25.60 8.47 9.47
CA GLN C 123 24.66 8.10 8.43
C GLN C 123 24.64 6.57 8.26
N TYR C 124 25.75 5.88 8.54
CA TYR C 124 25.76 4.43 8.29
C TYR C 124 24.85 3.71 9.29
N VAL C 125 24.46 4.34 10.41
CA VAL C 125 23.57 3.68 11.37
C VAL C 125 22.18 3.56 10.76
N PHE C 126 21.74 4.62 10.06
CA PHE C 126 20.50 4.59 9.29
C PHE C 126 20.59 3.57 8.14
N ASP C 127 21.72 3.49 7.44
CA ASP C 127 21.82 2.52 6.36
C ASP C 127 21.66 1.14 6.97
N VAL C 128 22.31 0.89 8.11
CA VAL C 128 22.17 -0.39 8.75
C VAL C 128 20.71 -0.63 9.12
N LEU C 129 20.02 0.40 9.63
CA LEU C 129 18.62 0.22 10.04
C LEU C 129 17.74 -0.06 8.82
N ARG C 130 18.00 0.64 7.70
CA ARG C 130 17.22 0.51 6.47
C ARG C 130 17.45 -0.84 5.80
N ALA C 131 18.63 -1.42 5.98
CA ALA C 131 18.92 -2.71 5.35
C ALA C 131 18.21 -3.85 6.06
N MET C 132 17.73 -3.60 7.28
CA MET C 132 16.96 -4.59 8.00
C MET C 132 15.54 -4.60 7.43
N PRO C 133 14.90 -5.76 7.16
CA PRO C 133 13.52 -5.77 6.69
C PRO C 133 12.61 -5.15 7.76
N VAL C 134 11.67 -4.34 7.28
CA VAL C 134 10.87 -3.45 8.07
C VAL C 134 10.00 -4.21 9.07
N ASP C 135 9.70 -5.47 8.79
CA ASP C 135 8.92 -6.30 9.70
C ASP C 135 9.81 -6.97 10.75
N THR C 136 11.10 -6.65 10.82
CA THR C 136 11.92 -7.17 11.91
C THR C 136 11.45 -6.53 13.24
N HIS C 137 11.52 -7.31 14.34
CA HIS C 137 11.10 -6.86 15.64
C HIS C 137 11.84 -5.56 16.02
N PRO C 138 11.16 -4.55 16.58
CA PRO C 138 11.79 -3.27 16.82
C PRO C 138 12.94 -3.30 17.82
N MET C 139 12.96 -4.29 18.71
CA MET C 139 14.06 -4.43 19.67
C MET C 139 15.31 -5.01 19.01
N THR C 140 15.14 -5.84 17.98
CA THR C 140 16.25 -6.35 17.16
C THR C 140 16.85 -5.21 16.37
N MET C 141 15.98 -4.37 15.78
CA MET C 141 16.46 -3.17 15.11
C MET C 141 17.21 -2.23 16.06
N PHE C 142 16.68 -2.05 17.28
CA PHE C 142 17.23 -1.15 18.23
C PHE C 142 18.62 -1.61 18.67
N ALA C 143 18.74 -2.89 19.02
CA ALA C 143 20.02 -3.46 19.40
C ALA C 143 21.05 -3.29 18.27
N ALA C 144 20.62 -3.55 17.04
CA ALA C 144 21.47 -3.50 15.87
C ALA C 144 21.96 -2.10 15.56
N GLY C 145 21.09 -1.10 15.71
CA GLY C 145 21.46 0.29 15.47
C GLY C 145 22.57 0.74 16.43
N ILE C 146 22.40 0.42 17.71
CA ILE C 146 23.34 0.73 18.76
C ILE C 146 24.68 0.05 18.49
N LEU C 147 24.64 -1.27 18.24
CA LEU C 147 25.87 -2.00 17.98
C LEU C 147 26.63 -1.40 16.81
N ALA C 148 25.96 -1.03 15.71
CA ALA C 148 26.69 -0.54 14.53
C ALA C 148 27.54 0.69 14.89
N MET C 149 27.10 1.44 15.89
CA MET C 149 27.74 2.69 16.24
C MET C 149 28.93 2.47 17.17
N GLN C 150 29.21 1.19 17.50
CA GLN C 150 30.41 0.79 18.23
C GLN C 150 31.69 1.23 17.50
N ARG C 151 31.63 1.37 16.17
CA ARG C 151 32.75 1.94 15.45
C ARG C 151 33.18 3.31 16.02
N GLU C 152 32.26 4.06 16.63
CA GLU C 152 32.62 5.39 17.11
C GLU C 152 33.10 5.35 18.55
N SER C 153 33.44 4.16 19.06
CA SER C 153 33.74 4.02 20.48
C SER C 153 35.07 4.66 20.80
N VAL C 154 35.06 5.67 21.66
CA VAL C 154 36.26 6.29 22.17
C VAL C 154 36.97 5.29 23.07
N PHE C 155 36.21 4.61 23.92
CA PHE C 155 36.81 3.68 24.83
C PHE C 155 37.52 2.59 24.06
N ALA C 156 36.91 2.07 23.00
CA ALA C 156 37.58 0.99 22.27
C ALA C 156 38.87 1.51 21.60
N LYS C 157 38.84 2.76 21.13
CA LYS C 157 39.95 3.36 20.41
C LYS C 157 41.13 3.61 21.35
N ARG C 158 40.87 4.25 22.50
CA ARG C 158 41.87 4.63 23.47
C ARG C 158 42.51 3.38 24.07
N TYR C 159 41.72 2.32 24.22
CA TYR C 159 42.23 1.10 24.80
C TYR C 159 43.25 0.47 23.86
N GLU C 160 42.93 0.39 22.55
CA GLU C 160 43.88 -0.11 21.55
C GLU C 160 45.18 0.71 21.59
N GLU C 161 45.07 2.05 21.53
CA GLU C 161 46.21 2.96 21.56
C GLU C 161 47.01 2.87 22.85
N GLY C 162 46.43 2.33 23.92
CA GLY C 162 47.07 2.27 25.22
C GLY C 162 46.61 3.45 26.08
N MET C 163 45.99 3.15 27.22
CA MET C 163 45.51 4.18 28.13
C MET C 163 45.53 3.55 29.52
N ARG C 164 45.81 4.36 30.54
CA ARG C 164 45.88 3.84 31.90
C ARG C 164 44.46 3.54 32.39
N ARG C 165 44.33 2.63 33.35
CA ARG C 165 43.03 2.15 33.78
C ARG C 165 42.23 3.29 34.40
N GLU C 166 42.93 4.39 34.75
CA GLU C 166 42.38 5.55 35.44
C GLU C 166 41.66 6.50 34.47
N GLU C 167 41.87 6.33 33.16
CA GLU C 167 41.15 7.10 32.16
C GLU C 167 39.88 6.36 31.73
N HIS C 168 39.76 5.07 32.01
CA HIS C 168 38.61 4.30 31.56
C HIS C 168 37.28 5.03 31.74
N TRP C 169 37.05 5.58 32.94
CA TRP C 169 35.74 6.15 33.22
C TRP C 169 35.45 7.36 32.35
N GLU C 170 36.48 8.09 31.96
CA GLU C 170 36.33 9.29 31.15
C GLU C 170 35.94 8.91 29.72
N ALA C 171 36.50 7.81 29.26
CA ALA C 171 36.20 7.31 27.93
C ALA C 171 34.77 6.76 27.92
N MET C 172 34.41 6.04 28.99
CA MET C 172 33.08 5.50 29.19
C MET C 172 32.07 6.64 29.25
N LEU C 173 32.47 7.77 29.81
CA LEU C 173 31.56 8.88 29.96
C LEU C 173 31.34 9.55 28.62
N GLU C 174 32.41 9.70 27.84
CA GLU C 174 32.33 10.20 26.47
C GLU C 174 31.38 9.31 25.64
N ASP C 175 31.65 8.02 25.55
CA ASP C 175 30.79 7.08 24.85
C ASP C 175 29.36 7.12 25.35
N SER C 176 29.15 7.30 26.66
CA SER C 176 27.82 7.36 27.24
C SER C 176 27.08 8.58 26.74
N LEU C 177 27.76 9.73 26.61
CA LEU C 177 27.07 10.94 26.20
C LEU C 177 26.61 10.80 24.74
N ASN C 178 27.44 10.22 23.89
CA ASN C 178 27.09 10.06 22.48
C ASN C 178 25.96 9.05 22.34
N MET C 179 26.05 7.92 23.04
CA MET C 179 25.10 6.86 22.78
C MET C 179 23.75 7.29 23.31
N LEU C 180 23.70 7.92 24.49
CA LEU C 180 22.43 8.38 25.04
C LEU C 180 21.78 9.38 24.08
N ALA C 181 22.58 10.30 23.53
CA ALA C 181 22.04 11.31 22.66
C ALA C 181 21.49 10.61 21.39
N ALA C 182 22.13 9.52 20.96
CA ALA C 182 21.69 8.79 19.79
C ALA C 182 20.41 7.97 20.01
N LEU C 183 20.17 7.46 21.22
CA LEU C 183 19.15 6.45 21.44
C LEU C 183 17.77 6.94 20.99
N PRO C 184 17.34 8.16 21.28
CA PRO C 184 16.02 8.60 20.82
C PRO C 184 15.91 8.78 19.32
N VAL C 185 17.04 9.12 18.68
CA VAL C 185 17.10 9.26 17.23
C VAL C 185 16.92 7.91 16.57
N ILE C 186 17.55 6.90 17.14
CA ILE C 186 17.49 5.56 16.61
C ILE C 186 16.12 4.94 16.88
N ALA C 187 15.60 5.13 18.11
CA ALA C 187 14.27 4.66 18.49
C ALA C 187 13.21 5.28 17.58
N ALA C 188 13.28 6.60 17.37
CA ALA C 188 12.25 7.28 16.61
C ALA C 188 12.31 6.80 15.16
N TYR C 189 13.53 6.57 14.66
CA TYR C 189 13.70 6.13 13.30
C TYR C 189 12.93 4.85 13.05
N ILE C 190 13.16 3.87 13.91
CA ILE C 190 12.44 2.60 13.89
C ILE C 190 10.93 2.85 13.98
N TYR C 191 10.50 3.71 14.92
CA TYR C 191 9.09 4.02 15.08
C TYR C 191 8.48 4.54 13.78
N ARG C 192 9.12 5.53 13.19
CA ARG C 192 8.62 6.22 12.02
C ARG C 192 8.59 5.26 10.84
N ARG C 193 9.65 4.45 10.75
CA ARG C 193 9.78 3.57 9.61
C ARG C 193 8.77 2.42 9.69
N LYS C 194 8.61 1.82 10.88
CA LYS C 194 7.72 0.68 11.03
C LYS C 194 6.25 1.13 10.96
N TYR C 195 5.92 2.28 11.55
CA TYR C 195 4.54 2.51 11.93
C TYR C 195 3.92 3.80 11.37
N LYS C 196 4.71 4.77 10.87
CA LYS C 196 4.16 6.08 10.52
C LYS C 196 4.52 6.45 9.07
N GLY C 197 4.51 5.49 8.17
CA GLY C 197 4.78 5.70 6.76
C GLY C 197 6.19 6.16 6.39
N ASP C 198 7.19 5.88 7.26
CA ASP C 198 8.60 6.05 6.88
C ASP C 198 8.85 7.51 6.53
N THR C 199 8.29 8.41 7.34
CA THR C 199 8.64 9.82 7.26
C THR C 199 9.35 10.26 8.54
N HIS C 200 10.34 11.14 8.42
CA HIS C 200 11.34 11.28 9.47
C HIS C 200 11.37 12.72 9.95
N ILE C 201 11.31 12.87 11.29
CA ILE C 201 11.25 14.16 11.92
C ILE C 201 12.59 14.40 12.61
N ALA C 202 13.18 15.57 12.34
CA ALA C 202 14.48 15.93 12.90
C ALA C 202 14.34 16.26 14.38
N PRO C 203 15.44 16.13 15.17
CA PRO C 203 15.50 16.64 16.53
C PRO C 203 15.17 18.12 16.58
N ASP C 204 14.48 18.53 17.62
CA ASP C 204 14.29 19.93 17.96
C ASP C 204 15.42 20.35 18.91
N PRO C 205 16.36 21.22 18.50
CA PRO C 205 17.43 21.67 19.41
C PRO C 205 16.99 22.43 20.65
N ASN C 206 15.69 22.75 20.78
CA ASN C 206 15.15 23.44 21.95
C ASN C 206 14.47 22.50 22.95
N LEU C 207 14.36 21.20 22.65
CA LEU C 207 13.65 20.34 23.58
C LEU C 207 14.68 19.58 24.40
N ASP C 208 14.27 19.10 25.58
CA ASP C 208 15.01 18.16 26.38
C ASP C 208 14.98 16.75 25.76
N TRP C 209 15.68 15.81 26.39
CA TRP C 209 15.99 14.54 25.78
C TRP C 209 14.72 13.69 25.58
N SER C 210 13.90 13.55 26.62
CA SER C 210 12.64 12.82 26.63
C SER C 210 11.63 13.42 25.65
N ALA C 211 11.48 14.74 25.74
CA ALA C 211 10.55 15.44 24.88
C ALA C 211 10.93 15.23 23.41
N ASN C 212 12.24 15.22 23.12
CA ASN C 212 12.69 15.03 21.74
C ASN C 212 12.28 13.68 21.18
N LEU C 213 12.39 12.61 21.96
CA LEU C 213 11.93 11.31 21.50
C LEU C 213 10.46 11.37 21.06
N ALA C 214 9.64 12.11 21.82
CA ALA C 214 8.21 12.20 21.54
C ALA C 214 8.01 13.00 20.27
N HIS C 215 8.71 14.14 20.19
CA HIS C 215 8.67 14.99 19.02
C HIS C 215 9.00 14.20 17.75
N MET C 216 10.08 13.42 17.84
CA MET C 216 10.62 12.74 16.68
C MET C 216 9.74 11.54 16.33
N MET C 217 8.89 11.10 17.27
CA MET C 217 7.94 10.01 17.05
C MET C 217 6.65 10.57 16.45
N GLY C 218 6.45 11.88 16.56
CA GLY C 218 5.22 12.45 16.00
C GLY C 218 4.28 13.09 17.03
N PHE C 219 4.69 13.21 18.30
CA PHE C 219 3.80 13.63 19.38
C PHE C 219 4.30 14.91 20.05
N ASP C 220 3.53 16.00 20.02
CA ASP C 220 4.05 17.26 20.51
C ASP C 220 3.20 17.85 21.65
N ASP C 221 2.17 17.16 22.13
CA ASP C 221 1.38 17.75 23.20
C ASP C 221 2.22 17.76 24.48
N PHE C 222 2.03 18.82 25.27
CA PHE C 222 2.74 19.02 26.51
C PHE C 222 2.59 17.80 27.43
N GLU C 223 1.37 17.28 27.52
CA GLU C 223 1.09 16.19 28.43
C GLU C 223 1.90 14.96 28.00
N VAL C 224 2.13 14.79 26.68
CA VAL C 224 2.91 13.65 26.20
C VAL C 224 4.39 13.83 26.58
N TYR C 225 4.89 15.05 26.46
CA TYR C 225 6.27 15.34 26.86
C TYR C 225 6.50 14.94 28.31
N GLU C 226 5.54 15.34 29.14
CA GLU C 226 5.51 15.06 30.57
C GLU C 226 5.43 13.57 30.84
N LEU C 227 4.58 12.85 30.11
CA LEU C 227 4.52 11.40 30.30
C LEU C 227 5.87 10.76 30.05
N PHE C 228 6.57 11.26 29.03
CA PHE C 228 7.83 10.70 28.59
C PHE C 228 8.92 11.03 29.61
N ARG C 229 8.97 12.27 30.09
CA ARG C 229 9.91 12.60 31.14
C ARG C 229 9.69 11.64 32.31
N LEU C 230 8.42 11.41 32.67
CA LEU C 230 8.13 10.58 33.84
C LEU C 230 8.50 9.13 33.55
N TYR C 231 8.09 8.67 32.36
CA TYR C 231 8.41 7.32 31.88
C TYR C 231 9.92 7.08 31.95
N MET C 232 10.70 8.00 31.37
CA MET C 232 12.15 7.84 31.30
C MET C 232 12.80 7.83 32.69
N PHE C 233 12.30 8.72 33.58
CA PHE C 233 12.70 8.76 34.99
C PHE C 233 12.43 7.42 35.68
N LEU C 234 11.22 6.92 35.53
CA LEU C 234 10.79 5.80 36.36
C LEU C 234 11.49 4.51 35.97
N HIS C 235 11.81 4.35 34.69
CA HIS C 235 12.35 3.07 34.22
C HIS C 235 13.88 3.09 34.15
N SER C 236 14.54 4.16 34.63
CA SER C 236 15.99 4.36 34.44
C SER C 236 16.84 3.25 35.04
N ASP C 237 16.48 2.77 36.22
CA ASP C 237 17.39 1.88 36.93
C ASP C 237 16.58 1.11 37.94
N HIS C 238 17.03 -0.12 38.20
CA HIS C 238 16.38 -0.94 39.21
C HIS C 238 17.36 -1.98 39.73
N GLU C 239 18.46 -1.50 40.34
CA GLU C 239 19.52 -2.36 40.83
C GLU C 239 20.38 -2.91 39.67
N GLY C 240 21.33 -3.78 40.02
CA GLY C 240 22.28 -4.32 39.06
C GLY C 240 21.92 -5.73 38.67
N GLY C 241 20.84 -6.24 39.25
CA GLY C 241 20.57 -7.67 39.22
C GLY C 241 19.59 -8.12 38.16
N ASN C 242 18.80 -7.20 37.61
CA ASN C 242 17.89 -7.57 36.54
C ASN C 242 18.69 -7.90 35.27
N VAL C 243 18.08 -8.63 34.34
CA VAL C 243 18.75 -9.22 33.22
C VAL C 243 19.46 -8.15 32.38
N SER C 244 18.80 -7.03 32.09
CA SER C 244 19.39 -6.01 31.27
C SER C 244 20.59 -5.39 31.99
N ALA C 245 20.44 -5.00 33.25
CA ALA C 245 21.50 -4.34 33.99
C ALA C 245 22.69 -5.28 34.14
N HIS C 246 22.39 -6.55 34.35
CA HIS C 246 23.42 -7.53 34.65
C HIS C 246 24.19 -7.87 33.38
N THR C 247 23.48 -8.04 32.25
CA THR C 247 24.11 -8.26 30.98
C THR C 247 25.06 -7.09 30.65
N ASN C 248 24.62 -5.86 30.86
CA ASN C 248 25.47 -4.69 30.67
C ASN C 248 26.76 -4.84 31.50
N LEU C 249 26.64 -5.18 32.79
CA LEU C 249 27.80 -5.21 33.66
C LEU C 249 28.76 -6.33 33.25
N LEU C 250 28.19 -7.48 32.89
CA LEU C 250 28.93 -8.65 32.51
C LEU C 250 29.76 -8.41 31.27
N VAL C 251 29.16 -7.78 30.26
CA VAL C 251 29.90 -7.58 29.04
C VAL C 251 30.93 -6.47 29.27
N ASN C 252 30.52 -5.41 29.97
CA ASN C 252 31.42 -4.35 30.41
C ASN C 252 32.63 -4.91 31.16
N SER C 253 32.43 -5.97 31.95
CA SER C 253 33.49 -6.45 32.80
C SER C 253 34.67 -6.94 31.98
N ALA C 254 34.43 -7.35 30.72
CA ALA C 254 35.51 -7.78 29.83
C ALA C 254 36.13 -6.62 29.04
N TYR C 255 35.82 -5.39 29.39
CA TYR C 255 36.30 -4.19 28.76
C TYR C 255 35.65 -3.93 27.40
N SER C 256 34.50 -4.54 27.13
CA SER C 256 33.68 -4.15 26.01
C SER C 256 33.03 -2.79 26.28
N ASP C 257 33.02 -1.93 25.26
CA ASP C 257 32.49 -0.56 25.38
C ASP C 257 30.96 -0.56 25.47
N ILE C 258 30.40 0.63 25.72
CA ILE C 258 28.99 0.79 26.05
C ILE C 258 28.09 0.35 24.89
N TYR C 259 28.55 0.48 23.65
CA TYR C 259 27.77 0.08 22.49
C TYR C 259 27.55 -1.42 22.48
N ARG C 260 28.61 -2.16 22.81
CA ARG C 260 28.54 -3.60 22.94
C ARG C 260 27.83 -4.07 24.21
N SER C 261 28.04 -3.41 25.36
CA SER C 261 27.40 -3.87 26.59
C SER C 261 25.91 -3.52 26.60
N PHE C 262 25.56 -2.31 26.14
CA PHE C 262 24.17 -1.89 26.14
C PHE C 262 23.39 -2.64 25.05
N SER C 263 24.00 -2.93 23.89
CA SER C 263 23.28 -3.64 22.85
C SER C 263 23.00 -5.10 23.26
N ALA C 264 23.94 -5.75 23.94
CA ALA C 264 23.72 -7.05 24.53
C ALA C 264 22.65 -6.97 25.61
N ALA C 265 22.66 -5.89 26.40
CA ALA C 265 21.63 -5.75 27.39
C ALA C 265 20.23 -5.72 26.77
N MET C 266 20.07 -5.07 25.59
CA MET C 266 18.76 -4.93 24.96
C MET C 266 18.32 -6.26 24.35
N ASN C 267 19.27 -7.11 23.93
CA ASN C 267 18.96 -8.48 23.60
C ASN C 267 18.32 -9.21 24.79
N GLY C 268 18.71 -8.80 26.01
CA GLY C 268 18.17 -9.37 27.21
C GLY C 268 16.78 -8.80 27.49
N LEU C 269 16.65 -7.49 27.37
CA LEU C 269 15.40 -6.79 27.60
C LEU C 269 14.31 -7.25 26.63
N ALA C 270 14.72 -7.71 25.44
CA ALA C 270 13.82 -8.18 24.40
C ALA C 270 13.13 -9.51 24.75
N GLY C 271 13.68 -10.23 25.74
CA GLY C 271 13.15 -11.51 26.15
C GLY C 271 11.74 -11.38 26.76
N PRO C 272 10.80 -12.26 26.38
CA PRO C 272 9.48 -12.34 27.02
C PRO C 272 9.40 -12.15 28.53
N LEU C 273 10.36 -12.68 29.29
CA LEU C 273 10.29 -12.64 30.74
C LEU C 273 10.92 -11.37 31.29
N HIS C 274 11.47 -10.51 30.43
CA HIS C 274 12.06 -9.29 30.98
C HIS C 274 11.34 -8.05 30.49
N GLY C 275 10.98 -7.95 29.20
CA GLY C 275 10.53 -6.67 28.67
C GLY C 275 9.13 -6.63 28.05
N LEU C 276 8.31 -7.64 28.28
CA LEU C 276 7.07 -7.83 27.53
C LEU C 276 5.83 -7.51 28.39
N ALA C 277 5.98 -7.40 29.73
CA ALA C 277 4.83 -7.38 30.64
C ALA C 277 3.91 -6.17 30.41
N ASN C 278 4.48 -5.00 30.12
CA ASN C 278 3.70 -3.82 29.77
C ASN C 278 2.65 -4.17 28.70
N GLN C 279 3.08 -4.79 27.59
N GLN C 279 3.08 -4.76 27.57
N GLN C 279 3.10 -4.77 27.59
CA GLN C 279 2.19 -5.11 26.50
CA GLN C 279 2.16 -5.10 26.49
CA GLN C 279 2.24 -5.13 26.48
C GLN C 279 1.12 -6.10 26.98
C GLN C 279 1.11 -6.09 26.98
C GLN C 279 1.15 -6.11 26.95
N GLU C 280 1.54 -7.08 27.78
CA GLU C 280 0.68 -8.18 28.18
C GLU C 280 -0.43 -7.63 29.08
N VAL C 281 -0.05 -6.67 29.92
CA VAL C 281 -1.01 -6.10 30.84
C VAL C 281 -2.07 -5.41 30.01
N LEU C 282 -1.61 -4.54 29.10
CA LEU C 282 -2.52 -3.69 28.37
C LEU C 282 -3.48 -4.51 27.53
N ARG C 283 -2.98 -5.56 26.87
CA ARG C 283 -3.84 -6.46 26.10
C ARG C 283 -4.87 -7.11 27.02
N TRP C 284 -4.44 -7.47 28.22
CA TRP C 284 -5.32 -8.11 29.18
C TRP C 284 -6.43 -7.14 29.58
N ILE C 285 -6.04 -5.90 29.86
CA ILE C 285 -6.98 -4.86 30.25
C ILE C 285 -8.00 -4.63 29.13
N GLN C 286 -7.56 -4.67 27.86
CA GLN C 286 -8.44 -4.42 26.71
C GLN C 286 -9.39 -5.59 26.49
N MET C 287 -8.91 -6.79 26.88
CA MET C 287 -9.71 -8.01 26.82
C MET C 287 -10.82 -7.92 27.87
N LEU C 288 -10.56 -7.35 29.06
CA LEU C 288 -11.62 -7.12 30.03
C LEU C 288 -12.66 -6.16 29.46
N TYR C 289 -12.22 -5.02 28.92
CA TYR C 289 -13.12 -4.03 28.38
C TYR C 289 -14.12 -4.67 27.42
N LYS C 290 -13.63 -5.48 26.48
CA LYS C 290 -14.43 -6.05 25.41
C LYS C 290 -15.40 -7.11 25.94
N LYS C 291 -14.94 -7.93 26.89
CA LYS C 291 -15.71 -9.05 27.41
C LYS C 291 -16.91 -8.53 28.20
N PHE C 292 -16.72 -7.49 29.02
CA PHE C 292 -17.78 -6.97 29.87
C PHE C 292 -18.41 -5.73 29.22
N GLY C 293 -18.13 -5.48 27.93
CA GLY C 293 -18.69 -4.35 27.24
C GLY C 293 -18.56 -3.05 28.03
N GLY C 294 -17.40 -2.85 28.67
CA GLY C 294 -17.15 -1.68 29.49
C GLY C 294 -16.33 -2.02 30.75
N VAL C 295 -16.31 -1.10 31.68
CA VAL C 295 -15.63 -1.33 32.94
C VAL C 295 -16.44 -2.36 33.72
N PRO C 296 -15.84 -3.50 34.13
CA PRO C 296 -16.52 -4.42 35.03
C PRO C 296 -16.81 -3.84 36.42
N THR C 297 -17.82 -4.42 37.07
CA THR C 297 -18.06 -4.23 38.50
C THR C 297 -17.00 -5.03 39.30
N LYS C 298 -16.84 -4.70 40.58
CA LYS C 298 -15.88 -5.40 41.41
C LYS C 298 -16.14 -6.91 41.36
N GLU C 299 -17.44 -7.26 41.30
CA GLU C 299 -17.91 -8.63 41.39
C GLU C 299 -17.50 -9.37 40.12
N GLN C 300 -17.82 -8.78 38.97
CA GLN C 300 -17.40 -9.36 37.71
C GLN C 300 -15.89 -9.58 37.72
N LEU C 301 -15.12 -8.58 38.19
CA LEU C 301 -13.67 -8.63 38.04
C LEU C 301 -13.11 -9.71 38.95
N GLU C 302 -13.67 -9.79 40.17
CA GLU C 302 -13.25 -10.74 41.19
C GLU C 302 -13.47 -12.16 40.69
N ARG C 303 -14.63 -12.43 40.09
CA ARG C 303 -14.94 -13.76 39.61
C ARG C 303 -14.01 -14.16 38.47
N PHE C 304 -13.74 -13.20 37.57
CA PHE C 304 -12.88 -13.44 36.42
C PHE C 304 -11.45 -13.71 36.90
N ALA C 305 -10.97 -12.95 37.89
CA ALA C 305 -9.63 -13.19 38.42
C ALA C 305 -9.51 -14.65 38.87
N TRP C 306 -10.52 -15.10 39.64
CA TRP C 306 -10.57 -16.46 40.16
C TRP C 306 -10.61 -17.46 39.02
N ASP C 307 -11.44 -17.19 38.01
CA ASP C 307 -11.51 -18.10 36.87
C ASP C 307 -10.13 -18.21 36.23
N THR C 308 -9.45 -17.06 36.08
CA THR C 308 -8.13 -16.97 35.47
C THR C 308 -7.13 -17.84 36.25
N LEU C 309 -7.11 -17.68 37.57
CA LEU C 309 -6.12 -18.36 38.39
C LEU C 309 -6.42 -19.86 38.44
N ASN C 310 -7.70 -20.26 38.48
CA ASN C 310 -8.06 -21.68 38.54
C ASN C 310 -7.91 -22.33 37.18
N SER C 311 -7.68 -21.58 36.11
CA SER C 311 -7.29 -22.22 34.86
C SER C 311 -5.77 -22.12 34.69
N GLY C 312 -5.07 -21.78 35.78
CA GLY C 312 -3.61 -21.85 35.87
C GLY C 312 -2.92 -20.68 35.19
N GLN C 313 -3.64 -19.57 34.97
CA GLN C 313 -3.11 -18.41 34.26
C GLN C 313 -2.53 -17.45 35.28
N VAL C 314 -1.60 -16.58 34.85
CA VAL C 314 -1.16 -15.48 35.70
C VAL C 314 -2.03 -14.25 35.42
N ILE C 315 -2.11 -13.38 36.42
CA ILE C 315 -2.67 -12.05 36.26
C ILE C 315 -1.52 -11.12 35.94
N PRO C 316 -1.49 -10.49 34.75
CA PRO C 316 -0.35 -9.63 34.41
C PRO C 316 -0.25 -8.42 35.33
N GLY C 317 0.99 -8.06 35.68
CA GLY C 317 1.31 -6.76 36.21
C GLY C 317 1.35 -6.80 37.73
N TYR C 318 1.17 -8.00 38.27
CA TYR C 318 1.19 -8.19 39.70
C TYR C 318 2.33 -9.17 39.98
N GLY C 319 2.93 -9.01 41.17
CA GLY C 319 4.01 -9.88 41.58
C GLY C 319 5.34 -9.30 41.17
N HIS C 320 6.41 -9.82 41.77
CA HIS C 320 7.76 -9.36 41.47
C HIS C 320 8.75 -10.33 42.07
N ALA C 321 9.96 -10.38 41.51
CA ALA C 321 11.03 -11.21 42.05
C ALA C 321 11.45 -10.74 43.45
N VAL C 322 11.42 -9.42 43.72
CA VAL C 322 12.03 -8.93 44.95
C VAL C 322 11.10 -7.96 45.70
N LEU C 323 10.37 -7.08 44.99
CA LEU C 323 9.36 -6.23 45.62
C LEU C 323 8.41 -7.08 46.48
N ARG C 324 7.99 -6.55 47.64
CA ARG C 324 6.93 -7.15 48.43
C ARG C 324 5.92 -6.08 48.90
N VAL C 325 5.95 -4.88 48.31
CA VAL C 325 4.88 -3.90 48.49
C VAL C 325 4.49 -3.38 47.10
N THR C 326 3.51 -2.47 47.08
CA THR C 326 3.16 -1.80 45.84
C THR C 326 4.35 -0.96 45.35
N ASP C 327 4.59 -1.04 44.04
CA ASP C 327 5.77 -0.47 43.40
C ASP C 327 5.60 1.04 43.35
N PRO C 328 6.58 1.81 43.90
CA PRO C 328 6.48 3.27 43.85
C PRO C 328 6.42 3.85 42.44
N ARG C 329 6.87 3.06 41.45
CA ARG C 329 6.78 3.44 40.06
C ARG C 329 5.36 3.26 39.54
N TYR C 330 4.64 2.26 40.05
CA TYR C 330 3.19 2.16 39.79
C TYR C 330 2.47 3.38 40.37
N VAL C 331 2.81 3.72 41.61
CA VAL C 331 2.15 4.80 42.33
C VAL C 331 2.29 6.11 41.54
N ALA C 332 3.53 6.43 41.10
CA ALA C 332 3.76 7.66 40.37
C ALA C 332 2.93 7.71 39.09
N GLN C 333 2.78 6.56 38.43
CA GLN C 333 2.02 6.50 37.20
C GLN C 333 0.53 6.68 37.51
N ARG C 334 0.07 6.09 38.63
CA ARG C 334 -1.30 6.30 39.05
C ARG C 334 -1.54 7.78 39.29
N ASP C 335 -0.60 8.42 39.97
CA ASP C 335 -0.74 9.83 40.22
C ASP C 335 -0.93 10.60 38.92
N PHE C 336 -0.15 10.27 37.90
CA PHE C 336 -0.20 11.00 36.63
C PHE C 336 -1.54 10.76 35.95
N ALA C 337 -2.05 9.52 36.02
CA ALA C 337 -3.33 9.14 35.44
C ALA C 337 -4.48 9.91 36.11
N LEU C 338 -4.48 9.93 37.46
CA LEU C 338 -5.51 10.67 38.18
C LEU C 338 -5.50 12.14 37.79
N LYS C 339 -4.33 12.78 37.69
CA LYS C 339 -4.26 14.19 37.30
C LYS C 339 -4.68 14.38 35.85
N HIS C 340 -4.22 13.55 34.89
CA HIS C 340 -4.29 13.90 33.48
C HIS C 340 -5.32 13.10 32.67
N LEU C 341 -5.72 11.88 33.08
CA LEU C 341 -6.72 11.16 32.31
C LEU C 341 -7.65 10.35 33.24
N PRO C 342 -8.30 10.96 34.25
CA PRO C 342 -9.12 10.19 35.20
C PRO C 342 -10.34 9.54 34.57
N ASP C 343 -10.74 10.00 33.38
CA ASP C 343 -11.97 9.52 32.74
C ASP C 343 -11.71 8.40 31.72
N ASP C 344 -10.44 7.97 31.56
CA ASP C 344 -10.09 6.96 30.57
C ASP C 344 -10.59 5.58 31.04
N GLU C 345 -11.33 4.92 30.15
CA GLU C 345 -11.96 3.64 30.39
C GLU C 345 -10.93 2.59 30.82
N LEU C 346 -9.85 2.45 30.04
CA LEU C 346 -8.84 1.45 30.34
C LEU C 346 -8.17 1.81 31.67
N PHE C 347 -7.96 3.10 31.93
CA PHE C 347 -7.45 3.47 33.23
C PHE C 347 -8.41 3.03 34.34
N LYS C 348 -9.73 3.22 34.12
CA LYS C 348 -10.69 2.89 35.15
C LYS C 348 -10.56 1.42 35.50
N ILE C 349 -10.15 0.57 34.54
CA ILE C 349 -10.00 -0.84 34.82
C ILE C 349 -8.71 -1.11 35.60
N VAL C 350 -7.65 -0.35 35.28
CA VAL C 350 -6.38 -0.50 35.99
C VAL C 350 -6.58 -0.16 37.46
N SER C 351 -7.34 0.92 37.70
CA SER C 351 -7.65 1.41 39.04
C SER C 351 -8.47 0.37 39.82
N LEU C 352 -9.49 -0.19 39.16
CA LEU C 352 -10.32 -1.21 39.75
C LEU C 352 -9.47 -2.42 40.14
N CYS C 353 -8.56 -2.83 39.26
CA CYS C 353 -7.69 -3.95 39.56
C CYS C 353 -6.85 -3.68 40.81
N TYR C 354 -6.47 -2.41 41.01
CA TYR C 354 -5.74 -2.01 42.21
C TYR C 354 -6.55 -2.30 43.48
N GLU C 355 -7.88 -2.07 43.46
CA GLU C 355 -8.75 -2.36 44.60
C GLU C 355 -8.97 -3.87 44.78
N VAL C 356 -9.09 -4.63 43.67
CA VAL C 356 -9.63 -5.98 43.68
C VAL C 356 -8.55 -7.06 43.71
N ILE C 357 -7.54 -6.94 42.85
CA ILE C 357 -6.65 -8.05 42.56
C ILE C 357 -5.78 -8.41 43.77
N PRO C 358 -5.22 -7.46 44.54
CA PRO C 358 -4.45 -7.84 45.73
C PRO C 358 -5.23 -8.76 46.68
N GLU C 359 -6.47 -8.40 47.03
CA GLU C 359 -7.31 -9.27 47.84
C GLU C 359 -7.27 -10.70 47.30
N VAL C 360 -7.51 -10.85 46.00
CA VAL C 360 -7.63 -12.14 45.36
C VAL C 360 -6.32 -12.93 45.40
N LEU C 361 -5.19 -12.26 45.21
CA LEU C 361 -3.92 -12.98 45.11
C LEU C 361 -3.42 -13.43 46.49
N LYS C 362 -3.69 -12.64 47.54
CA LYS C 362 -3.45 -13.05 48.93
C LYS C 362 -4.17 -14.36 49.29
N LYS C 363 -5.50 -14.41 49.09
CA LYS C 363 -6.28 -15.60 49.38
C LYS C 363 -5.78 -16.79 48.56
N HIS C 364 -5.57 -16.60 47.25
CA HIS C 364 -4.98 -17.62 46.39
C HIS C 364 -3.66 -18.16 46.94
N GLY C 365 -2.81 -17.25 47.47
CA GLY C 365 -1.71 -17.61 48.37
C GLY C 365 -0.50 -18.27 47.70
N LYS C 366 -0.32 -18.12 46.38
CA LYS C 366 0.91 -18.56 45.75
C LYS C 366 1.90 -17.39 45.63
N ALA C 367 1.39 -16.20 45.30
CA ALA C 367 2.22 -15.03 45.04
C ALA C 367 2.85 -14.50 46.33
N LYS C 368 4.18 -14.41 46.32
CA LYS C 368 4.93 -13.75 47.40
C LYS C 368 4.56 -12.27 47.40
N ASN C 369 4.28 -11.72 46.23
CA ASN C 369 3.92 -10.31 46.16
C ASN C 369 2.56 -10.19 45.46
N PRO C 370 1.48 -9.82 46.20
CA PRO C 370 0.15 -9.67 45.61
C PRO C 370 -0.15 -8.27 45.07
N TRP C 371 0.86 -7.40 45.10
CA TRP C 371 0.74 -6.01 44.72
C TRP C 371 1.18 -5.80 43.27
N PRO C 372 0.73 -4.70 42.64
CA PRO C 372 1.14 -4.41 41.27
C PRO C 372 2.58 -3.89 41.16
N ASN C 373 3.16 -4.12 39.97
CA ASN C 373 4.44 -3.57 39.54
C ASN C 373 4.25 -2.43 38.56
N VAL C 374 5.35 -1.83 38.12
CA VAL C 374 5.36 -0.72 37.18
C VAL C 374 4.59 -1.07 35.91
N ASP C 375 4.69 -2.33 35.46
CA ASP C 375 4.20 -2.70 34.15
C ASP C 375 2.68 -2.81 34.12
N ALA C 376 2.03 -2.76 35.28
CA ALA C 376 0.58 -2.79 35.31
C ALA C 376 0.00 -1.45 34.85
N HIS C 377 0.79 -0.36 34.84
CA HIS C 377 0.26 0.97 34.64
C HIS C 377 0.71 1.67 33.36
N SER C 378 1.83 1.23 32.76
CA SER C 378 2.50 2.04 31.74
C SER C 378 1.70 2.03 30.45
N GLY C 379 1.22 0.84 30.08
CA GLY C 379 0.48 0.60 28.85
C GLY C 379 -0.70 1.56 28.66
N VAL C 380 -1.54 1.70 29.70
CA VAL C 380 -2.75 2.47 29.47
C VAL C 380 -2.39 3.93 29.25
N LEU C 381 -1.30 4.42 29.87
CA LEU C 381 -0.86 5.81 29.66
C LEU C 381 -0.45 5.99 28.20
N LEU C 382 0.48 5.16 27.73
CA LEU C 382 0.95 5.26 26.36
C LEU C 382 -0.24 5.19 25.40
N TRP C 383 -1.12 4.19 25.59
CA TRP C 383 -2.25 3.98 24.69
C TRP C 383 -3.17 5.19 24.66
N HIS C 384 -3.45 5.79 25.83
CA HIS C 384 -4.30 6.97 25.90
C HIS C 384 -3.81 8.08 24.98
N TYR C 385 -2.50 8.33 24.92
CA TYR C 385 -2.00 9.44 24.12
C TYR C 385 -1.69 8.97 22.72
N GLY C 386 -2.02 7.71 22.41
CA GLY C 386 -1.93 7.30 21.03
C GLY C 386 -0.61 6.64 20.62
N ILE C 387 0.25 6.22 21.58
CA ILE C 387 1.32 5.28 21.28
C ILE C 387 0.77 3.86 21.46
N ARG C 388 0.45 3.23 20.32
CA ARG C 388 -0.38 2.05 20.26
C ARG C 388 0.37 0.84 19.75
N GLU C 389 1.65 1.03 19.44
CA GLU C 389 2.46 0.00 18.82
C GLU C 389 3.08 -0.83 19.92
N TYR C 390 2.36 -1.85 20.37
CA TYR C 390 2.73 -2.69 21.51
C TYR C 390 4.22 -3.07 21.52
N ASP C 391 4.75 -3.57 20.40
CA ASP C 391 6.07 -4.18 20.41
C ASP C 391 7.10 -3.08 20.70
N PHE C 392 6.75 -1.86 20.33
CA PHE C 392 7.67 -0.75 20.45
C PHE C 392 7.81 -0.35 21.92
N TYR C 393 6.86 -0.73 22.77
CA TYR C 393 6.90 -0.34 24.17
C TYR C 393 8.23 -0.76 24.80
N THR C 394 8.75 -1.94 24.42
CA THR C 394 9.99 -2.41 24.98
C THR C 394 11.16 -1.50 24.57
N VAL C 395 11.04 -0.80 23.45
CA VAL C 395 12.09 0.11 23.01
C VAL C 395 12.09 1.36 23.89
N LEU C 396 10.89 1.82 24.27
CA LEU C 396 10.84 2.94 25.20
C LEU C 396 11.46 2.52 26.53
N PHE C 397 11.24 1.29 26.94
CA PHE C 397 11.85 0.83 28.19
C PHE C 397 13.38 0.86 28.05
N GLY C 398 13.88 0.39 26.90
CA GLY C 398 15.31 0.30 26.68
C GLY C 398 15.96 1.68 26.70
N VAL C 399 15.35 2.65 26.04
CA VAL C 399 15.85 3.99 26.02
C VAL C 399 16.04 4.48 27.45
N SER C 400 15.05 4.24 28.33
CA SER C 400 15.12 4.72 29.69
C SER C 400 16.26 4.01 30.46
N ARG C 401 16.30 2.69 30.29
CA ARG C 401 17.17 1.83 31.06
C ARG C 401 18.64 2.12 30.73
N ALA C 402 18.89 2.76 29.58
CA ALA C 402 20.24 3.18 29.26
C ALA C 402 20.78 4.18 30.29
N LEU C 403 19.89 4.94 30.94
CA LEU C 403 20.38 5.88 31.95
C LEU C 403 21.07 5.12 33.08
N GLY C 404 20.43 4.05 33.54
CA GLY C 404 21.01 3.25 34.61
C GLY C 404 22.23 2.48 34.15
N CYS C 405 22.10 1.77 33.02
CA CYS C 405 23.21 1.03 32.44
C CYS C 405 24.44 1.91 32.20
N THR C 406 24.29 3.10 31.65
CA THR C 406 25.48 3.90 31.40
C THR C 406 26.16 4.30 32.72
N ALA C 407 25.34 4.77 33.65
CA ALA C 407 25.83 5.21 34.93
C ALA C 407 26.59 4.08 35.63
N GLN C 408 25.98 2.89 35.69
CA GLN C 408 26.65 1.74 36.29
C GLN C 408 27.98 1.42 35.61
N ALA C 409 28.00 1.41 34.27
CA ALA C 409 29.17 0.92 33.56
C ALA C 409 30.36 1.87 33.77
N ILE C 410 30.09 3.19 33.80
CA ILE C 410 31.05 4.25 34.07
C ILE C 410 31.64 4.10 35.46
N LEU C 411 30.77 3.95 36.47
CA LEU C 411 31.17 3.82 37.86
C LEU C 411 32.03 2.59 38.03
N VAL C 412 31.56 1.46 37.51
CA VAL C 412 32.26 0.20 37.77
C VAL C 412 33.64 0.24 37.10
N ARG C 413 33.80 0.99 35.99
CA ARG C 413 35.12 1.14 35.39
C ARG C 413 35.95 2.18 36.17
N GLY C 414 35.27 3.11 36.85
CA GLY C 414 35.86 3.99 37.84
C GLY C 414 36.44 3.20 39.01
N TYR C 415 35.68 2.23 39.52
CA TYR C 415 36.07 1.42 40.66
C TYR C 415 37.12 0.39 40.29
N MET C 416 37.15 0.05 39.01
CA MET C 416 38.11 -0.95 38.46
C MET C 416 37.76 -2.36 38.93
N LEU C 417 36.49 -2.74 38.84
CA LEU C 417 36.16 -4.10 39.21
C LEU C 417 36.64 -5.04 38.12
N PRO C 418 36.94 -6.30 38.49
CA PRO C 418 37.41 -7.29 37.52
C PRO C 418 36.32 -7.96 36.68
N ILE C 419 36.76 -8.85 35.80
CA ILE C 419 35.93 -9.63 34.92
C ILE C 419 35.06 -10.55 35.72
N GLU C 420 33.83 -10.72 35.28
CA GLU C 420 32.89 -11.57 35.98
C GLU C 420 33.12 -12.99 35.50
N ARG C 421 33.43 -13.92 36.42
CA ARG C 421 33.76 -15.28 36.06
C ARG C 421 33.35 -16.23 37.20
N PRO C 422 32.03 -16.47 37.41
CA PRO C 422 31.56 -17.48 38.36
C PRO C 422 31.98 -18.88 37.93
N LYS C 423 31.80 -19.84 38.84
CA LYS C 423 32.08 -21.23 38.55
C LYS C 423 30.75 -21.89 38.27
N SER C 424 30.69 -22.71 37.22
CA SER C 424 29.53 -23.53 36.98
C SER C 424 29.75 -24.93 37.55
N ILE C 425 28.65 -25.60 37.91
CA ILE C 425 28.68 -26.96 38.43
C ILE C 425 27.92 -27.87 37.49
N THR C 426 28.26 -29.16 37.53
CA THR C 426 27.55 -30.14 36.76
C THR C 426 26.50 -30.85 37.62
N THR C 427 25.56 -31.49 36.93
CA THR C 427 24.53 -32.32 37.52
C THR C 427 25.16 -33.61 37.99
N ARG C 428 26.09 -34.17 37.21
CA ARG C 428 26.83 -35.34 37.65
C ARG C 428 27.34 -35.07 39.08
N TRP C 429 28.03 -33.93 39.25
CA TRP C 429 28.62 -33.57 40.52
C TRP C 429 27.55 -33.42 41.58
N VAL C 430 26.49 -32.68 41.26
CA VAL C 430 25.51 -32.38 42.28
C VAL C 430 24.97 -33.70 42.85
N LYS C 431 24.56 -34.63 41.96
CA LYS C 431 23.99 -35.91 42.33
C LYS C 431 24.87 -36.71 43.28
N GLU C 432 26.19 -36.58 43.10
CA GLU C 432 27.14 -37.42 43.79
C GLU C 432 27.33 -36.91 45.21
N VAL C 433 27.37 -35.60 45.41
CA VAL C 433 27.73 -35.04 46.69
C VAL C 433 26.49 -34.48 47.41
N ALA C 434 25.33 -34.49 46.75
CA ALA C 434 24.18 -33.74 47.24
C ALA C 434 23.76 -34.26 48.62
N GLU C 435 23.57 -35.58 48.72
CA GLU C 435 23.15 -36.22 49.97
C GLU C 435 24.03 -35.76 51.12
N SER C 436 25.36 -35.70 50.92
CA SER C 436 26.33 -35.46 51.99
C SER C 436 26.60 -33.99 52.29
N LEU C 437 25.83 -33.06 51.68
CA LEU C 437 26.06 -31.64 51.90
C LEU C 437 25.30 -31.14 53.13
N PRO C 438 25.86 -30.16 53.87
CA PRO C 438 25.14 -29.50 54.97
C PRO C 438 23.98 -28.62 54.50
N VAL C 439 22.99 -28.42 55.38
CA VAL C 439 21.79 -27.63 55.08
C VAL C 439 22.05 -26.18 55.45
N ALA C 440 21.57 -25.26 54.61
CA ALA C 440 21.91 -23.85 54.76
C ALA C 440 21.21 -23.29 56.00
N GLY C 441 21.94 -22.49 56.78
CA GLY C 441 21.38 -21.77 57.92
C GLY C 441 21.54 -22.53 59.25
N SER C 442 21.90 -23.81 59.19
CA SER C 442 21.84 -24.69 60.36
C SER C 442 22.92 -24.32 61.39
#